data_2QYG
#
_entry.id   2QYG
#
_cell.length_a   68.662
_cell.length_b   119.529
_cell.length_c   203.040
_cell.angle_alpha   90.00
_cell.angle_beta   90.00
_cell.angle_gamma   90.00
#
_symmetry.space_group_name_H-M   'P 21 21 21'
#
_entity_poly.entity_id   1
_entity_poly.type   'polypeptide(L)'
_entity_poly.pdbx_seq_one_letter_code
;MGSSHHHHHHSSGLVPRGSHMTPDDIAGFYAKRADLDLDNYIELDFDFECAGDPHEAAAHLCSEQSTAQWRRVGFDEDFR
PRFAAKVLELSAEPRPSGFSVPVECAARGPVHACRVTIAHPHGNFGAKIPNLLSAVCGEGVFFSPGIPLIRLQDIRFPEP
YLAAFDGPRFGIAGVRERLQAFDRPIFFGVIKPNIGLPPQPFAELGYQSWTGGLDIAKDDEMLADVDWCPLAERAALLGD
ACRRASAETGVPKIYLANITDEVDRLTELHDVAVANGAGALLINAMPVGLSAVRMLRKHATVPLIAHFPFIAAFSRLANY
GIHSRVMTRLQRLAGFDVVIMPGFGPRMMTPEHEVLDCIRACLEPMGPIKPCLPVPGGSDSAATLENVYRKVGSADFGFV
PGRGVFGHPMGPAAGATSIRQAWDAIAAGIPVPDHAASHPELAAALRAFGGR
;
_entity_poly.pdbx_strand_id   A,B,C,D
#
# COMPACT_ATOMS: atom_id res chain seq x y z
N MET A 21 28.09 -19.54 -4.97
CA MET A 21 26.62 -19.56 -4.66
C MET A 21 25.85 -20.62 -5.45
N THR A 22 26.48 -21.19 -6.47
CA THR A 22 25.86 -22.25 -7.26
C THR A 22 25.38 -23.46 -6.41
N PRO A 23 26.18 -23.96 -5.41
CA PRO A 23 25.76 -25.21 -4.70
C PRO A 23 24.69 -25.00 -3.62
N ASP A 24 24.86 -25.63 -2.46
CA ASP A 24 23.87 -25.47 -1.38
C ASP A 24 24.38 -24.63 -0.22
N ASP A 25 25.30 -23.76 -0.58
CA ASP A 25 25.55 -22.50 0.08
C ASP A 25 24.24 -21.72 0.24
N ILE A 26 23.31 -21.95 -0.69
CA ILE A 26 22.03 -21.23 -0.73
C ILE A 26 21.30 -21.37 0.60
N ALA A 27 21.33 -22.57 1.18
CA ALA A 27 20.66 -22.87 2.44
C ALA A 27 20.93 -21.86 3.57
N GLY A 28 22.20 -21.50 3.75
CA GLY A 28 22.62 -20.62 4.84
C GLY A 28 22.16 -19.17 4.74
N PHE A 29 21.48 -18.81 3.65
CA PHE A 29 21.01 -17.43 3.45
C PHE A 29 19.49 -17.31 3.57
N TYR A 30 18.85 -18.34 4.11
CA TYR A 30 17.42 -18.30 4.40
C TYR A 30 17.22 -18.61 5.87
N ALA A 31 16.15 -18.06 6.45
CA ALA A 31 15.84 -18.23 7.86
C ALA A 31 14.37 -18.01 8.11
N LYS A 32 13.83 -18.66 9.13
CA LYS A 32 12.46 -18.39 9.56
C LYS A 32 12.51 -17.28 10.59
N ARG A 33 11.53 -16.39 10.55
CA ARG A 33 11.34 -15.38 11.59
C ARG A 33 11.65 -15.96 12.97
N ALA A 34 10.94 -17.04 13.32
CA ALA A 34 11.05 -17.74 14.59
C ALA A 34 12.48 -17.98 15.05
N ASP A 35 13.40 -18.18 14.11
CA ASP A 35 14.76 -18.59 14.43
C ASP A 35 15.71 -17.46 14.78
N LEU A 36 15.33 -16.24 14.41
CA LEU A 36 16.24 -15.11 14.62
C LEU A 36 15.84 -14.24 15.80
N ASP A 37 16.84 -13.74 16.53
CA ASP A 37 16.60 -12.66 17.46
C ASP A 37 16.41 -11.45 16.57
N LEU A 38 15.16 -11.14 16.27
CA LEU A 38 14.85 -10.11 15.29
C LEU A 38 15.42 -8.74 15.65
N ASP A 39 15.89 -8.60 16.88
CA ASP A 39 16.44 -7.35 17.35
C ASP A 39 17.79 -6.99 16.74
N ASN A 40 18.43 -7.97 16.09
CA ASN A 40 19.76 -7.74 15.57
C ASN A 40 19.71 -7.45 14.09
N TYR A 41 18.48 -7.32 13.58
CA TYR A 41 18.26 -7.28 12.16
C TYR A 41 17.37 -6.12 11.76
N ILE A 42 17.67 -5.59 10.59
CA ILE A 42 16.86 -4.60 9.94
C ILE A 42 16.15 -5.34 8.84
N GLU A 43 14.85 -5.14 8.72
CA GLU A 43 14.10 -5.78 7.63
C GLU A 43 14.07 -4.90 6.38
N LEU A 44 14.15 -5.52 5.21
CA LEU A 44 14.16 -4.80 3.92
C LEU A 44 13.21 -5.46 2.92
N ASP A 45 12.46 -4.65 2.17
CA ASP A 45 11.60 -5.20 1.14
C ASP A 45 12.04 -4.81 -0.24
N PHE A 46 12.49 -5.80 -1.03
CA PHE A 46 12.90 -5.54 -2.38
C PHE A 46 11.92 -6.14 -3.36
N ASP A 47 11.63 -5.40 -4.44
CA ASP A 47 10.97 -5.94 -5.62
C ASP A 47 12.01 -5.97 -6.70
N PHE A 48 12.17 -7.11 -7.36
CA PHE A 48 13.16 -7.18 -8.42
C PHE A 48 12.77 -8.12 -9.53
N GLU A 49 13.55 -8.08 -10.62
CA GLU A 49 13.41 -9.01 -11.72
C GLU A 49 14.75 -9.71 -11.93
N CYS A 50 14.73 -11.02 -12.10
CA CYS A 50 15.96 -11.76 -12.28
C CYS A 50 15.80 -12.80 -13.39
N ALA A 51 16.94 -13.28 -13.89
CA ALA A 51 16.98 -14.37 -14.87
C ALA A 51 17.36 -15.70 -14.19
N GLY A 52 16.75 -16.81 -14.60
CA GLY A 52 17.03 -18.12 -14.00
C GLY A 52 16.44 -18.22 -12.60
N ASP A 53 16.91 -19.18 -11.81
CA ASP A 53 16.27 -19.47 -10.52
C ASP A 53 16.12 -18.21 -9.66
N PRO A 54 14.88 -17.88 -9.24
CA PRO A 54 14.64 -16.84 -8.24
C PRO A 54 15.13 -17.20 -6.86
N HIS A 55 15.33 -18.48 -6.57
CA HIS A 55 15.85 -18.86 -5.26
C HIS A 55 17.34 -18.63 -5.12
N GLU A 56 18.10 -19.05 -6.12
CA GLU A 56 19.54 -18.67 -6.21
C GLU A 56 19.73 -17.16 -6.15
N ALA A 57 18.88 -16.44 -6.89
CA ALA A 57 18.98 -14.99 -7.10
C ALA A 57 18.92 -14.24 -5.77
N ALA A 58 17.95 -14.62 -4.94
CA ALA A 58 17.73 -14.00 -3.66
C ALA A 58 18.90 -14.28 -2.76
N ALA A 59 19.42 -15.50 -2.79
CA ALA A 59 20.59 -15.88 -1.98
C ALA A 59 21.78 -15.01 -2.38
N HIS A 60 22.02 -14.91 -3.67
CA HIS A 60 23.10 -14.08 -4.22
C HIS A 60 23.00 -12.66 -3.72
N LEU A 61 21.77 -12.22 -3.54
CA LEU A 61 21.51 -10.84 -3.26
C LEU A 61 21.82 -10.55 -1.81
N CYS A 62 21.62 -11.54 -0.95
CA CYS A 62 21.96 -11.46 0.46
C CYS A 62 23.46 -11.55 0.58
N SER A 63 24.04 -12.48 -0.18
CA SER A 63 25.48 -12.71 -0.22
C SER A 63 26.20 -11.39 -0.51
N GLU A 64 25.96 -10.84 -1.70
CA GLU A 64 26.63 -9.62 -2.20
C GLU A 64 26.48 -8.45 -1.23
N GLN A 65 25.34 -8.38 -0.61
CA GLN A 65 25.00 -7.33 0.32
C GLN A 65 25.73 -7.43 1.66
N SER A 66 26.29 -8.61 1.95
CA SER A 66 26.90 -8.86 3.24
C SER A 66 28.14 -9.71 3.10
N THR A 67 28.04 -11.00 3.43
CA THR A 67 29.21 -11.88 3.44
C THR A 67 29.81 -12.07 2.04
N ALA A 68 29.17 -12.83 1.16
CA ALA A 68 29.75 -13.07 -0.17
C ALA A 68 30.86 -14.09 -0.10
N GLN A 69 31.47 -14.22 1.09
CA GLN A 69 32.55 -15.15 1.31
C GLN A 69 32.59 -15.47 2.79
N TRP A 70 32.27 -16.70 3.14
CA TRP A 70 32.05 -17.00 4.53
C TRP A 70 33.11 -17.93 5.14
N ARG A 71 33.90 -18.60 4.31
CA ARG A 71 35.05 -19.36 4.84
C ARG A 71 36.31 -18.57 4.58
N ARG A 72 37.42 -19.10 5.07
CA ARG A 72 38.72 -18.79 4.49
C ARG A 72 39.10 -20.02 3.65
N VAL A 73 40.17 -19.88 2.86
CA VAL A 73 40.75 -21.00 2.06
C VAL A 73 40.16 -22.38 2.41
N GLY A 74 40.66 -23.02 3.47
CA GLY A 74 40.22 -24.37 3.84
C GLY A 74 39.89 -24.51 5.31
N PHE A 75 38.98 -23.66 5.78
CA PHE A 75 38.51 -23.72 7.15
C PHE A 75 37.03 -24.01 7.07
N ASP A 76 36.54 -24.87 7.96
CA ASP A 76 35.09 -24.93 8.18
C ASP A 76 34.81 -23.84 9.19
N GLU A 77 34.22 -22.76 8.69
CA GLU A 77 34.14 -21.54 9.45
C GLU A 77 32.71 -21.11 9.45
N ASP A 78 32.21 -20.84 8.24
CA ASP A 78 30.89 -20.26 8.04
C ASP A 78 30.53 -19.17 9.06
N PHE A 79 30.85 -17.90 8.77
CA PHE A 79 30.33 -16.82 9.62
C PHE A 79 29.11 -16.13 9.01
N ARG A 80 28.28 -16.95 8.40
CA ARG A 80 27.00 -16.58 7.82
C ARG A 80 25.95 -16.35 8.93
N PRO A 81 25.89 -17.23 9.98
CA PRO A 81 24.83 -17.07 10.98
C PRO A 81 24.94 -15.75 11.74
N ARG A 82 26.14 -15.22 11.87
CA ARG A 82 26.32 -13.96 12.60
C ARG A 82 26.37 -12.71 11.72
N PHE A 83 26.78 -12.87 10.46
CA PHE A 83 27.09 -11.73 9.61
C PHE A 83 26.34 -11.63 8.29
N ALA A 84 25.58 -12.66 7.91
CA ALA A 84 24.96 -12.65 6.62
C ALA A 84 23.51 -12.23 6.68
N ALA A 85 23.12 -11.33 5.77
CA ALA A 85 21.72 -11.00 5.52
C ALA A 85 21.03 -12.26 5.01
N LYS A 86 19.77 -12.44 5.43
CA LYS A 86 19.06 -13.70 5.28
C LYS A 86 17.64 -13.49 4.78
N VAL A 87 17.24 -14.34 3.84
CA VAL A 87 15.89 -14.27 3.26
C VAL A 87 14.85 -14.77 4.26
N LEU A 88 13.97 -13.88 4.68
CA LEU A 88 12.88 -14.27 5.54
C LEU A 88 11.73 -14.82 4.72
N GLU A 89 11.47 -14.22 3.57
CA GLU A 89 10.25 -14.49 2.84
C GLU A 89 10.42 -14.13 1.36
N LEU A 90 10.01 -15.03 0.46
CA LEU A 90 10.19 -14.81 -0.98
C LEU A 90 9.00 -15.26 -1.81
N SER A 91 8.76 -14.53 -2.89
CA SER A 91 7.57 -14.65 -3.71
C SER A 91 7.97 -14.31 -5.14
N ALA A 92 7.66 -15.18 -6.10
CA ALA A 92 8.15 -15.02 -7.49
C ALA A 92 7.23 -15.64 -8.52
N GLU A 93 6.81 -14.84 -9.47
CA GLU A 93 5.89 -15.27 -10.52
C GLU A 93 6.55 -15.05 -11.89
N PRO A 94 6.33 -15.97 -12.86
CA PRO A 94 7.03 -15.85 -14.13
C PRO A 94 6.56 -14.67 -14.95
N ARG A 95 7.43 -14.14 -15.80
CA ARG A 95 7.05 -13.18 -16.84
C ARG A 95 7.73 -13.42 -18.18
N PRO A 96 7.01 -14.05 -19.11
CA PRO A 96 7.56 -14.53 -20.37
C PRO A 96 8.01 -13.40 -21.26
N SER A 97 7.47 -12.22 -21.02
CA SER A 97 7.83 -11.05 -21.80
C SER A 97 9.30 -10.65 -21.67
N GLY A 98 9.97 -11.06 -20.60
CA GLY A 98 11.32 -10.56 -20.30
C GLY A 98 11.26 -9.44 -19.28
N PHE A 99 12.28 -8.60 -19.23
CA PHE A 99 12.32 -7.48 -18.26
C PHE A 99 11.39 -6.34 -18.65
N SER A 100 10.95 -5.55 -17.66
CA SER A 100 10.01 -4.43 -17.88
C SER A 100 10.51 -3.43 -18.90
N VAL A 101 11.63 -2.80 -18.59
CA VAL A 101 12.32 -1.89 -19.51
C VAL A 101 13.40 -2.70 -20.21
N PRO A 102 13.76 -2.32 -21.46
CA PRO A 102 14.95 -3.00 -22.01
C PRO A 102 16.20 -2.65 -21.22
N VAL A 103 16.99 -3.67 -20.89
CA VAL A 103 18.31 -3.49 -20.26
C VAL A 103 19.31 -4.41 -20.98
N GLU A 104 20.24 -5.00 -20.22
CA GLU A 104 21.22 -5.96 -20.77
C GLU A 104 21.72 -6.83 -19.63
N CYS A 105 21.81 -8.15 -19.87
CA CYS A 105 22.05 -9.05 -18.74
C CYS A 105 23.08 -10.18 -18.88
N ALA A 106 23.65 -10.51 -17.71
CA ALA A 106 24.57 -11.63 -17.48
C ALA A 106 23.90 -13.02 -17.42
N ALA A 107 22.62 -13.13 -17.84
CA ALA A 107 21.92 -14.43 -17.83
C ALA A 107 20.86 -14.62 -18.93
N ARG A 108 20.45 -15.88 -19.13
CA ARG A 108 19.37 -16.24 -20.06
C ARG A 108 18.22 -17.00 -19.37
N GLY A 109 17.43 -17.72 -20.16
CA GLY A 109 16.33 -18.54 -19.65
C GLY A 109 15.16 -17.69 -19.22
N PRO A 110 14.33 -18.21 -18.30
CA PRO A 110 13.15 -17.50 -17.87
C PRO A 110 13.50 -16.21 -17.08
N VAL A 111 12.56 -15.24 -17.06
CA VAL A 111 12.64 -14.04 -16.20
C VAL A 111 11.47 -14.06 -15.22
N HIS A 112 11.77 -13.85 -13.94
CA HIS A 112 10.76 -13.86 -12.88
C HIS A 112 10.64 -12.49 -12.25
N ALA A 113 9.46 -12.16 -11.74
CA ALA A 113 9.25 -10.93 -10.97
C ALA A 113 9.10 -11.29 -9.48
N CYS A 114 9.89 -10.67 -8.62
CA CYS A 114 10.00 -11.13 -7.25
C CYS A 114 9.75 -10.10 -6.17
N ARG A 115 9.40 -10.59 -4.98
CA ARG A 115 9.27 -9.78 -3.78
C ARG A 115 9.98 -10.50 -2.64
N VAL A 116 10.90 -9.83 -1.98
CA VAL A 116 11.63 -10.47 -0.92
C VAL A 116 11.67 -9.59 0.29
N THR A 117 11.63 -10.22 1.46
CA THR A 117 11.97 -9.57 2.72
C THR A 117 13.29 -10.15 3.22
N ILE A 118 14.30 -9.28 3.36
CA ILE A 118 15.61 -9.71 3.82
C ILE A 118 15.89 -9.10 5.18
N ALA A 119 16.40 -9.93 6.09
CA ALA A 119 16.81 -9.47 7.40
C ALA A 119 18.31 -9.24 7.39
N HIS A 120 18.75 -8.00 7.55
CA HIS A 120 20.18 -7.69 7.48
C HIS A 120 20.72 -7.40 8.87
N PRO A 121 21.77 -8.14 9.33
CA PRO A 121 22.31 -7.93 10.68
C PRO A 121 23.01 -6.59 10.82
N HIS A 122 22.46 -5.69 11.65
CA HIS A 122 22.92 -4.30 11.69
C HIS A 122 24.24 -4.13 12.44
N GLY A 123 24.61 -5.16 13.19
CA GLY A 123 25.93 -5.24 13.83
C GLY A 123 27.05 -5.12 12.81
N ASN A 124 26.69 -5.28 11.53
CA ASN A 124 27.59 -5.12 10.38
C ASN A 124 28.08 -3.69 10.15
N PHE A 125 27.23 -2.71 10.45
CA PHE A 125 27.63 -1.34 10.22
C PHE A 125 27.52 -0.44 11.45
N GLY A 126 26.72 -0.86 12.44
CA GLY A 126 26.41 -0.03 13.60
C GLY A 126 25.47 1.11 13.23
N ALA A 127 25.29 2.07 14.14
CA ALA A 127 24.26 3.12 13.94
C ALA A 127 24.73 4.41 13.21
N LYS A 128 25.19 4.26 11.97
CA LYS A 128 25.70 5.39 11.22
C LYS A 128 25.01 5.41 9.86
N ILE A 129 24.48 6.57 9.47
CA ILE A 129 23.76 6.68 8.19
C ILE A 129 24.57 6.28 6.92
N PRO A 130 25.79 6.87 6.71
CA PRO A 130 26.55 6.48 5.52
C PRO A 130 26.79 4.97 5.38
N ASN A 131 27.17 4.29 6.47
CA ASN A 131 27.38 2.84 6.44
C ASN A 131 26.11 2.03 6.20
N LEU A 132 25.00 2.50 6.73
CA LEU A 132 23.73 1.88 6.50
C LEU A 132 23.44 1.85 5.00
N LEU A 133 23.37 3.03 4.37
CA LEU A 133 23.14 3.13 2.93
C LEU A 133 24.06 2.24 2.11
N SER A 134 25.36 2.37 2.34
CA SER A 134 26.31 1.63 1.52
C SER A 134 26.28 0.11 1.71
N ALA A 135 25.34 -0.37 2.52
CA ALA A 135 25.12 -1.81 2.67
C ALA A 135 23.79 -2.16 2.01
N VAL A 136 22.74 -1.49 2.49
CA VAL A 136 21.39 -1.74 2.02
C VAL A 136 21.13 -1.17 0.63
N CYS A 137 22.09 -0.47 0.05
CA CYS A 137 22.03 -0.16 -1.39
C CYS A 137 23.36 0.32 -2.01
N GLY A 138 24.38 -0.50 -1.78
CA GLY A 138 25.66 -0.35 -2.47
C GLY A 138 25.76 -1.45 -3.51
N GLU A 139 27.00 -1.86 -3.81
CA GLU A 139 27.29 -2.92 -4.80
C GLU A 139 26.32 -4.08 -4.67
N GLY A 140 26.21 -4.57 -3.45
CA GLY A 140 25.41 -5.76 -3.16
C GLY A 140 24.08 -5.80 -3.90
N VAL A 141 23.32 -4.73 -3.73
CA VAL A 141 21.97 -4.64 -4.25
C VAL A 141 21.87 -4.47 -5.80
N PHE A 142 22.64 -3.52 -6.34
CA PHE A 142 22.50 -3.12 -7.74
C PHE A 142 23.32 -3.91 -8.75
N PHE A 143 24.36 -4.61 -8.28
CA PHE A 143 25.22 -5.36 -9.20
C PHE A 143 25.24 -6.80 -8.80
N SER A 144 24.16 -7.22 -8.16
CA SER A 144 23.93 -8.61 -7.84
C SER A 144 23.80 -9.37 -9.16
N PRO A 145 24.33 -10.60 -9.22
CA PRO A 145 24.43 -11.22 -10.55
C PRO A 145 23.07 -11.65 -11.06
N GLY A 146 22.76 -11.27 -12.31
CA GLY A 146 21.50 -11.63 -12.96
C GLY A 146 20.23 -10.91 -12.45
N ILE A 147 20.40 -9.84 -11.65
CA ILE A 147 19.28 -9.04 -11.16
C ILE A 147 19.45 -7.57 -11.57
N PRO A 148 19.07 -7.23 -12.82
CA PRO A 148 19.21 -5.92 -13.44
C PRO A 148 18.34 -4.84 -12.84
N LEU A 149 17.08 -5.17 -12.57
CA LEU A 149 16.12 -4.20 -12.06
C LEU A 149 15.76 -4.56 -10.63
N ILE A 150 15.87 -3.60 -9.72
CA ILE A 150 15.58 -3.86 -8.31
C ILE A 150 15.16 -2.60 -7.60
N ARG A 151 14.20 -2.70 -6.68
CA ARG A 151 13.72 -1.53 -5.93
C ARG A 151 13.54 -1.80 -4.44
N LEU A 152 14.18 -0.98 -3.61
CA LEU A 152 14.02 -1.07 -2.18
C LEU A 152 12.73 -0.36 -1.81
N GLN A 153 11.79 -1.12 -1.24
CA GLN A 153 10.44 -0.64 -0.99
C GLN A 153 10.24 -0.13 0.43
N ASP A 154 10.92 -0.75 1.41
CA ASP A 154 10.79 -0.32 2.81
C ASP A 154 11.90 -0.85 3.71
N ILE A 155 12.25 -0.07 4.75
CA ILE A 155 13.13 -0.53 5.85
C ILE A 155 12.30 -0.56 7.12
N ARG A 156 12.62 -1.46 8.03
CA ARG A 156 12.05 -1.48 9.38
C ARG A 156 13.19 -1.66 10.34
N PHE A 157 13.21 -0.84 11.38
CA PHE A 157 14.28 -0.91 12.37
C PHE A 157 13.79 -1.46 13.72
N PRO A 158 14.61 -2.25 14.43
CA PRO A 158 14.22 -2.61 15.81
C PRO A 158 14.48 -1.48 16.83
N GLU A 159 13.74 -1.46 17.96
CA GLU A 159 13.95 -0.46 19.04
C GLU A 159 15.43 -0.27 19.39
N PRO A 160 16.11 -1.36 19.83
CA PRO A 160 17.55 -1.24 20.14
C PRO A 160 18.29 -0.35 19.15
N TYR A 161 18.14 -0.63 17.86
CA TYR A 161 18.79 0.15 16.81
C TYR A 161 18.30 1.58 16.77
N LEU A 162 16.97 1.76 16.78
CA LEU A 162 16.35 3.10 16.70
C LEU A 162 16.81 4.01 17.84
N ALA A 163 16.95 3.39 19.01
CA ALA A 163 17.33 4.05 20.24
C ALA A 163 18.68 4.76 20.12
N ALA A 164 19.46 4.45 19.09
CA ALA A 164 20.77 5.03 18.93
C ALA A 164 20.72 6.41 18.26
N PHE A 165 19.68 6.67 17.48
CA PHE A 165 19.48 7.99 16.86
C PHE A 165 18.60 8.83 17.74
N ASP A 166 18.50 10.13 17.45
CA ASP A 166 17.64 11.02 18.24
C ASP A 166 16.39 11.39 17.48
N GLY A 167 16.46 11.31 16.17
CA GLY A 167 15.33 11.68 15.34
C GLY A 167 15.04 13.14 15.57
N PRO A 168 13.80 13.58 15.34
CA PRO A 168 13.54 15.00 15.39
C PRO A 168 13.61 15.48 16.82
N ARG A 169 14.10 16.71 17.01
CA ARG A 169 14.14 17.33 18.33
C ARG A 169 12.74 17.77 18.75
N PHE A 170 12.02 18.36 17.80
CA PHE A 170 10.71 18.97 18.06
C PHE A 170 9.54 18.10 17.59
N GLY A 171 9.52 17.77 16.31
CA GLY A 171 8.41 16.97 15.76
C GLY A 171 7.22 17.86 15.55
N ILE A 172 6.08 17.25 15.18
CA ILE A 172 4.85 18.02 14.96
C ILE A 172 4.51 18.68 16.27
N ALA A 173 4.49 17.86 17.32
CA ALA A 173 4.37 18.28 18.70
C ALA A 173 5.02 19.65 18.97
N GLY A 174 6.33 19.72 18.75
CA GLY A 174 7.15 20.90 19.03
C GLY A 174 6.80 22.07 18.15
N VAL A 175 6.74 21.79 16.84
CA VAL A 175 6.39 22.80 15.84
C VAL A 175 5.03 23.43 16.16
N ARG A 176 4.04 22.60 16.46
CA ARG A 176 2.72 23.10 16.87
C ARG A 176 2.80 24.06 18.05
N GLU A 177 3.65 23.76 19.02
CA GLU A 177 3.74 24.59 20.19
C GLU A 177 4.45 25.93 19.92
N ARG A 178 5.45 25.92 19.05
CA ARG A 178 6.09 27.15 18.61
C ARG A 178 5.13 28.12 17.91
N LEU A 179 4.16 27.59 17.20
CA LEU A 179 3.31 28.47 16.43
C LEU A 179 1.99 28.73 17.13
N GLN A 180 1.77 28.05 18.25
CA GLN A 180 0.46 28.06 18.89
C GLN A 180 -0.59 27.54 17.93
N ALA A 181 -0.15 26.72 16.97
CA ALA A 181 -1.02 26.22 15.91
C ALA A 181 -1.54 24.86 16.28
N PHE A 182 -2.81 24.80 16.69
CA PHE A 182 -3.42 23.53 17.10
C PHE A 182 -4.66 23.18 16.31
N ASP A 183 -4.87 21.90 16.05
CA ASP A 183 -6.07 21.45 15.37
C ASP A 183 -6.30 22.12 14.01
N ARG A 184 -5.20 22.43 13.32
CA ARG A 184 -5.26 22.95 11.95
C ARG A 184 -3.90 22.68 11.32
N PRO A 185 -3.85 22.57 9.98
CA PRO A 185 -2.58 22.37 9.32
C PRO A 185 -1.69 23.61 9.46
N ILE A 186 -0.40 23.43 9.31
CA ILE A 186 0.57 24.52 9.37
C ILE A 186 0.69 25.16 8.00
N PHE A 187 0.47 26.47 7.93
CA PHE A 187 0.48 27.16 6.64
C PHE A 187 1.82 27.79 6.30
N PHE A 188 2.50 27.18 5.31
CA PHE A 188 3.80 27.65 4.77
C PHE A 188 3.55 28.50 3.53
N GLY A 189 4.53 29.32 3.16
CA GLY A 189 4.44 30.05 1.88
C GLY A 189 5.82 30.32 1.32
N VAL A 190 6.04 30.04 0.03
CA VAL A 190 7.37 30.24 -0.55
C VAL A 190 7.38 31.59 -1.22
N ILE A 191 8.17 32.53 -0.70
CA ILE A 191 8.17 33.89 -1.22
C ILE A 191 8.51 33.91 -2.71
N LYS A 192 7.71 34.61 -3.49
CA LYS A 192 7.89 34.71 -4.93
C LYS A 192 7.62 36.13 -5.44
N PRO A 193 8.46 36.61 -6.38
CA PRO A 193 9.68 35.95 -6.87
C PRO A 193 10.80 35.85 -5.82
N ASN A 194 11.79 35.01 -6.07
CA ASN A 194 12.93 34.87 -5.18
C ASN A 194 14.25 35.19 -5.88
N ILE A 195 14.68 34.25 -6.73
CA ILE A 195 15.86 34.39 -7.54
C ILE A 195 15.72 35.69 -8.32
N GLY A 196 16.61 36.62 -8.07
CA GLY A 196 16.65 37.88 -8.80
C GLY A 196 16.38 39.09 -7.95
N LEU A 197 15.66 38.89 -6.85
CA LEU A 197 15.34 39.99 -5.93
C LEU A 197 16.48 40.31 -4.95
N PRO A 198 16.84 41.60 -4.85
CA PRO A 198 17.73 42.07 -3.77
C PRO A 198 17.05 41.87 -2.40
N PRO A 199 17.77 42.06 -1.29
CA PRO A 199 17.14 41.59 -0.04
C PRO A 199 15.95 42.44 0.47
N GLN A 200 15.85 43.69 0.05
CA GLN A 200 14.84 44.59 0.64
C GLN A 200 13.37 44.27 0.27
N PRO A 201 12.97 44.29 -1.04
CA PRO A 201 11.56 44.07 -1.38
C PRO A 201 11.13 42.66 -1.04
N PHE A 202 12.08 41.87 -0.58
CA PHE A 202 11.86 40.51 -0.10
C PHE A 202 11.08 40.52 1.21
N ALA A 203 11.60 41.24 2.20
CA ALA A 203 10.98 41.36 3.52
C ALA A 203 9.54 41.82 3.41
N GLU A 204 9.30 42.71 2.44
CA GLU A 204 8.00 43.29 2.16
C GLU A 204 6.95 42.23 1.94
N LEU A 205 7.23 41.34 0.99
CA LEU A 205 6.32 40.25 0.62
C LEU A 205 6.10 39.28 1.79
N GLY A 206 7.19 38.95 2.49
CA GLY A 206 7.12 38.09 3.69
C GLY A 206 6.22 38.69 4.75
N TYR A 207 6.51 39.94 5.09
CA TYR A 207 5.73 40.69 6.08
C TYR A 207 4.22 40.54 5.82
N GLN A 208 3.82 40.74 4.58
CA GLN A 208 2.43 40.83 4.22
C GLN A 208 1.74 39.52 4.39
N SER A 209 2.38 38.48 3.86
CA SER A 209 1.84 37.12 3.87
C SER A 209 1.63 36.61 5.29
N TRP A 210 2.53 36.98 6.20
CA TRP A 210 2.35 36.70 7.61
C TRP A 210 1.10 37.37 8.17
N THR A 211 0.92 38.65 7.83
CA THR A 211 -0.24 39.46 8.25
C THR A 211 -1.52 38.86 7.71
N GLY A 212 -1.48 38.38 6.47
CA GLY A 212 -2.64 37.72 5.87
C GLY A 212 -3.07 36.46 6.61
N GLY A 213 -2.12 35.80 7.27
CA GLY A 213 -2.43 34.63 8.10
C GLY A 213 -1.48 33.44 7.92
N LEU A 214 -0.39 33.63 7.19
CA LEU A 214 0.64 32.59 7.09
C LEU A 214 1.35 32.41 8.40
N ASP A 215 1.72 31.17 8.68
CA ASP A 215 2.49 30.79 9.86
C ASP A 215 3.97 30.96 9.53
N ILE A 216 4.39 30.39 8.40
CA ILE A 216 5.77 30.35 8.00
C ILE A 216 6.00 30.84 6.57
N ALA A 217 6.86 31.84 6.45
CA ALA A 217 7.31 32.28 5.16
C ALA A 217 8.70 31.71 4.95
N LYS A 218 8.87 31.00 3.84
CA LYS A 218 10.14 30.32 3.51
C LYS A 218 10.87 30.83 2.27
N ASP A 219 12.19 30.62 2.29
CA ASP A 219 13.07 30.83 1.15
C ASP A 219 12.87 29.70 0.18
N ASP A 220 13.03 29.99 -1.11
CA ASP A 220 13.02 28.93 -2.12
C ASP A 220 14.20 27.95 -1.90
N GLU A 221 14.05 26.71 -2.36
CA GLU A 221 15.12 25.68 -2.25
C GLU A 221 16.45 26.20 -2.79
N MET A 222 16.36 26.97 -3.89
CA MET A 222 17.52 27.45 -4.64
C MET A 222 18.06 28.82 -4.23
N LEU A 223 17.72 29.27 -3.02
CA LEU A 223 18.14 30.57 -2.58
C LEU A 223 18.90 30.46 -1.25
N ALA A 224 20.24 30.50 -1.32
CA ALA A 224 21.06 30.48 -0.09
C ALA A 224 21.93 31.74 0.00
N ASP A 225 23.19 31.57 0.38
CA ASP A 225 24.09 32.69 0.62
C ASP A 225 24.81 33.07 -0.67
N VAL A 226 24.36 34.13 -1.32
CA VAL A 226 24.92 34.57 -2.61
C VAL A 226 25.21 36.07 -2.69
N ASP A 227 26.11 36.46 -3.59
CA ASP A 227 26.47 37.88 -3.77
C ASP A 227 25.32 38.86 -3.76
N TRP A 228 24.34 38.61 -4.62
CA TRP A 228 23.19 39.49 -4.88
C TRP A 228 22.10 39.48 -3.77
N CYS A 229 22.05 38.43 -2.93
CA CYS A 229 21.10 38.38 -1.82
C CYS A 229 21.66 37.59 -0.64
N PRO A 230 22.71 38.12 0.02
CA PRO A 230 23.39 37.36 1.08
C PRO A 230 22.43 37.00 2.20
N LEU A 231 22.68 35.87 2.85
CA LEU A 231 21.83 35.38 3.92
C LEU A 231 21.93 36.30 5.12
N ALA A 232 23.12 36.83 5.38
CA ALA A 232 23.33 37.80 6.46
C ALA A 232 22.21 38.85 6.48
N GLU A 233 21.89 39.39 5.30
CA GLU A 233 20.99 40.52 5.12
C GLU A 233 19.54 40.18 4.92
N ARG A 234 19.26 39.15 4.12
CA ARG A 234 17.91 38.60 4.02
C ARG A 234 17.29 38.35 5.37
N ALA A 235 17.99 37.56 6.17
CA ALA A 235 17.53 37.13 7.47
C ALA A 235 17.36 38.30 8.44
N ALA A 236 18.26 39.27 8.36
CA ALA A 236 18.13 40.47 9.15
C ALA A 236 16.79 41.12 8.87
N LEU A 237 16.48 41.35 7.60
CA LEU A 237 15.28 42.10 7.22
C LEU A 237 14.04 41.30 7.48
N LEU A 238 14.10 40.02 7.14
CA LEU A 238 12.98 39.10 7.33
C LEU A 238 12.75 38.73 8.79
N GLY A 239 13.82 38.68 9.58
CA GLY A 239 13.69 38.54 11.02
C GLY A 239 12.90 39.69 11.62
N ASP A 240 13.21 40.91 11.18
CA ASP A 240 12.46 42.11 11.58
C ASP A 240 11.01 42.02 11.22
N ALA A 241 10.77 41.87 9.93
CA ALA A 241 9.43 41.76 9.38
C ALA A 241 8.64 40.70 10.13
N CYS A 242 9.34 39.69 10.63
CA CYS A 242 8.71 38.60 11.35
C CYS A 242 8.29 38.99 12.75
N ARG A 243 9.24 39.55 13.51
CA ARG A 243 8.94 40.10 14.84
C ARG A 243 7.85 41.16 14.76
N ARG A 244 7.89 41.97 13.70
CA ARG A 244 6.92 43.03 13.51
C ARG A 244 5.54 42.46 13.33
N ALA A 245 5.38 41.50 12.41
CA ALA A 245 4.08 40.92 12.11
C ALA A 245 3.53 40.10 13.28
N SER A 246 4.44 39.43 13.98
CA SER A 246 4.12 38.59 15.12
C SER A 246 3.52 39.41 16.27
N ALA A 247 4.08 40.59 16.51
CA ALA A 247 3.57 41.52 17.51
C ALA A 247 2.24 42.07 17.05
N GLU A 248 2.15 42.43 15.76
CA GLU A 248 0.96 43.10 15.22
C GLU A 248 -0.26 42.21 15.14
N THR A 249 -0.05 40.90 14.99
CA THR A 249 -1.15 39.95 14.93
C THR A 249 -1.33 39.23 16.27
N GLY A 250 -0.31 39.32 17.14
CA GLY A 250 -0.36 38.73 18.48
C GLY A 250 -0.19 37.23 18.48
N VAL A 251 0.04 36.64 17.31
CA VAL A 251 0.27 35.20 17.14
C VAL A 251 1.71 35.03 16.69
N PRO A 252 2.43 34.00 17.22
CA PRO A 252 3.81 33.74 16.75
C PRO A 252 3.92 33.43 15.25
N LYS A 253 4.81 34.14 14.56
CA LYS A 253 5.11 33.88 13.14
C LYS A 253 6.55 33.39 13.02
N ILE A 254 6.89 32.76 11.90
CA ILE A 254 8.23 32.18 11.73
C ILE A 254 8.84 32.40 10.36
N TYR A 255 10.12 32.72 10.34
CA TYR A 255 10.86 32.87 9.11
C TYR A 255 11.75 31.67 8.91
N LEU A 256 11.54 30.98 7.80
CA LEU A 256 12.25 29.74 7.48
C LEU A 256 13.35 29.98 6.49
N ALA A 257 14.57 30.09 7.01
CA ALA A 257 15.75 30.44 6.22
C ALA A 257 16.49 29.22 5.65
N ASN A 258 16.75 29.26 4.34
CA ASN A 258 17.51 28.21 3.66
C ASN A 258 19.04 28.38 3.87
N ILE A 259 19.67 27.37 4.49
CA ILE A 259 21.09 27.44 4.81
C ILE A 259 21.87 26.34 4.11
N THR A 260 21.37 25.92 2.98
CA THR A 260 22.06 24.95 2.15
C THR A 260 23.42 25.49 1.67
N ASP A 261 24.49 24.78 2.01
CA ASP A 261 25.87 25.21 1.67
C ASP A 261 26.86 24.08 1.93
N GLU A 262 28.15 24.33 1.66
CA GLU A 262 29.18 23.34 1.98
C GLU A 262 29.12 22.96 3.48
N VAL A 263 29.23 21.66 3.74
CA VAL A 263 29.09 21.05 5.06
C VAL A 263 29.76 21.82 6.19
N ASP A 264 31.01 22.21 6.00
CA ASP A 264 31.73 22.94 7.05
C ASP A 264 31.08 24.29 7.40
N ARG A 265 30.50 24.96 6.40
CA ARG A 265 29.85 26.25 6.63
C ARG A 265 28.43 26.15 7.23
N LEU A 266 27.89 24.95 7.35
CA LEU A 266 26.55 24.77 7.90
C LEU A 266 26.36 25.32 9.31
N THR A 267 27.31 25.02 10.21
CA THR A 267 27.25 25.49 11.58
C THR A 267 27.30 27.04 11.64
N GLU A 268 28.20 27.62 10.84
CA GLU A 268 28.30 29.06 10.71
C GLU A 268 26.98 29.71 10.30
N LEU A 269 26.30 29.14 9.30
CA LEU A 269 25.02 29.67 8.80
C LEU A 269 23.83 29.47 9.74
N HIS A 270 23.83 28.40 10.51
CA HIS A 270 22.84 28.22 11.57
C HIS A 270 22.83 29.43 12.47
N ASP A 271 24.04 29.79 12.92
CA ASP A 271 24.23 30.85 13.87
C ASP A 271 23.83 32.20 13.27
N VAL A 272 24.32 32.50 12.06
CA VAL A 272 23.96 33.75 11.37
C VAL A 272 22.46 33.92 11.22
N ALA A 273 21.77 32.90 10.75
CA ALA A 273 20.34 32.95 10.57
C ALA A 273 19.58 33.05 11.92
N VAL A 274 19.93 32.20 12.89
CA VAL A 274 19.27 32.23 14.19
C VAL A 274 19.48 33.57 14.89
N ALA A 275 20.73 34.03 14.94
CA ALA A 275 21.04 35.33 15.49
C ALA A 275 20.17 36.45 14.88
N ASN A 276 19.74 36.26 13.63
CA ASN A 276 19.01 37.30 12.88
C ASN A 276 17.49 37.19 12.93
N GLY A 277 17.00 36.17 13.63
CA GLY A 277 15.58 36.02 13.87
C GLY A 277 14.97 34.89 13.06
N ALA A 278 15.81 34.04 12.48
CA ALA A 278 15.30 32.88 11.75
C ALA A 278 14.66 31.91 12.73
N GLY A 279 13.39 31.58 12.50
CA GLY A 279 12.61 30.73 13.42
C GLY A 279 12.85 29.25 13.24
N ALA A 280 13.25 28.89 12.01
CA ALA A 280 13.51 27.51 11.62
C ALA A 280 14.45 27.50 10.44
N LEU A 281 15.13 26.38 10.24
CA LEU A 281 16.09 26.25 9.16
C LEU A 281 15.68 25.21 8.13
N LEU A 282 15.94 25.51 6.86
CA LEU A 282 15.67 24.61 5.74
C LEU A 282 16.96 24.16 5.10
N ILE A 283 17.07 22.84 4.95
CA ILE A 283 18.20 22.24 4.31
C ILE A 283 17.73 21.33 3.17
N ASN A 284 18.42 21.38 2.04
CA ASN A 284 18.22 20.39 1.00
C ASN A 284 18.88 19.04 1.33
N ALA A 285 18.04 18.11 1.81
CA ALA A 285 18.48 16.85 2.46
C ALA A 285 19.53 16.03 1.69
N MET A 286 19.23 15.75 0.42
CA MET A 286 20.11 14.92 -0.42
C MET A 286 21.45 15.56 -0.82
N PRO A 287 21.41 16.75 -1.47
CA PRO A 287 22.66 17.44 -1.85
C PRO A 287 23.69 17.63 -0.72
N VAL A 288 23.25 17.97 0.50
CA VAL A 288 24.21 18.19 1.62
C VAL A 288 24.72 16.87 2.22
N GLY A 289 23.86 15.86 2.20
CA GLY A 289 24.15 14.54 2.78
C GLY A 289 23.41 14.39 4.09
N LEU A 290 22.76 13.25 4.28
CA LEU A 290 22.00 13.01 5.50
C LEU A 290 22.89 12.95 6.73
N SER A 291 24.13 12.49 6.56
CA SER A 291 25.08 12.50 7.65
C SER A 291 25.34 13.94 8.13
N ALA A 292 25.45 14.88 7.19
CA ALA A 292 25.60 16.30 7.51
C ALA A 292 24.46 16.84 8.41
N VAL A 293 23.22 16.52 8.05
CA VAL A 293 22.04 16.91 8.82
C VAL A 293 22.14 16.45 10.26
N ARG A 294 22.46 15.18 10.43
CA ARG A 294 22.55 14.56 11.73
C ARG A 294 23.54 15.28 12.64
N MET A 295 24.59 15.86 12.04
CA MET A 295 25.63 16.58 12.77
C MET A 295 25.13 17.96 13.16
N LEU A 296 24.33 18.57 12.27
CA LEU A 296 23.71 19.87 12.54
C LEU A 296 22.68 19.78 13.67
N ARG A 297 21.91 18.69 13.67
CA ARG A 297 20.92 18.41 14.70
C ARG A 297 21.53 18.42 16.12
N LYS A 298 22.78 17.98 16.24
CA LYS A 298 23.47 18.03 17.51
C LYS A 298 23.74 19.47 17.94
N HIS A 299 23.67 20.41 17.01
CA HIS A 299 24.09 21.78 17.29
C HIS A 299 22.96 22.81 17.15
N ALA A 300 21.93 22.46 16.39
CA ALA A 300 20.84 23.39 16.05
C ALA A 300 19.90 23.69 17.23
N THR A 301 19.38 24.91 17.25
CA THR A 301 18.52 25.33 18.35
C THR A 301 17.08 25.55 17.90
N VAL A 302 16.83 25.55 16.59
CA VAL A 302 15.48 25.74 16.06
C VAL A 302 15.10 24.50 15.27
N PRO A 303 13.81 24.35 14.86
CA PRO A 303 13.42 23.19 14.04
C PRO A 303 14.17 23.10 12.69
N LEU A 304 14.37 21.87 12.22
CA LEU A 304 15.01 21.59 10.91
C LEU A 304 13.98 21.09 9.91
N ILE A 305 14.06 21.57 8.68
CA ILE A 305 13.10 21.25 7.65
C ILE A 305 13.81 20.74 6.40
N ALA A 306 13.37 19.61 5.87
CA ALA A 306 14.00 19.06 4.67
C ALA A 306 13.21 19.39 3.42
N HIS A 307 13.90 19.89 2.40
CA HIS A 307 13.28 20.01 1.08
C HIS A 307 13.60 18.77 0.25
N PHE A 308 13.00 18.66 -0.92
CA PHE A 308 13.10 17.42 -1.67
C PHE A 308 13.90 17.40 -2.97
N PRO A 309 14.74 18.42 -3.25
CA PRO A 309 15.55 18.30 -4.46
C PRO A 309 16.35 17.01 -4.47
N PHE A 310 16.37 16.35 -5.63
CA PHE A 310 17.19 15.16 -5.92
C PHE A 310 16.54 13.79 -5.66
N ILE A 311 15.86 13.64 -4.53
CA ILE A 311 15.16 12.39 -4.24
C ILE A 311 14.50 11.81 -5.50
N ALA A 312 13.86 12.67 -6.32
CA ALA A 312 13.11 12.21 -7.52
C ALA A 312 13.91 11.35 -8.52
N ALA A 313 15.15 11.75 -8.77
CA ALA A 313 16.06 11.02 -9.66
C ALA A 313 16.12 9.51 -9.42
N PHE A 314 16.01 9.07 -8.16
CA PHE A 314 16.08 7.63 -7.84
C PHE A 314 14.78 7.02 -7.27
N SER A 315 13.73 7.82 -7.14
CA SER A 315 12.50 7.32 -6.56
C SER A 315 11.30 7.24 -7.49
N ARG A 316 11.34 7.93 -8.63
CA ARG A 316 10.17 7.99 -9.51
C ARG A 316 9.74 6.66 -10.19
N LEU A 317 10.65 6.01 -10.92
CA LEU A 317 10.33 4.75 -11.60
C LEU A 317 9.86 3.65 -10.65
N ALA A 318 8.73 2.99 -11.00
CA ALA A 318 8.10 1.95 -10.13
C ALA A 318 8.90 0.65 -10.00
N ASN A 319 9.69 0.37 -11.03
CA ASN A 319 10.37 -0.90 -11.19
C ASN A 319 11.85 -0.87 -10.80
N TYR A 320 12.35 0.31 -10.44
CA TYR A 320 13.77 0.46 -10.16
C TYR A 320 14.09 1.57 -9.16
N GLY A 321 15.09 1.35 -8.33
CA GLY A 321 15.59 2.39 -7.41
C GLY A 321 15.19 2.23 -5.95
N ILE A 322 14.85 3.35 -5.30
CA ILE A 322 14.46 3.33 -3.91
C ILE A 322 13.18 4.13 -3.72
N HIS A 323 12.17 3.50 -3.11
CA HIS A 323 10.90 4.15 -2.84
C HIS A 323 11.16 5.38 -1.96
N SER A 324 10.55 6.52 -2.30
CA SER A 324 10.76 7.74 -1.51
C SER A 324 10.38 7.60 -0.04
N ARG A 325 9.43 6.71 0.27
CA ARG A 325 9.12 6.42 1.66
C ARG A 325 10.36 6.04 2.49
N VAL A 326 11.27 5.25 1.91
CA VAL A 326 12.51 4.85 2.57
C VAL A 326 13.28 6.12 2.94
N MET A 327 13.30 7.08 2.02
CA MET A 327 13.99 8.35 2.25
C MET A 327 13.41 9.09 3.43
N THR A 328 12.09 9.19 3.44
CA THR A 328 11.36 9.84 4.49
C THR A 328 11.69 9.23 5.86
N ARG A 329 11.68 7.90 5.96
CA ARG A 329 12.08 7.24 7.17
C ARG A 329 13.42 7.79 7.65
N LEU A 330 14.41 7.73 6.75
CA LEU A 330 15.77 8.16 7.08
C LEU A 330 15.86 9.63 7.46
N GLN A 331 15.17 10.50 6.73
CA GLN A 331 15.19 11.93 7.03
C GLN A 331 14.66 12.18 8.45
N ARG A 332 13.59 11.49 8.79
CA ARG A 332 12.98 11.62 10.08
C ARG A 332 14.00 11.15 11.08
N LEU A 333 14.54 9.95 10.85
CA LEU A 333 15.55 9.33 11.70
C LEU A 333 16.79 10.22 11.90
N ALA A 334 17.25 10.85 10.82
CA ALA A 334 18.41 11.73 10.87
C ALA A 334 18.22 12.93 11.80
N GLY A 335 17.05 13.58 11.72
CA GLY A 335 16.68 14.64 12.66
C GLY A 335 15.69 15.70 12.23
N PHE A 336 15.14 15.59 11.01
CA PHE A 336 14.20 16.60 10.49
C PHE A 336 12.88 16.65 11.23
N ASP A 337 12.42 17.84 11.50
CA ASP A 337 11.17 18.02 12.21
C ASP A 337 10.02 18.15 11.22
N VAL A 338 10.37 18.51 9.99
CA VAL A 338 9.41 18.70 8.92
C VAL A 338 10.01 18.16 7.60
N VAL A 339 9.24 17.36 6.88
CA VAL A 339 9.70 16.85 5.60
C VAL A 339 8.79 17.34 4.50
N ILE A 340 9.32 18.20 3.63
CA ILE A 340 8.58 18.63 2.45
C ILE A 340 8.78 17.56 1.39
N MET A 341 7.69 16.92 1.00
CA MET A 341 7.70 15.92 -0.05
C MET A 341 6.89 16.41 -1.25
N PRO A 342 6.94 15.68 -2.38
CA PRO A 342 6.07 16.00 -3.51
C PRO A 342 4.65 15.59 -3.13
N GLY A 343 3.68 16.42 -3.48
CA GLY A 343 2.31 16.19 -3.06
C GLY A 343 1.36 15.68 -4.14
N PHE A 344 0.10 16.13 -4.07
CA PHE A 344 -0.93 15.72 -5.00
C PHE A 344 -1.04 16.77 -6.08
N GLY A 345 -2.06 16.65 -6.92
CA GLY A 345 -2.10 17.42 -8.16
C GLY A 345 -1.34 16.60 -9.20
N PRO A 346 -1.74 16.75 -10.48
CA PRO A 346 -1.18 15.84 -11.51
C PRO A 346 0.15 16.41 -11.99
N ARG A 347 0.27 17.74 -11.83
CA ARG A 347 1.46 18.53 -12.06
C ARG A 347 2.69 18.00 -11.26
N MET A 348 2.43 17.09 -10.31
CA MET A 348 3.47 16.50 -9.44
C MET A 348 3.91 15.09 -9.80
N MET A 349 3.25 14.47 -10.78
CA MET A 349 3.74 13.23 -11.40
C MET A 349 4.16 12.10 -10.43
N THR A 350 3.52 12.00 -9.26
CA THR A 350 3.80 10.93 -8.28
C THR A 350 2.50 10.20 -7.93
N PRO A 351 2.49 8.86 -8.00
CA PRO A 351 1.30 8.06 -7.67
C PRO A 351 0.67 8.44 -6.32
N GLU A 352 -0.65 8.59 -6.31
CA GLU A 352 -1.39 8.99 -5.12
C GLU A 352 -0.94 8.28 -3.85
N HIS A 353 -0.99 6.95 -3.88
CA HIS A 353 -0.73 6.12 -2.70
C HIS A 353 0.73 6.23 -2.27
N GLU A 354 1.62 6.46 -3.23
CA GLU A 354 3.04 6.67 -2.94
C GLU A 354 3.20 7.88 -1.98
N VAL A 355 2.52 8.99 -2.30
CA VAL A 355 2.56 10.21 -1.48
C VAL A 355 2.06 9.89 -0.08
N LEU A 356 0.97 9.13 -0.01
CA LEU A 356 0.41 8.72 1.26
C LEU A 356 1.35 7.81 2.08
N ASP A 357 2.11 6.94 1.41
CA ASP A 357 3.07 6.06 2.11
C ASP A 357 4.09 6.89 2.86
N CYS A 358 4.32 8.11 2.35
CA CYS A 358 5.26 9.07 2.93
C CYS A 358 4.68 9.85 4.08
N ILE A 359 3.47 10.32 3.86
CA ILE A 359 2.68 10.91 4.91
C ILE A 359 2.57 9.94 6.10
N ARG A 360 2.18 8.69 5.83
CA ARG A 360 2.29 7.62 6.81
C ARG A 360 3.67 7.54 7.48
N ALA A 361 4.74 7.54 6.65
CA ALA A 361 6.11 7.35 7.14
C ALA A 361 6.46 8.38 8.20
N CYS A 362 5.96 9.60 7.99
CA CYS A 362 6.23 10.72 8.86
C CYS A 362 5.56 10.61 10.19
N LEU A 363 4.31 10.11 10.18
CA LEU A 363 3.45 10.15 11.34
C LEU A 363 3.47 8.85 12.13
N GLU A 364 3.70 7.72 11.45
CA GLU A 364 3.77 6.38 12.08
C GLU A 364 4.58 6.36 13.34
N PRO A 365 4.11 5.59 14.36
CA PRO A 365 4.88 5.38 15.58
C PRO A 365 6.14 4.67 15.17
N MET A 366 7.27 5.14 15.70
CA MET A 366 8.56 4.59 15.29
C MET A 366 9.50 4.50 16.51
N GLY A 367 9.16 3.64 17.46
CA GLY A 367 9.93 3.53 18.70
C GLY A 367 10.06 4.90 19.36
N PRO A 368 11.27 5.24 19.84
CA PRO A 368 11.49 6.51 20.54
C PRO A 368 11.63 7.71 19.61
N ILE A 369 11.55 7.50 18.30
CA ILE A 369 11.65 8.58 17.33
C ILE A 369 10.32 9.32 17.18
N LYS A 370 10.36 10.62 17.37
CA LYS A 370 9.19 11.47 17.25
C LYS A 370 8.61 11.46 15.81
N PRO A 371 7.26 11.57 15.68
CA PRO A 371 6.67 11.79 14.37
C PRO A 371 6.99 13.18 13.88
N CYS A 372 7.43 13.30 12.64
CA CYS A 372 7.68 14.62 12.06
C CYS A 372 6.55 15.01 11.13
N LEU A 373 6.47 16.31 10.81
CA LEU A 373 5.36 16.87 10.04
C LEU A 373 5.54 16.71 8.53
N PRO A 374 4.58 16.06 7.87
CA PRO A 374 4.65 15.90 6.42
C PRO A 374 4.11 17.12 5.69
N VAL A 375 4.77 17.53 4.62
CA VAL A 375 4.35 18.73 3.90
C VAL A 375 4.30 18.49 2.40
N PRO A 376 3.15 17.99 1.91
CA PRO A 376 2.89 17.73 0.48
C PRO A 376 2.97 18.99 -0.40
N GLY A 377 3.91 18.97 -1.35
CA GLY A 377 4.05 20.03 -2.36
C GLY A 377 2.91 20.05 -3.35
N GLY A 378 3.20 20.37 -4.60
CA GLY A 378 2.14 20.59 -5.63
C GLY A 378 1.78 22.06 -5.68
N SER A 379 1.25 22.53 -6.80
CA SER A 379 0.85 23.95 -6.90
C SER A 379 -0.49 24.17 -6.20
N ASP A 380 -0.38 24.49 -4.92
CA ASP A 380 -1.51 24.58 -4.01
C ASP A 380 -2.00 26.00 -3.79
N SER A 381 -3.32 26.10 -3.68
CA SER A 381 -4.01 27.36 -3.48
C SER A 381 -5.19 27.11 -2.56
N ALA A 382 -5.96 28.16 -2.32
CA ALA A 382 -7.14 28.04 -1.50
C ALA A 382 -8.08 26.97 -2.07
N ALA A 383 -7.99 26.72 -3.37
CA ALA A 383 -8.84 25.72 -4.04
C ALA A 383 -8.50 24.27 -3.74
N THR A 384 -7.22 23.98 -3.55
CA THR A 384 -6.79 22.59 -3.37
C THR A 384 -6.75 22.15 -1.90
N LEU A 385 -6.93 23.09 -1.00
CA LEU A 385 -6.77 22.77 0.42
C LEU A 385 -7.73 21.69 0.86
N GLU A 386 -9.01 21.90 0.53
CA GLU A 386 -10.09 20.96 0.80
C GLU A 386 -9.70 19.54 0.39
N ASN A 387 -9.21 19.42 -0.83
CA ASN A 387 -8.69 18.16 -1.29
C ASN A 387 -7.57 17.53 -0.44
N VAL A 388 -6.49 18.27 -0.21
CA VAL A 388 -5.35 17.72 0.55
C VAL A 388 -5.80 17.19 1.92
N TYR A 389 -6.68 17.93 2.56
CA TYR A 389 -7.15 17.56 3.89
C TYR A 389 -7.95 16.24 3.84
N ARG A 390 -8.79 16.09 2.82
CA ARG A 390 -9.53 14.88 2.62
C ARG A 390 -8.55 13.76 2.43
N LYS A 391 -7.53 14.01 1.61
CA LYS A 391 -6.61 12.94 1.24
C LYS A 391 -5.62 12.57 2.34
N VAL A 392 -5.23 13.54 3.16
CA VAL A 392 -4.33 13.27 4.26
C VAL A 392 -5.09 12.56 5.36
N GLY A 393 -6.36 12.87 5.50
CA GLY A 393 -7.20 12.18 6.46
C GLY A 393 -7.33 12.92 7.78
N SER A 394 -6.46 13.89 8.04
CA SER A 394 -6.44 14.62 9.32
C SER A 394 -5.72 15.95 9.16
N ALA A 395 -5.72 16.76 10.22
CA ALA A 395 -5.13 18.08 10.15
C ALA A 395 -3.62 18.13 10.39
N ASP A 396 -2.98 16.96 10.49
CA ASP A 396 -1.55 16.90 10.76
C ASP A 396 -0.69 16.98 9.50
N PHE A 397 -0.65 18.13 8.85
CA PHE A 397 0.19 18.29 7.69
C PHE A 397 0.57 19.75 7.46
N GLY A 398 1.56 20.00 6.62
CA GLY A 398 1.90 21.35 6.22
C GLY A 398 1.23 21.63 4.89
N PHE A 399 1.19 22.89 4.48
CA PHE A 399 0.58 23.25 3.22
C PHE A 399 1.44 24.36 2.65
N VAL A 400 1.97 24.16 1.44
CA VAL A 400 2.97 25.07 0.89
C VAL A 400 2.59 25.74 -0.44
N PRO A 401 1.76 26.78 -0.41
CA PRO A 401 1.52 27.47 -1.66
C PRO A 401 2.69 28.36 -2.07
N GLY A 402 2.79 28.62 -3.38
CA GLY A 402 3.77 29.55 -3.93
C GLY A 402 3.00 30.71 -4.53
N ARG A 403 2.67 30.58 -5.82
CA ARG A 403 1.54 31.33 -6.36
C ARG A 403 0.34 30.76 -5.63
N GLY A 404 -0.72 31.54 -5.50
CA GLY A 404 -1.82 31.09 -4.69
C GLY A 404 -1.75 31.79 -3.36
N VAL A 405 -0.56 32.16 -2.96
CA VAL A 405 -0.39 33.16 -1.93
C VAL A 405 0.18 34.40 -2.60
N PHE A 406 1.38 34.29 -3.14
CA PHE A 406 2.03 35.44 -3.73
C PHE A 406 1.51 35.72 -5.13
N GLY A 407 0.79 34.75 -5.69
CA GLY A 407 0.20 34.92 -7.00
C GLY A 407 -1.21 35.48 -6.98
N HIS A 408 -1.81 35.59 -5.80
CA HIS A 408 -3.21 35.98 -5.67
C HIS A 408 -3.51 37.38 -6.25
N PRO A 409 -4.63 37.54 -6.99
CA PRO A 409 -5.01 38.80 -7.64
C PRO A 409 -5.03 39.99 -6.70
N MET A 410 -5.50 39.78 -5.47
CA MET A 410 -5.66 40.85 -4.48
C MET A 410 -4.34 41.14 -3.75
N GLY A 411 -3.29 40.40 -4.07
CA GLY A 411 -2.02 40.59 -3.39
C GLY A 411 -1.76 39.56 -2.29
N PRO A 412 -0.52 39.52 -1.78
CA PRO A 412 -0.07 38.41 -0.95
C PRO A 412 -0.85 38.33 0.34
N ALA A 413 -1.07 39.47 0.99
CA ALA A 413 -1.83 39.50 2.23
C ALA A 413 -3.18 38.75 2.07
N ALA A 414 -3.90 39.08 0.99
CA ALA A 414 -5.19 38.47 0.71
C ALA A 414 -5.03 37.00 0.34
N GLY A 415 -3.95 36.66 -0.35
CA GLY A 415 -3.68 35.28 -0.69
C GLY A 415 -3.62 34.41 0.56
N ALA A 416 -2.86 34.84 1.54
CA ALA A 416 -2.80 34.13 2.83
C ALA A 416 -4.19 34.01 3.43
N THR A 417 -4.91 35.14 3.48
CA THR A 417 -6.27 35.14 4.01
C THR A 417 -7.15 34.07 3.34
N SER A 418 -7.09 34.01 2.01
CA SER A 418 -7.92 33.09 1.26
C SER A 418 -7.76 31.66 1.79
N ILE A 419 -6.51 31.24 2.06
CA ILE A 419 -6.23 29.92 2.62
C ILE A 419 -6.85 29.78 3.99
N ARG A 420 -6.64 30.79 4.84
CA ARG A 420 -7.17 30.81 6.20
C ARG A 420 -8.67 30.57 6.21
N GLN A 421 -9.36 31.24 5.29
CA GLN A 421 -10.80 31.11 5.12
C GLN A 421 -11.19 29.76 4.55
N ALA A 422 -10.54 29.36 3.46
CA ALA A 422 -10.69 28.01 2.96
C ALA A 422 -10.67 27.03 4.13
N TRP A 423 -9.67 27.16 5.00
CA TRP A 423 -9.62 26.32 6.18
C TRP A 423 -10.83 26.49 7.10
N ASP A 424 -11.16 27.73 7.42
CA ASP A 424 -12.31 28.03 8.28
C ASP A 424 -13.54 27.24 7.85
N ALA A 425 -13.75 27.15 6.54
CA ALA A 425 -14.89 26.45 5.98
C ALA A 425 -14.80 25.01 6.38
N ILE A 426 -13.69 24.38 5.99
CA ILE A 426 -13.47 22.96 6.25
C ILE A 426 -13.67 22.60 7.72
N ALA A 427 -13.06 23.41 8.60
CA ALA A 427 -13.10 23.20 10.06
C ALA A 427 -14.51 23.32 10.62
N ALA A 428 -15.37 24.06 9.93
CA ALA A 428 -16.78 24.13 10.27
C ALA A 428 -17.62 23.12 9.46
N GLY A 429 -16.97 22.34 8.60
CA GLY A 429 -17.67 21.40 7.73
C GLY A 429 -18.59 22.04 6.69
N ILE A 430 -18.41 23.33 6.42
CA ILE A 430 -19.11 24.04 5.34
C ILE A 430 -18.35 23.79 4.03
N PRO A 431 -19.07 23.31 2.97
CA PRO A 431 -18.32 23.09 1.72
C PRO A 431 -17.72 24.41 1.25
N VAL A 432 -16.58 24.36 0.57
CA VAL A 432 -15.80 25.61 0.33
C VAL A 432 -16.50 26.64 -0.56
N PRO A 433 -16.81 26.31 -1.85
CA PRO A 433 -17.46 27.32 -2.70
C PRO A 433 -18.65 28.03 -2.05
N ASP A 434 -19.26 27.42 -1.03
CA ASP A 434 -20.40 28.03 -0.31
C ASP A 434 -19.95 29.20 0.56
N HIS A 435 -18.97 28.92 1.42
CA HIS A 435 -18.35 29.92 2.29
C HIS A 435 -17.80 31.09 1.44
N ALA A 436 -17.20 30.72 0.31
CA ALA A 436 -16.61 31.65 -0.64
C ALA A 436 -17.61 32.67 -1.14
N ALA A 437 -18.89 32.29 -1.17
CA ALA A 437 -19.93 33.20 -1.60
C ALA A 437 -19.99 34.48 -0.73
N SER A 438 -19.41 34.46 0.45
CA SER A 438 -19.44 35.64 1.34
C SER A 438 -18.08 36.22 1.77
N HIS A 439 -17.00 35.65 1.24
CA HIS A 439 -15.62 36.12 1.53
C HIS A 439 -14.84 36.41 0.25
N PRO A 440 -14.64 37.70 -0.06
CA PRO A 440 -14.12 38.18 -1.35
C PRO A 440 -12.79 37.56 -1.75
N GLU A 441 -11.89 37.33 -0.79
CA GLU A 441 -10.56 36.78 -1.02
C GLU A 441 -10.60 35.31 -1.42
N LEU A 442 -11.40 34.53 -0.69
CA LEU A 442 -11.62 33.13 -1.00
C LEU A 442 -12.28 32.97 -2.38
N ALA A 443 -13.24 33.84 -2.68
CA ALA A 443 -13.92 33.84 -3.97
C ALA A 443 -12.97 34.12 -5.15
N ALA A 444 -12.14 35.16 -4.98
CA ALA A 444 -11.16 35.55 -5.98
C ALA A 444 -10.23 34.40 -6.27
N ALA A 445 -9.80 33.69 -5.21
CA ALA A 445 -8.86 32.60 -5.34
C ALA A 445 -9.47 31.41 -6.03
N LEU A 446 -10.74 31.16 -5.77
CA LEU A 446 -11.45 30.09 -6.44
C LEU A 446 -11.56 30.39 -7.94
N ARG A 447 -11.94 31.63 -8.26
CA ARG A 447 -11.91 32.12 -9.65
C ARG A 447 -10.54 31.95 -10.30
N ALA A 448 -9.51 32.49 -9.64
CA ALA A 448 -8.16 32.53 -10.20
C ALA A 448 -7.50 31.17 -10.33
N PHE A 449 -7.78 30.25 -9.42
CA PHE A 449 -7.10 28.95 -9.40
C PHE A 449 -8.01 27.74 -9.54
N MET B 21 4.19 30.90 -18.38
CA MET B 21 5.04 30.41 -19.53
C MET B 21 4.27 30.18 -20.84
N THR B 22 2.95 30.17 -20.75
CA THR B 22 2.10 30.04 -21.93
C THR B 22 2.36 31.10 -23.07
N PRO B 23 2.56 32.43 -22.77
CA PRO B 23 2.70 33.41 -23.87
C PRO B 23 4.09 33.47 -24.52
N ASP B 24 4.60 34.67 -24.79
CA ASP B 24 5.93 34.80 -25.40
C ASP B 24 7.03 35.26 -24.47
N ASP B 25 6.79 34.89 -23.21
CA ASP B 25 7.80 34.71 -22.18
C ASP B 25 8.82 33.69 -22.66
N ILE B 26 8.38 32.80 -23.54
CA ILE B 26 9.23 31.73 -24.06
C ILE B 26 10.50 32.26 -24.69
N ALA B 27 10.39 33.39 -25.40
CA ALA B 27 11.52 34.02 -26.08
C ALA B 27 12.74 34.26 -25.16
N GLY B 28 12.50 34.78 -23.97
CA GLY B 28 13.57 35.13 -23.03
C GLY B 28 14.36 33.98 -22.43
N PHE B 29 13.99 32.75 -22.77
CA PHE B 29 14.68 31.56 -22.29
C PHE B 29 15.47 30.84 -23.38
N TYR B 30 15.67 31.51 -24.50
CA TYR B 30 16.53 30.98 -25.56
C TYR B 30 17.62 31.99 -25.87
N ALA B 31 18.78 31.50 -26.30
CA ALA B 31 19.90 32.35 -26.66
C ALA B 31 20.81 31.65 -27.68
N LYS B 32 21.51 32.44 -28.49
CA LYS B 32 22.55 31.88 -29.32
C LYS B 32 23.87 31.91 -28.57
N ARG B 33 24.69 30.87 -28.78
CA ARG B 33 26.05 30.81 -28.24
C ARG B 33 26.75 32.17 -28.34
N ALA B 34 26.77 32.71 -29.55
CA ALA B 34 27.39 33.99 -29.86
C ALA B 34 27.04 35.12 -28.89
N ASP B 35 25.82 35.10 -28.35
CA ASP B 35 25.28 36.22 -27.57
C ASP B 35 25.70 36.24 -26.10
N LEU B 36 26.15 35.10 -25.59
CA LEU B 36 26.45 35.00 -24.17
C LEU B 36 27.94 34.99 -23.89
N ASP B 37 28.32 35.63 -22.79
CA ASP B 37 29.64 35.45 -22.24
C ASP B 37 29.57 34.05 -21.62
N LEU B 38 29.99 33.05 -22.38
CA LEU B 38 29.86 31.66 -21.95
C LEU B 38 30.56 31.37 -20.61
N ASP B 39 31.38 32.31 -20.14
CA ASP B 39 32.15 32.14 -18.92
C ASP B 39 31.29 32.20 -17.66
N ASN B 40 30.06 32.67 -17.81
CA ASN B 40 29.16 32.82 -16.67
C ASN B 40 28.18 31.70 -16.60
N TYR B 41 28.38 30.70 -17.44
CA TYR B 41 27.41 29.65 -17.61
C TYR B 41 28.03 28.27 -17.54
N ILE B 42 27.26 27.35 -17.00
CA ILE B 42 27.54 25.94 -17.04
C ILE B 42 26.62 25.36 -18.09
N GLU B 43 27.16 24.52 -18.97
CA GLU B 43 26.35 23.86 -20.01
C GLU B 43 25.81 22.51 -19.51
N LEU B 44 24.56 22.19 -19.86
CA LEU B 44 23.92 20.96 -19.41
C LEU B 44 23.25 20.25 -20.59
N ASP B 45 23.35 18.92 -20.65
CA ASP B 45 22.68 18.16 -21.70
C ASP B 45 21.63 17.24 -21.15
N PHE B 46 20.39 17.52 -21.50
CA PHE B 46 19.29 16.74 -21.01
C PHE B 46 18.65 16.00 -22.16
N ASP B 47 18.31 14.76 -21.91
CA ASP B 47 17.38 14.05 -22.78
C ASP B 47 16.09 13.92 -22.01
N PHE B 48 14.98 14.22 -22.67
CA PHE B 48 13.69 14.10 -22.01
C PHE B 48 12.54 13.78 -22.98
N GLU B 49 11.40 13.47 -22.39
CA GLU B 49 10.17 13.22 -23.11
C GLU B 49 9.10 14.12 -22.54
N CYS B 50 8.33 14.76 -23.40
CA CYS B 50 7.33 15.69 -22.95
C CYS B 50 6.05 15.54 -23.74
N ALA B 51 4.96 16.04 -23.19
CA ALA B 51 3.69 16.12 -23.88
C ALA B 51 3.46 17.56 -24.39
N GLY B 52 2.83 17.70 -25.56
CA GLY B 52 2.58 19.01 -26.18
C GLY B 52 3.85 19.65 -26.73
N ASP B 53 3.84 20.97 -26.93
CA ASP B 53 4.94 21.65 -27.60
C ASP B 53 6.28 21.40 -26.90
N PRO B 54 7.26 20.83 -27.61
CA PRO B 54 8.62 20.72 -27.09
C PRO B 54 9.36 22.05 -26.93
N HIS B 55 8.90 23.11 -27.57
CA HIS B 55 9.51 24.43 -27.36
C HIS B 55 9.10 25.06 -26.05
N GLU B 56 7.79 25.01 -25.74
CA GLU B 56 7.25 25.41 -24.45
C GLU B 56 7.93 24.63 -23.33
N ALA B 57 8.07 23.33 -23.55
CA ALA B 57 8.57 22.44 -22.53
C ALA B 57 9.96 22.84 -22.08
N ALA B 58 10.86 23.06 -23.04
CA ALA B 58 12.24 23.45 -22.76
C ALA B 58 12.31 24.76 -21.98
N ALA B 59 11.55 25.76 -22.44
CA ALA B 59 11.47 27.02 -21.75
C ALA B 59 11.03 26.77 -20.29
N HIS B 60 9.96 26.01 -20.09
CA HIS B 60 9.45 25.68 -18.74
C HIS B 60 10.52 25.06 -17.88
N LEU B 61 11.41 24.33 -18.54
CA LEU B 61 12.39 23.56 -17.86
C LEU B 61 13.53 24.47 -17.40
N CYS B 62 13.80 25.51 -18.20
CA CYS B 62 14.78 26.52 -17.81
C CYS B 62 14.20 27.37 -16.71
N SER B 63 12.92 27.69 -16.85
CA SER B 63 12.19 28.55 -15.92
C SER B 63 12.25 27.97 -14.54
N GLU B 64 11.69 26.77 -14.38
CA GLU B 64 11.63 26.03 -13.09
C GLU B 64 12.98 25.88 -12.43
N GLN B 65 14.00 25.72 -13.27
CA GLN B 65 15.35 25.46 -12.83
C GLN B 65 16.07 26.72 -12.34
N SER B 66 15.51 27.89 -12.66
CA SER B 66 16.12 29.17 -12.32
C SER B 66 15.07 30.20 -11.91
N THR B 67 14.75 31.12 -12.82
CA THR B 67 13.86 32.21 -12.47
C THR B 67 12.43 31.71 -12.14
N ALA B 68 11.65 31.29 -13.12
CA ALA B 68 10.26 30.90 -12.84
C ALA B 68 9.36 32.10 -12.62
N GLN B 69 9.97 33.21 -12.22
CA GLN B 69 9.27 34.45 -12.00
C GLN B 69 10.28 35.58 -12.15
N TRP B 70 10.11 36.36 -13.20
CA TRP B 70 11.11 37.38 -13.55
C TRP B 70 10.69 38.83 -13.34
N ARG B 71 9.40 39.12 -13.18
CA ARG B 71 8.97 40.47 -12.75
C ARG B 71 8.58 40.44 -11.28
N ARG B 72 8.24 41.61 -10.76
CA ARG B 72 7.39 41.69 -9.59
C ARG B 72 6.02 42.10 -10.08
N VAL B 73 5.03 42.06 -9.18
CA VAL B 73 3.63 42.44 -9.47
C VAL B 73 3.45 43.21 -10.81
N GLY B 74 3.81 44.50 -10.82
CA GLY B 74 3.64 45.32 -12.01
C GLY B 74 4.86 46.17 -12.30
N PHE B 75 5.99 45.52 -12.44
CA PHE B 75 7.21 46.19 -12.84
C PHE B 75 7.60 45.59 -14.18
N ASP B 76 8.10 46.42 -15.10
CA ASP B 76 8.85 45.90 -16.24
C ASP B 76 10.29 45.74 -15.76
N GLU B 77 10.66 44.49 -15.47
CA GLU B 77 11.86 44.25 -14.73
C GLU B 77 12.65 43.28 -15.57
N ASP B 78 12.05 42.11 -15.81
CA ASP B 78 12.74 40.99 -16.46
C ASP B 78 14.18 40.79 -15.99
N PHE B 79 14.40 39.99 -14.96
CA PHE B 79 15.79 39.63 -14.64
C PHE B 79 16.18 38.26 -15.15
N ARG B 80 15.65 37.95 -16.32
CA ARG B 80 15.95 36.76 -17.08
C ARG B 80 17.36 36.82 -17.69
N PRO B 81 17.77 37.97 -18.26
CA PRO B 81 19.07 38.01 -18.92
C PRO B 81 20.23 37.72 -17.98
N ARG B 82 20.10 38.06 -16.71
CA ARG B 82 21.19 37.86 -15.78
C ARG B 82 21.05 36.58 -14.94
N PHE B 83 19.83 36.10 -14.76
CA PHE B 83 19.56 35.02 -13.80
C PHE B 83 18.89 33.75 -14.32
N ALA B 84 18.39 33.76 -15.54
CA ALA B 84 17.70 32.58 -16.08
C ALA B 84 18.57 31.68 -16.92
N ALA B 85 18.45 30.38 -16.69
CA ALA B 85 19.00 29.36 -17.55
C ALA B 85 18.36 29.50 -18.93
N LYS B 86 19.14 29.26 -19.98
CA LYS B 86 18.71 29.56 -21.34
C LYS B 86 19.02 28.43 -22.29
N VAL B 87 18.06 28.14 -23.18
CA VAL B 87 18.22 27.07 -24.15
C VAL B 87 19.21 27.52 -25.22
N LEU B 88 20.31 26.79 -25.33
CA LEU B 88 21.27 27.04 -26.39
C LEU B 88 20.90 26.30 -27.67
N GLU B 89 20.41 25.06 -27.52
CA GLU B 89 20.20 24.17 -28.66
C GLU B 89 19.19 23.04 -28.33
N LEU B 90 18.21 22.86 -29.21
CA LEU B 90 17.12 21.91 -28.98
C LEU B 90 16.76 21.07 -30.20
N SER B 91 16.41 19.82 -29.93
CA SER B 91 16.18 18.81 -30.96
C SER B 91 15.09 17.89 -30.46
N ALA B 92 14.06 17.67 -31.29
CA ALA B 92 12.85 16.94 -30.87
C ALA B 92 12.13 16.22 -32.00
N GLU B 93 11.95 14.92 -31.83
CA GLU B 93 11.31 14.08 -32.83
C GLU B 93 10.08 13.44 -32.21
N PRO B 94 9.01 13.26 -33.00
CA PRO B 94 7.78 12.70 -32.41
C PRO B 94 7.90 11.23 -32.08
N ARG B 95 7.10 10.77 -31.12
CA ARG B 95 6.96 9.35 -30.81
C ARG B 95 5.49 9.02 -30.47
N PRO B 96 4.76 8.50 -31.47
CA PRO B 96 3.33 8.24 -31.37
C PRO B 96 2.99 7.18 -30.32
N SER B 97 3.95 6.32 -30.00
CA SER B 97 3.78 5.31 -28.95
C SER B 97 3.46 5.86 -27.54
N GLY B 98 3.84 7.11 -27.25
CA GLY B 98 3.70 7.66 -25.90
C GLY B 98 5.04 7.54 -25.21
N PHE B 99 5.06 7.67 -23.89
CA PHE B 99 6.31 7.62 -23.12
C PHE B 99 6.93 6.22 -23.13
N SER B 100 8.26 6.14 -22.96
CA SER B 100 9.00 4.86 -22.95
C SER B 100 8.49 3.85 -21.91
N VAL B 101 8.56 4.19 -20.64
CA VAL B 101 7.98 3.40 -19.57
C VAL B 101 6.60 4.00 -19.26
N PRO B 102 5.65 3.18 -18.77
CA PRO B 102 4.41 3.82 -18.32
C PRO B 102 4.67 4.75 -17.11
N VAL B 103 4.08 5.94 -17.14
CA VAL B 103 4.08 6.85 -16.00
C VAL B 103 2.68 7.45 -15.89
N GLU B 104 2.58 8.73 -15.54
CA GLU B 104 1.29 9.41 -15.39
C GLU B 104 1.56 10.90 -15.55
N CYS B 105 0.74 11.58 -16.35
CA CYS B 105 1.08 12.97 -16.69
C CYS B 105 0.01 14.07 -16.62
N ALA B 106 0.52 15.28 -16.38
CA ALA B 106 -0.21 16.55 -16.37
C ALA B 106 -0.55 17.11 -17.77
N ALA B 107 -0.37 16.31 -18.83
CA ALA B 107 -0.70 16.75 -20.21
C ALA B 107 -1.19 15.64 -21.17
N ARG B 108 -1.78 16.06 -22.28
CA ARG B 108 -2.23 15.17 -23.37
C ARG B 108 -1.55 15.50 -24.71
N GLY B 109 -2.18 15.05 -25.81
CA GLY B 109 -1.69 15.33 -27.16
C GLY B 109 -0.47 14.51 -27.53
N PRO B 110 0.35 15.01 -28.47
CA PRO B 110 1.53 14.27 -28.92
C PRO B 110 2.58 14.17 -27.82
N VAL B 111 3.46 13.17 -27.93
CA VAL B 111 4.64 13.02 -27.06
C VAL B 111 5.90 13.06 -27.89
N HIS B 112 6.86 13.90 -27.51
CA HIS B 112 8.11 14.06 -28.28
C HIS B 112 9.30 13.59 -27.45
N ALA B 113 10.38 13.19 -28.11
CA ALA B 113 11.65 12.82 -27.46
C ALA B 113 12.67 13.90 -27.78
N CYS B 114 13.29 14.47 -26.76
CA CYS B 114 14.09 15.69 -26.97
C CYS B 114 15.51 15.65 -26.46
N ARG B 115 16.34 16.50 -27.04
CA ARG B 115 17.71 16.68 -26.57
C ARG B 115 18.01 18.16 -26.49
N VAL B 116 18.44 18.62 -25.32
CA VAL B 116 18.62 20.05 -25.07
C VAL B 116 19.96 20.34 -24.44
N THR B 117 20.58 21.43 -24.86
CA THR B 117 21.72 21.98 -24.15
C THR B 117 21.28 23.28 -23.50
N ILE B 118 21.35 23.33 -22.18
CA ILE B 118 20.91 24.51 -21.44
C ILE B 118 22.12 25.17 -20.81
N ALA B 119 22.18 26.49 -20.91
CA ALA B 119 23.24 27.27 -20.27
C ALA B 119 22.73 27.92 -18.98
N HIS B 120 23.23 27.43 -17.84
CA HIS B 120 22.77 27.86 -16.52
C HIS B 120 23.76 28.82 -15.85
N PRO B 121 23.33 30.06 -15.57
CA PRO B 121 24.25 31.04 -14.98
C PRO B 121 24.66 30.62 -13.57
N HIS B 122 25.96 30.32 -13.40
CA HIS B 122 26.49 29.77 -12.13
C HIS B 122 26.57 30.80 -10.99
N GLY B 123 26.49 32.09 -11.37
CA GLY B 123 26.38 33.17 -10.40
C GLY B 123 25.20 32.95 -9.47
N ASN B 124 24.26 32.14 -9.92
CA ASN B 124 23.09 31.75 -9.12
C ASN B 124 23.39 30.98 -7.84
N PHE B 125 24.45 30.18 -7.84
CA PHE B 125 24.75 29.39 -6.65
C PHE B 125 26.19 29.55 -6.17
N GLY B 126 27.08 30.05 -7.02
CA GLY B 126 28.50 30.13 -6.68
C GLY B 126 29.12 28.75 -6.69
N ALA B 127 30.36 28.66 -6.21
CA ALA B 127 31.17 27.45 -6.30
C ALA B 127 31.04 26.45 -5.11
N LYS B 128 29.80 25.99 -4.85
CA LYS B 128 29.51 25.03 -3.79
C LYS B 128 28.77 23.82 -4.33
N ILE B 129 29.24 22.61 -4.03
CA ILE B 129 28.60 21.40 -4.57
C ILE B 129 27.09 21.23 -4.25
N PRO B 130 26.67 21.33 -2.96
CA PRO B 130 25.25 21.17 -2.63
C PRO B 130 24.35 22.10 -3.43
N ASN B 131 24.69 23.38 -3.52
CA ASN B 131 23.86 24.33 -4.28
C ASN B 131 23.83 24.07 -5.76
N LEU B 132 24.95 23.60 -6.31
CA LEU B 132 25.01 23.22 -7.70
C LEU B 132 23.97 22.13 -8.00
N LEU B 133 24.08 21.00 -7.30
CA LEU B 133 23.12 19.89 -7.44
C LEU B 133 21.69 20.36 -7.34
N SER B 134 21.34 21.04 -6.27
CA SER B 134 19.95 21.44 -6.04
C SER B 134 19.43 22.49 -7.01
N ALA B 135 20.24 22.84 -8.02
CA ALA B 135 19.79 23.70 -9.11
C ALA B 135 19.65 22.85 -10.35
N VAL B 136 20.77 22.26 -10.77
CA VAL B 136 20.86 21.44 -11.99
C VAL B 136 20.18 20.06 -11.89
N CYS B 137 19.61 19.70 -10.74
CA CYS B 137 18.66 18.56 -10.61
C CYS B 137 17.82 18.53 -9.31
N GLY B 138 17.20 19.67 -8.98
CA GLY B 138 16.22 19.77 -7.91
C GLY B 138 14.85 19.77 -8.52
N GLU B 139 13.90 20.38 -7.83
CA GLU B 139 12.52 20.55 -8.35
C GLU B 139 12.50 20.91 -9.83
N GLY B 140 13.26 21.94 -10.19
CA GLY B 140 13.22 22.48 -11.56
C GLY B 140 13.18 21.41 -12.61
N VAL B 141 14.14 20.50 -12.53
CA VAL B 141 14.38 19.47 -13.51
C VAL B 141 13.31 18.35 -13.50
N PHE B 142 13.06 17.77 -12.34
CA PHE B 142 12.21 16.57 -12.25
C PHE B 142 10.69 16.78 -12.18
N PHE B 143 10.26 18.00 -11.85
CA PHE B 143 8.84 18.30 -11.66
C PHE B 143 8.40 19.42 -12.56
N SER B 144 9.20 19.64 -13.59
CA SER B 144 8.87 20.58 -14.64
C SER B 144 7.55 20.12 -15.21
N PRO B 145 6.70 21.07 -15.66
CA PRO B 145 5.33 20.65 -15.99
C PRO B 145 5.29 19.88 -17.31
N GLY B 146 4.65 18.71 -17.32
CA GLY B 146 4.56 17.89 -18.55
C GLY B 146 5.82 17.20 -19.06
N ILE B 147 6.87 17.15 -18.24
CA ILE B 147 8.09 16.42 -18.59
C ILE B 147 8.41 15.34 -17.55
N PRO B 148 7.76 14.15 -17.65
CA PRO B 148 7.82 13.03 -16.70
C PRO B 148 9.16 12.29 -16.65
N LEU B 149 9.76 12.06 -17.82
CA LEU B 149 11.05 11.37 -17.94
C LEU B 149 12.15 12.31 -18.43
N ILE B 150 13.26 12.35 -17.70
CA ILE B 150 14.37 13.28 -18.00
C ILE B 150 15.72 12.77 -17.49
N ARG B 151 16.77 12.98 -18.26
CA ARG B 151 18.06 12.49 -17.85
C ARG B 151 19.14 13.51 -18.15
N LEU B 152 19.89 13.87 -17.11
CA LEU B 152 21.02 14.75 -17.27
C LEU B 152 22.16 13.93 -17.84
N GLN B 153 22.65 14.31 -19.01
CA GLN B 153 23.69 13.54 -19.70
C GLN B 153 25.12 14.06 -19.50
N ASP B 154 25.29 15.36 -19.32
CA ASP B 154 26.62 15.90 -19.11
C ASP B 154 26.58 17.33 -18.53
N ILE B 155 27.64 17.72 -17.84
CA ILE B 155 27.85 19.12 -17.42
C ILE B 155 29.18 19.53 -18.01
N ARG B 156 29.32 20.80 -18.37
CA ARG B 156 30.61 21.38 -18.75
C ARG B 156 30.79 22.64 -17.94
N PHE B 157 31.99 22.85 -17.39
CA PHE B 157 32.25 24.04 -16.57
C PHE B 157 33.24 24.98 -17.24
N PRO B 158 33.09 26.30 -17.10
CA PRO B 158 34.13 27.20 -17.60
C PRO B 158 35.34 27.29 -16.66
N GLU B 159 36.53 27.67 -17.20
CA GLU B 159 37.77 27.85 -16.39
C GLU B 159 37.51 28.68 -15.14
N PRO B 160 37.02 29.93 -15.29
CA PRO B 160 36.73 30.75 -14.13
C PRO B 160 36.08 29.97 -13.01
N TYR B 161 35.04 29.19 -13.33
CA TYR B 161 34.33 28.40 -12.33
C TYR B 161 35.15 27.25 -11.77
N LEU B 162 35.81 26.51 -12.66
CA LEU B 162 36.61 25.33 -12.28
C LEU B 162 37.73 25.75 -11.34
N ALA B 163 38.27 26.93 -11.61
CA ALA B 163 39.37 27.50 -10.86
C ALA B 163 39.06 27.66 -9.36
N ALA B 164 37.78 27.58 -9.01
CA ALA B 164 37.36 27.76 -7.63
C ALA B 164 37.54 26.50 -6.78
N PHE B 165 37.55 25.33 -7.40
CA PHE B 165 37.76 24.07 -6.68
C PHE B 165 39.21 23.70 -6.82
N ASP B 166 39.67 22.67 -6.10
CA ASP B 166 41.07 22.22 -6.20
C ASP B 166 41.18 20.90 -6.93
N GLY B 167 40.09 20.15 -6.96
CA GLY B 167 40.11 18.84 -7.60
C GLY B 167 41.07 17.94 -6.87
N PRO B 168 41.61 16.91 -7.55
CA PRO B 168 42.46 15.97 -6.84
C PRO B 168 43.77 16.64 -6.44
N ARG B 169 44.27 16.28 -5.27
CA ARG B 169 45.58 16.73 -4.81
C ARG B 169 46.70 16.02 -5.56
N PHE B 170 46.52 14.71 -5.76
CA PHE B 170 47.55 13.88 -6.38
C PHE B 170 47.27 13.55 -7.84
N GLY B 171 46.13 12.91 -8.13
CA GLY B 171 45.80 12.52 -9.50
C GLY B 171 46.58 11.27 -9.87
N ILE B 172 46.47 10.83 -11.12
CA ILE B 172 47.20 9.63 -11.56
C ILE B 172 48.66 9.89 -11.34
N ALA B 173 49.08 11.05 -11.85
CA ALA B 173 50.42 11.60 -11.63
C ALA B 173 50.97 11.24 -10.26
N GLY B 174 50.27 11.68 -9.21
CA GLY B 174 50.77 11.58 -7.85
C GLY B 174 50.79 10.15 -7.40
N VAL B 175 49.67 9.47 -7.63
CA VAL B 175 49.49 8.08 -7.26
C VAL B 175 50.60 7.24 -7.86
N ARG B 176 50.84 7.42 -9.16
CA ARG B 176 51.96 6.74 -9.83
C ARG B 176 53.29 6.93 -9.13
N GLU B 177 53.55 8.15 -8.65
CA GLU B 177 54.83 8.41 -8.02
C GLU B 177 54.98 7.80 -6.64
N ARG B 178 53.87 7.74 -5.91
CA ARG B 178 53.86 7.09 -4.61
C ARG B 178 54.15 5.60 -4.73
N LEU B 179 53.76 4.98 -5.84
CA LEU B 179 53.94 3.55 -5.97
C LEU B 179 55.15 3.17 -6.78
N GLN B 180 55.79 4.16 -7.39
CA GLN B 180 56.85 3.91 -8.38
C GLN B 180 56.31 3.08 -9.54
N ALA B 181 55.01 3.22 -9.79
CA ALA B 181 54.30 2.45 -10.80
C ALA B 181 54.12 3.26 -12.08
N PHE B 182 54.93 2.95 -13.07
CA PHE B 182 54.91 3.69 -14.31
C PHE B 182 54.71 2.77 -15.49
N ASP B 183 53.99 3.27 -16.50
CA ASP B 183 53.72 2.57 -17.76
C ASP B 183 53.05 1.21 -17.56
N ARG B 184 52.23 1.08 -16.53
CA ARG B 184 51.45 -0.12 -16.25
C ARG B 184 50.28 0.29 -15.39
N PRO B 185 49.18 -0.45 -15.45
CA PRO B 185 48.05 -0.13 -14.61
C PRO B 185 48.38 -0.32 -13.14
N ILE B 186 47.61 0.31 -12.27
CA ILE B 186 47.76 0.14 -10.83
C ILE B 186 46.97 -1.09 -10.36
N PHE B 187 47.64 -2.00 -9.66
CA PHE B 187 46.97 -3.23 -9.21
C PHE B 187 46.40 -3.19 -7.81
N PHE B 188 45.07 -3.12 -7.74
CA PHE B 188 44.32 -3.12 -6.49
C PHE B 188 43.84 -4.54 -6.15
N GLY B 189 43.46 -4.75 -4.89
CA GLY B 189 42.86 -6.02 -4.49
C GLY B 189 42.00 -5.84 -3.27
N VAL B 190 40.80 -6.40 -3.29
CA VAL B 190 39.89 -6.27 -2.15
C VAL B 190 40.02 -7.52 -1.31
N ILE B 191 40.55 -7.39 -0.10
CA ILE B 191 40.82 -8.54 0.75
C ILE B 191 39.53 -9.30 1.00
N LYS B 192 39.57 -10.62 0.78
CA LYS B 192 38.42 -11.51 0.96
C LYS B 192 38.82 -12.78 1.69
N PRO B 193 37.99 -13.25 2.65
CA PRO B 193 36.75 -12.61 3.11
C PRO B 193 37.05 -11.33 3.90
N ASN B 194 36.03 -10.50 4.13
CA ASN B 194 36.20 -9.28 4.96
C ASN B 194 35.26 -9.25 6.16
N ILE B 195 33.97 -9.01 5.88
CA ILE B 195 32.90 -9.08 6.85
C ILE B 195 32.98 -10.43 7.54
N GLY B 196 33.29 -10.40 8.83
CA GLY B 196 33.29 -11.61 9.62
C GLY B 196 34.63 -11.95 10.19
N LEU B 197 35.69 -11.41 9.58
CA LEU B 197 37.03 -11.69 10.04
C LEU B 197 37.49 -10.72 11.12
N PRO B 198 38.02 -11.27 12.26
CA PRO B 198 38.68 -10.46 13.27
C PRO B 198 39.93 -9.80 12.64
N PRO B 199 40.58 -8.86 13.37
CA PRO B 199 41.58 -8.08 12.62
C PRO B 199 42.87 -8.84 12.28
N GLN B 200 43.20 -9.92 12.98
CA GLN B 200 44.51 -10.56 12.78
C GLN B 200 44.69 -11.32 11.46
N PRO B 201 43.84 -12.33 11.16
CA PRO B 201 44.06 -13.10 9.92
C PRO B 201 43.84 -12.24 8.67
N PHE B 202 43.42 -11.01 8.91
CA PHE B 202 43.22 -10.03 7.87
C PHE B 202 44.56 -9.54 7.29
N ALA B 203 45.48 -9.15 8.19
CA ALA B 203 46.79 -8.67 7.81
C ALA B 203 47.54 -9.73 7.03
N GLU B 204 47.32 -10.98 7.42
CA GLU B 204 47.90 -12.14 6.75
C GLU B 204 47.67 -12.14 5.24
N LEU B 205 46.40 -12.12 4.86
CA LEU B 205 46.02 -12.12 3.47
C LEU B 205 46.56 -10.91 2.72
N GLY B 206 46.46 -9.74 3.35
CA GLY B 206 47.00 -8.53 2.77
C GLY B 206 48.48 -8.69 2.51
N TYR B 207 49.21 -9.12 3.54
CA TYR B 207 50.65 -9.28 3.46
C TYR B 207 51.06 -10.09 2.24
N GLN B 208 50.36 -11.19 2.05
CA GLN B 208 50.67 -12.10 0.97
C GLN B 208 50.46 -11.52 -0.41
N SER B 209 49.27 -10.98 -0.62
CA SER B 209 48.89 -10.39 -1.90
C SER B 209 49.85 -9.29 -2.35
N TRP B 210 50.35 -8.49 -1.39
CA TRP B 210 51.40 -7.50 -1.67
C TRP B 210 52.69 -8.17 -2.17
N THR B 211 53.08 -9.24 -1.48
CA THR B 211 54.28 -9.98 -1.84
C THR B 211 54.12 -10.55 -3.25
N GLY B 212 52.92 -11.06 -3.55
CA GLY B 212 52.61 -11.64 -4.85
C GLY B 212 52.75 -10.65 -5.99
N GLY B 213 52.59 -9.36 -5.67
CA GLY B 213 52.81 -8.27 -6.63
C GLY B 213 51.71 -7.24 -6.69
N LEU B 214 50.81 -7.24 -5.71
CA LEU B 214 49.80 -6.20 -5.60
C LEU B 214 50.39 -4.88 -5.15
N ASP B 215 49.85 -3.79 -5.69
CA ASP B 215 50.26 -2.44 -5.33
C ASP B 215 49.48 -2.03 -4.10
N ILE B 216 48.16 -2.19 -4.17
CA ILE B 216 47.26 -1.75 -3.13
C ILE B 216 46.28 -2.82 -2.67
N ALA B 217 46.26 -3.07 -1.37
CA ALA B 217 45.29 -3.96 -0.78
C ALA B 217 44.30 -3.08 -0.07
N LYS B 218 43.03 -3.28 -0.37
CA LYS B 218 41.96 -2.42 0.12
C LYS B 218 40.92 -3.17 0.95
N ASP B 219 40.29 -2.39 1.84
CA ASP B 219 39.11 -2.79 2.59
C ASP B 219 37.89 -2.83 1.68
N ASP B 220 36.98 -3.75 1.94
CA ASP B 220 35.68 -3.75 1.27
C ASP B 220 34.90 -2.45 1.59
N GLU B 221 34.00 -2.05 0.67
CA GLU B 221 33.16 -0.84 0.82
C GLU B 221 32.43 -0.83 2.15
N MET B 222 31.96 -2.01 2.55
CA MET B 222 31.13 -2.21 3.72
C MET B 222 31.91 -2.54 4.99
N LEU B 223 33.19 -2.21 5.03
CA LEU B 223 33.97 -2.49 6.22
C LEU B 223 34.62 -1.22 6.75
N ALA B 224 34.04 -0.65 7.80
CA ALA B 224 34.63 0.52 8.45
C ALA B 224 34.98 0.23 9.91
N ASP B 225 34.66 1.17 10.79
CA ASP B 225 34.97 1.08 12.22
C ASP B 225 33.83 0.37 12.96
N VAL B 226 34.04 -0.90 13.30
CA VAL B 226 33.01 -1.69 13.99
C VAL B 226 33.55 -2.49 15.17
N ASP B 227 32.67 -2.80 16.11
CA ASP B 227 33.01 -3.63 17.28
C ASP B 227 33.96 -4.78 16.99
N TRP B 228 33.58 -5.64 16.05
CA TRP B 228 34.29 -6.89 15.74
C TRP B 228 35.59 -6.72 14.95
N CYS B 229 35.77 -5.60 14.26
CA CYS B 229 37.01 -5.34 13.53
C CYS B 229 37.30 -3.84 13.48
N PRO B 230 37.64 -3.24 14.64
CA PRO B 230 37.84 -1.79 14.70
C PRO B 230 38.95 -1.30 13.78
N LEU B 231 38.79 -0.09 13.24
CA LEU B 231 39.75 0.47 12.31
C LEU B 231 41.06 0.73 13.00
N ALA B 232 40.99 1.18 14.26
CA ALA B 232 42.18 1.37 15.08
C ALA B 232 43.17 0.19 14.90
N GLU B 233 42.64 -1.03 15.01
CA GLU B 233 43.45 -2.26 15.02
C GLU B 233 43.76 -2.88 13.66
N ARG B 234 42.77 -2.90 12.76
CA ARG B 234 42.99 -3.32 11.38
C ARG B 234 44.19 -2.60 10.82
N ALA B 235 44.13 -1.28 10.88
CA ALA B 235 45.11 -0.40 10.25
C ALA B 235 46.46 -0.58 10.87
N ALA B 236 46.52 -0.72 12.19
CA ALA B 236 47.77 -1.02 12.86
C ALA B 236 48.45 -2.26 12.26
N LEU B 237 47.70 -3.35 12.15
CA LEU B 237 48.23 -4.63 11.67
C LEU B 237 48.53 -4.61 10.17
N LEU B 238 47.65 -4.00 9.40
CA LEU B 238 47.82 -3.90 7.96
C LEU B 238 48.89 -2.89 7.58
N GLY B 239 49.03 -1.84 8.38
CA GLY B 239 50.14 -0.90 8.22
C GLY B 239 51.50 -1.58 8.40
N ASP B 240 51.61 -2.45 9.41
CA ASP B 240 52.80 -3.28 9.64
C ASP B 240 53.07 -4.18 8.47
N ALA B 241 52.06 -4.97 8.11
CA ALA B 241 52.14 -5.94 7.04
C ALA B 241 52.57 -5.22 5.79
N CYS B 242 52.16 -3.96 5.69
CA CYS B 242 52.51 -3.16 4.52
C CYS B 242 53.96 -2.72 4.52
N ARG B 243 54.42 -2.10 5.61
CA ARG B 243 55.83 -1.72 5.76
C ARG B 243 56.74 -2.94 5.61
N ARG B 244 56.27 -4.09 6.09
CA ARG B 244 57.01 -5.34 6.04
C ARG B 244 57.19 -5.81 4.59
N ALA B 245 56.09 -5.86 3.83
CA ALA B 245 56.13 -6.33 2.44
C ALA B 245 56.87 -5.36 1.53
N SER B 246 56.76 -4.08 1.85
CA SER B 246 57.38 -2.99 1.10
C SER B 246 58.90 -3.09 1.17
N ALA B 247 59.42 -3.37 2.37
CA ALA B 247 60.86 -3.54 2.61
C ALA B 247 61.35 -4.82 1.95
N GLU B 248 60.60 -5.91 2.13
CA GLU B 248 60.95 -7.23 1.57
C GLU B 248 60.90 -7.35 0.04
N THR B 249 60.08 -6.54 -0.61
CA THR B 249 60.06 -6.51 -2.06
C THR B 249 60.83 -5.29 -2.62
N GLY B 250 61.10 -4.29 -1.78
CA GLY B 250 61.86 -3.12 -2.19
C GLY B 250 61.08 -2.13 -3.03
N VAL B 251 59.82 -2.45 -3.28
CA VAL B 251 58.89 -1.56 -4.01
C VAL B 251 57.86 -1.03 -3.02
N PRO B 252 57.50 0.25 -3.13
CA PRO B 252 56.47 0.79 -2.22
C PRO B 252 55.12 0.08 -2.35
N LYS B 253 54.57 -0.35 -1.23
CA LYS B 253 53.21 -0.94 -1.15
C LYS B 253 52.25 -0.02 -0.37
N ILE B 254 50.94 -0.18 -0.56
CA ILE B 254 49.99 0.75 0.04
C ILE B 254 48.78 0.04 0.60
N TYR B 255 48.39 0.43 1.82
CA TYR B 255 47.17 -0.06 2.43
C TYR B 255 46.07 1.00 2.31
N LEU B 256 44.99 0.63 1.64
CA LEU B 256 43.85 1.52 1.42
C LEU B 256 42.74 1.24 2.42
N ALA B 257 42.64 2.09 3.44
CA ALA B 257 41.70 1.92 4.57
C ALA B 257 40.40 2.66 4.35
N ASN B 258 39.28 1.97 4.57
CA ASN B 258 37.96 2.56 4.43
C ASN B 258 37.59 3.28 5.70
N ILE B 259 37.31 4.58 5.57
CA ILE B 259 36.98 5.45 6.69
C ILE B 259 35.57 6.07 6.55
N THR B 260 34.69 5.35 5.88
CA THR B 260 33.32 5.77 5.75
C THR B 260 32.62 5.78 7.11
N ASP B 261 32.08 6.93 7.49
CA ASP B 261 31.45 7.12 8.80
C ASP B 261 30.68 8.46 8.83
N GLU B 262 30.04 8.78 9.96
CA GLU B 262 29.39 10.08 10.12
C GLU B 262 30.39 11.22 9.86
N VAL B 263 29.94 12.23 9.13
CA VAL B 263 30.77 13.34 8.64
C VAL B 263 31.71 13.95 9.67
N ASP B 264 31.23 14.18 10.89
CA ASP B 264 32.07 14.75 11.94
C ASP B 264 33.26 13.84 12.30
N ARG B 265 33.04 12.52 12.31
CA ARG B 265 34.12 11.59 12.63
C ARG B 265 35.16 11.35 11.52
N LEU B 266 34.94 11.93 10.34
CA LEU B 266 35.82 11.73 9.16
C LEU B 266 37.24 12.20 9.35
N THR B 267 37.39 13.37 9.94
CA THR B 267 38.71 13.90 10.25
C THR B 267 39.43 13.05 11.29
N GLU B 268 38.70 12.65 12.34
CA GLU B 268 39.26 11.77 13.36
C GLU B 268 39.81 10.48 12.74
N LEU B 269 39.05 9.85 11.85
CA LEU B 269 39.47 8.59 11.22
C LEU B 269 40.64 8.74 10.25
N HIS B 270 40.68 9.86 9.54
CA HIS B 270 41.83 10.16 8.69
C HIS B 270 43.11 10.00 9.50
N ASP B 271 43.15 10.67 10.64
CA ASP B 271 44.33 10.68 11.49
C ASP B 271 44.65 9.29 12.06
N VAL B 272 43.65 8.60 12.61
CA VAL B 272 43.83 7.24 13.11
C VAL B 272 44.45 6.32 12.05
N ALA B 273 43.91 6.35 10.83
CA ALA B 273 44.36 5.47 9.77
C ALA B 273 45.76 5.85 9.31
N VAL B 274 45.99 7.13 9.04
CA VAL B 274 47.29 7.63 8.57
C VAL B 274 48.38 7.38 9.60
N ALA B 275 48.11 7.73 10.85
CA ALA B 275 49.03 7.43 11.96
C ALA B 275 49.44 5.96 12.02
N ASN B 276 48.57 5.07 11.56
CA ASN B 276 48.82 3.65 11.65
C ASN B 276 49.44 3.02 10.40
N GLY B 277 49.72 3.84 9.40
CA GLY B 277 50.39 3.41 8.19
C GLY B 277 49.50 3.24 6.98
N ALA B 278 48.32 3.86 7.00
CA ALA B 278 47.43 3.79 5.83
C ALA B 278 48.02 4.71 4.79
N GLY B 279 48.18 4.19 3.58
CA GLY B 279 48.80 4.95 2.50
C GLY B 279 47.82 5.80 1.71
N ALA B 280 46.54 5.42 1.78
CA ALA B 280 45.49 6.08 1.06
C ALA B 280 44.15 5.78 1.75
N LEU B 281 43.14 6.63 1.49
CA LEU B 281 41.84 6.50 2.13
C LEU B 281 40.76 6.29 1.11
N LEU B 282 39.81 5.44 1.50
CA LEU B 282 38.64 5.11 0.70
C LEU B 282 37.39 5.61 1.39
N ILE B 283 36.61 6.36 0.63
CA ILE B 283 35.31 6.88 1.09
C ILE B 283 34.20 6.49 0.11
N ASN B 284 33.05 6.06 0.64
CA ASN B 284 31.85 5.89 -0.17
C ASN B 284 31.21 7.25 -0.51
N ALA B 285 31.54 7.74 -1.71
CA ALA B 285 31.25 9.11 -2.17
C ALA B 285 29.82 9.60 -1.95
N MET B 286 28.83 8.84 -2.44
CA MET B 286 27.42 9.22 -2.27
C MET B 286 26.88 9.21 -0.83
N PRO B 287 26.96 8.06 -0.12
CA PRO B 287 26.48 8.02 1.27
C PRO B 287 26.99 9.15 2.21
N VAL B 288 28.28 9.48 2.17
CA VAL B 288 28.80 10.52 3.06
C VAL B 288 28.40 11.93 2.60
N GLY B 289 28.28 12.09 1.28
CA GLY B 289 27.98 13.39 0.66
C GLY B 289 29.24 13.97 0.06
N LEU B 290 29.12 14.48 -1.17
CA LEU B 290 30.28 15.03 -1.90
C LEU B 290 30.87 16.26 -1.23
N SER B 291 30.00 17.04 -0.58
CA SER B 291 30.45 18.19 0.18
C SER B 291 31.37 17.76 1.32
N ALA B 292 31.03 16.66 1.98
CA ALA B 292 31.86 16.06 3.03
C ALA B 292 33.28 15.77 2.54
N VAL B 293 33.39 15.14 1.37
CA VAL B 293 34.68 14.82 0.76
C VAL B 293 35.53 16.07 0.57
N ARG B 294 34.91 17.09 0.01
CA ARG B 294 35.59 18.33 -0.32
C ARG B 294 36.22 18.95 0.92
N MET B 295 35.60 18.73 2.06
CA MET B 295 36.06 19.24 3.34
C MET B 295 37.23 18.39 3.89
N LEU B 296 37.17 17.09 3.65
CA LEU B 296 38.26 16.20 4.03
C LEU B 296 39.52 16.46 3.18
N ARG B 297 39.32 16.76 1.90
CA ARG B 297 40.39 17.11 0.98
C ARG B 297 41.27 18.24 1.50
N LYS B 298 40.64 19.24 2.13
CA LYS B 298 41.36 20.35 2.74
C LYS B 298 42.27 19.89 3.88
N HIS B 299 42.02 18.71 4.42
CA HIS B 299 42.71 18.26 5.63
C HIS B 299 43.58 17.02 5.40
N ALA B 300 43.23 16.27 4.35
CA ALA B 300 43.85 14.97 4.09
C ALA B 300 45.29 15.09 3.64
N THR B 301 46.12 14.13 4.03
CA THR B 301 47.52 14.11 3.64
C THR B 301 47.86 12.98 2.64
N VAL B 302 46.97 12.00 2.47
CA VAL B 302 47.21 10.91 1.53
C VAL B 302 46.15 10.94 0.42
N PRO B 303 46.33 10.17 -0.67
CA PRO B 303 45.31 10.14 -1.73
C PRO B 303 43.89 9.72 -1.27
N LEU B 304 42.87 10.28 -1.91
CA LEU B 304 41.49 9.93 -1.63
C LEU B 304 40.90 9.12 -2.77
N ILE B 305 40.11 8.11 -2.42
CA ILE B 305 39.62 7.13 -3.37
C ILE B 305 38.12 6.99 -3.16
N ALA B 306 37.35 7.11 -4.23
CA ALA B 306 35.88 6.95 -4.15
C ALA B 306 35.42 5.56 -4.56
N HIS B 307 34.58 4.95 -3.75
CA HIS B 307 33.87 3.76 -4.20
C HIS B 307 32.53 4.16 -4.78
N PHE B 308 31.81 3.21 -5.35
CA PHE B 308 30.57 3.55 -6.09
C PHE B 308 29.19 3.15 -5.50
N PRO B 309 29.13 2.72 -4.21
CA PRO B 309 27.79 2.41 -3.71
C PRO B 309 26.86 3.57 -3.89
N PHE B 310 25.64 3.24 -4.31
CA PHE B 310 24.51 4.17 -4.45
C PHE B 310 24.33 4.80 -5.83
N ILE B 311 25.42 5.28 -6.45
CA ILE B 311 25.34 5.88 -7.79
C ILE B 311 24.37 5.13 -8.74
N ALA B 312 24.43 3.81 -8.75
CA ALA B 312 23.58 2.96 -9.61
C ALA B 312 22.07 3.21 -9.53
N ALA B 313 21.55 3.44 -8.32
CA ALA B 313 20.12 3.71 -8.10
C ALA B 313 19.55 4.80 -9.02
N PHE B 314 20.36 5.80 -9.35
CA PHE B 314 19.92 6.90 -10.23
C PHE B 314 20.61 7.03 -11.59
N SER B 315 21.56 6.15 -11.88
CA SER B 315 22.29 6.21 -13.14
C SER B 315 22.04 5.06 -14.12
N ARG B 316 21.38 3.98 -13.70
CA ARG B 316 21.26 2.81 -14.57
C ARG B 316 20.34 2.98 -15.74
N LEU B 317 19.08 3.34 -15.50
CA LEU B 317 18.10 3.51 -16.58
C LEU B 317 18.52 4.59 -17.62
N ALA B 318 18.45 4.24 -18.90
CA ALA B 318 18.91 5.10 -20.01
C ALA B 318 18.00 6.30 -20.31
N ASN B 319 16.74 6.18 -19.93
CA ASN B 319 15.72 7.18 -20.20
C ASN B 319 15.42 8.10 -19.02
N TYR B 320 16.06 7.87 -17.86
CA TYR B 320 15.74 8.62 -16.64
C TYR B 320 16.90 8.76 -15.66
N GLY B 321 17.01 9.94 -15.03
CA GLY B 321 17.97 10.13 -13.97
C GLY B 321 19.17 10.94 -14.41
N ILE B 322 20.32 10.58 -13.88
CA ILE B 322 21.59 11.27 -14.15
C ILE B 322 22.65 10.27 -14.63
N HIS B 323 23.28 10.59 -15.76
CA HIS B 323 24.34 9.77 -16.33
C HIS B 323 25.50 9.67 -15.31
N SER B 324 26.04 8.47 -15.08
CA SER B 324 27.10 8.30 -14.09
C SER B 324 28.37 9.12 -14.40
N ARG B 325 28.53 9.49 -15.67
CA ARG B 325 29.61 10.38 -16.11
C ARG B 325 29.59 11.72 -15.37
N VAL B 326 28.39 12.29 -15.24
CA VAL B 326 28.19 13.51 -14.49
C VAL B 326 28.74 13.35 -13.06
N MET B 327 28.46 12.20 -12.45
CA MET B 327 28.94 11.92 -11.10
C MET B 327 30.44 11.94 -11.06
N THR B 328 31.03 11.24 -12.02
CA THR B 328 32.47 11.13 -12.13
C THR B 328 33.12 12.52 -12.21
N ARG B 329 32.56 13.38 -13.06
CA ARG B 329 33.03 14.76 -13.17
C ARG B 329 33.05 15.35 -11.78
N LEU B 330 31.93 15.27 -11.08
CA LEU B 330 31.80 15.90 -9.76
C LEU B 330 32.74 15.31 -8.73
N GLN B 331 32.88 13.99 -8.71
CA GLN B 331 33.80 13.31 -7.79
C GLN B 331 35.25 13.78 -7.97
N ARG B 332 35.64 13.91 -9.23
CA ARG B 332 36.96 14.41 -9.58
C ARG B 332 37.08 15.86 -9.06
N LEU B 333 36.08 16.67 -9.39
CA LEU B 333 36.03 18.07 -9.03
C LEU B 333 36.14 18.26 -7.51
N ALA B 334 35.49 17.36 -6.78
CA ALA B 334 35.38 17.44 -5.34
C ALA B 334 36.71 17.19 -4.66
N GLY B 335 37.53 16.31 -5.26
CA GLY B 335 38.85 16.02 -4.73
C GLY B 335 39.38 14.59 -4.78
N PHE B 336 38.61 13.64 -5.33
CA PHE B 336 39.08 12.29 -5.42
C PHE B 336 40.27 12.12 -6.36
N ASP B 337 41.25 11.32 -5.93
CA ASP B 337 42.41 11.03 -6.79
C ASP B 337 42.19 9.74 -7.61
N VAL B 338 41.24 8.93 -7.18
CA VAL B 338 40.94 7.67 -7.82
C VAL B 338 39.45 7.48 -7.73
N VAL B 339 38.83 7.08 -8.84
CA VAL B 339 37.40 6.82 -8.87
C VAL B 339 37.16 5.36 -9.26
N ILE B 340 36.66 4.57 -8.31
CA ILE B 340 36.23 3.21 -8.61
C ILE B 340 34.82 3.29 -9.21
N MET B 341 34.69 2.90 -10.46
CA MET B 341 33.42 2.86 -11.14
C MET B 341 33.04 1.41 -11.45
N PRO B 342 31.80 1.18 -11.90
CA PRO B 342 31.44 -0.14 -12.43
C PRO B 342 32.14 -0.38 -13.76
N GLY B 343 32.68 -1.59 -13.96
CA GLY B 343 33.52 -1.89 -15.10
C GLY B 343 32.84 -2.66 -16.19
N PHE B 344 33.62 -3.53 -16.86
CA PHE B 344 33.12 -4.40 -17.92
C PHE B 344 32.85 -5.79 -17.36
N GLY B 345 32.53 -6.72 -18.25
CA GLY B 345 31.96 -7.98 -17.82
C GLY B 345 30.45 -7.79 -17.81
N PRO B 346 29.70 -8.87 -18.12
CA PRO B 346 28.25 -8.69 -18.27
C PRO B 346 27.60 -8.69 -16.88
N ARG B 347 28.33 -9.29 -15.93
CA ARG B 347 28.01 -9.35 -14.51
C ARG B 347 27.85 -7.94 -13.88
N MET B 348 28.22 -6.92 -14.64
CA MET B 348 28.19 -5.52 -14.19
C MET B 348 27.04 -4.69 -14.76
N MET B 349 26.26 -5.26 -15.67
CA MET B 349 25.02 -4.65 -16.13
C MET B 349 25.08 -3.15 -16.48
N THR B 350 26.20 -2.69 -17.04
CA THR B 350 26.36 -1.29 -17.50
C THR B 350 26.84 -1.24 -18.95
N PRO B 351 26.13 -0.47 -19.81
CA PRO B 351 26.50 -0.39 -21.23
C PRO B 351 27.98 -0.08 -21.42
N GLU B 352 28.63 -0.80 -22.33
CA GLU B 352 30.04 -0.63 -22.67
C GLU B 352 30.52 0.82 -22.73
N HIS B 353 29.90 1.59 -23.63
CA HIS B 353 30.27 2.97 -23.91
C HIS B 353 30.03 3.89 -22.72
N GLU B 354 29.04 3.57 -21.89
CA GLU B 354 28.76 4.33 -20.69
C GLU B 354 29.99 4.27 -19.79
N VAL B 355 30.54 3.07 -19.58
CA VAL B 355 31.73 2.89 -18.75
C VAL B 355 32.87 3.74 -19.28
N LEU B 356 33.06 3.69 -20.60
CA LEU B 356 34.09 4.47 -21.28
C LEU B 356 33.92 5.98 -21.14
N ASP B 357 32.67 6.45 -21.14
CA ASP B 357 32.39 7.88 -20.93
C ASP B 357 32.94 8.35 -19.61
N CYS B 358 32.97 7.44 -18.65
CA CYS B 358 33.49 7.69 -17.31
C CYS B 358 34.99 7.67 -17.23
N ILE B 359 35.57 6.63 -17.83
CA ILE B 359 37.01 6.56 -18.00
C ILE B 359 37.52 7.84 -18.69
N ARG B 360 36.85 8.26 -19.77
CA ARG B 360 37.05 9.59 -20.41
C ARG B 360 36.91 10.76 -19.41
N ALA B 361 35.84 10.75 -18.64
CA ALA B 361 35.58 11.81 -17.68
C ALA B 361 36.74 11.99 -16.71
N CYS B 362 37.36 10.90 -16.30
CA CYS B 362 38.44 10.92 -15.32
C CYS B 362 39.71 11.51 -15.90
N LEU B 363 39.98 11.17 -17.15
CA LEU B 363 41.27 11.46 -17.76
C LEU B 363 41.23 12.74 -18.56
N GLU B 364 40.08 13.09 -19.13
CA GLU B 364 39.92 14.31 -19.94
C GLU B 364 40.60 15.53 -19.33
N PRO B 365 41.18 16.40 -20.18
CA PRO B 365 41.68 17.68 -19.70
C PRO B 365 40.49 18.46 -19.14
N MET B 366 40.65 19.07 -17.97
CA MET B 366 39.52 19.77 -17.35
C MET B 366 39.98 21.04 -16.64
N GLY B 367 40.49 21.99 -17.41
CA GLY B 367 41.07 23.21 -16.85
C GLY B 367 42.14 22.85 -15.83
N PRO B 368 42.18 23.57 -14.69
CA PRO B 368 43.24 23.37 -13.71
C PRO B 368 43.04 22.14 -12.86
N ILE B 369 41.99 21.37 -13.13
CA ILE B 369 41.70 20.16 -12.36
C ILE B 369 42.49 18.97 -12.89
N LYS B 370 43.23 18.31 -11.99
CA LYS B 370 44.03 17.17 -12.36
C LYS B 370 43.20 15.99 -12.86
N PRO B 371 43.76 15.20 -13.80
CA PRO B 371 43.10 13.92 -14.15
C PRO B 371 43.24 12.91 -13.03
N CYS B 372 42.12 12.30 -12.65
CA CYS B 372 42.16 11.26 -11.64
C CYS B 372 42.14 9.86 -12.29
N LEU B 373 42.56 8.86 -11.53
CA LEU B 373 42.68 7.50 -12.02
C LEU B 373 41.35 6.68 -12.03
N PRO B 374 40.92 6.22 -13.21
CA PRO B 374 39.68 5.45 -13.29
C PRO B 374 39.95 3.99 -12.93
N VAL B 375 39.03 3.38 -12.21
CA VAL B 375 39.22 2.00 -11.79
C VAL B 375 37.94 1.19 -12.04
N PRO B 376 37.81 0.57 -13.24
CA PRO B 376 36.68 -0.29 -13.61
C PRO B 376 36.57 -1.56 -12.77
N GLY B 377 35.43 -1.71 -12.08
CA GLY B 377 35.10 -2.91 -11.31
C GLY B 377 34.83 -4.10 -12.20
N GLY B 378 33.87 -4.95 -11.80
CA GLY B 378 33.62 -6.23 -12.48
C GLY B 378 34.43 -7.33 -11.81
N SER B 379 34.00 -8.59 -11.95
CA SER B 379 34.77 -9.70 -11.38
C SER B 379 35.99 -10.04 -12.25
N ASP B 380 37.08 -9.33 -11.95
CA ASP B 380 38.29 -9.38 -12.74
C ASP B 380 39.29 -10.37 -12.21
N SER B 381 40.01 -10.97 -13.15
CA SER B 381 41.06 -11.91 -12.85
C SER B 381 42.17 -11.76 -13.86
N ALA B 382 43.18 -12.60 -13.74
CA ALA B 382 44.27 -12.61 -14.68
C ALA B 382 43.71 -12.74 -16.11
N ALA B 383 42.54 -13.38 -16.25
CA ALA B 383 41.90 -13.62 -17.56
C ALA B 383 41.29 -12.37 -18.22
N THR B 384 40.78 -11.46 -17.41
CA THR B 384 40.06 -10.34 -17.98
C THR B 384 40.95 -9.12 -18.21
N LEU B 385 42.18 -9.15 -17.69
CA LEU B 385 43.08 -7.99 -17.77
C LEU B 385 43.32 -7.58 -19.21
N GLU B 386 43.70 -8.56 -20.04
CA GLU B 386 43.94 -8.32 -21.45
C GLU B 386 42.80 -7.49 -22.04
N ASN B 387 41.58 -7.91 -21.73
CA ASN B 387 40.41 -7.24 -22.25
C ASN B 387 40.28 -5.81 -21.79
N VAL B 388 40.36 -5.58 -20.49
CA VAL B 388 40.21 -4.24 -19.95
C VAL B 388 41.20 -3.29 -20.59
N TYR B 389 42.42 -3.76 -20.80
CA TYR B 389 43.48 -2.91 -21.35
C TYR B 389 43.17 -2.52 -22.78
N ARG B 390 42.67 -3.49 -23.54
CA ARG B 390 42.24 -3.24 -24.90
C ARG B 390 41.14 -2.21 -24.88
N LYS B 391 40.17 -2.40 -23.99
CA LYS B 391 39.02 -1.53 -23.96
C LYS B 391 39.28 -0.14 -23.41
N VAL B 392 40.25 -0.02 -22.49
CA VAL B 392 40.61 1.29 -21.94
C VAL B 392 41.45 2.06 -22.95
N GLY B 393 42.19 1.34 -23.78
CA GLY B 393 42.98 1.99 -24.81
C GLY B 393 44.38 2.40 -24.39
N SER B 394 44.69 2.37 -23.09
CA SER B 394 46.02 2.72 -22.58
C SER B 394 46.25 2.15 -21.18
N ALA B 395 47.42 2.38 -20.62
CA ALA B 395 47.78 1.80 -19.31
C ALA B 395 47.32 2.63 -18.11
N ASP B 396 46.57 3.69 -18.36
CA ASP B 396 46.14 4.59 -17.29
C ASP B 396 44.84 4.17 -16.62
N PHE B 397 44.89 3.09 -15.85
CA PHE B 397 43.70 2.63 -15.13
C PHE B 397 44.08 1.78 -13.91
N GLY B 398 43.13 1.61 -13.00
CA GLY B 398 43.27 0.70 -11.89
C GLY B 398 42.63 -0.62 -12.26
N PHE B 399 42.94 -1.67 -11.52
CA PHE B 399 42.39 -2.98 -11.78
C PHE B 399 42.09 -3.61 -10.43
N VAL B 400 40.83 -4.00 -10.20
CA VAL B 400 40.43 -4.41 -8.84
C VAL B 400 39.86 -5.82 -8.74
N PRO B 401 40.71 -6.83 -8.70
CA PRO B 401 40.18 -8.17 -8.46
C PRO B 401 39.76 -8.38 -7.00
N GLY B 402 38.82 -9.28 -6.78
CA GLY B 402 38.47 -9.77 -5.44
C GLY B 402 38.89 -11.22 -5.32
N ARG B 403 37.98 -12.13 -5.66
CA ARG B 403 38.41 -13.46 -6.09
C ARG B 403 39.19 -13.24 -7.36
N GLY B 404 40.11 -14.13 -7.65
CA GLY B 404 40.99 -13.89 -8.78
C GLY B 404 42.32 -13.41 -8.27
N VAL B 405 42.30 -12.78 -7.10
CA VAL B 405 43.51 -12.68 -6.29
C VAL B 405 43.35 -13.58 -5.07
N PHE B 406 42.36 -13.26 -4.23
CA PHE B 406 42.16 -14.02 -3.00
C PHE B 406 41.43 -15.34 -3.24
N GLY B 407 40.79 -15.47 -4.41
CA GLY B 407 40.14 -16.72 -4.79
C GLY B 407 41.03 -17.74 -5.51
N HIS B 408 42.22 -17.32 -5.93
CA HIS B 408 43.12 -18.16 -6.73
C HIS B 408 43.45 -19.50 -6.04
N PRO B 409 43.40 -20.60 -6.80
CA PRO B 409 43.67 -21.98 -6.30
C PRO B 409 44.99 -22.14 -5.52
N MET B 410 46.05 -21.50 -6.01
CA MET B 410 47.38 -21.57 -5.41
C MET B 410 47.53 -20.62 -4.19
N GLY B 411 46.49 -19.82 -3.91
CA GLY B 411 46.51 -18.88 -2.79
C GLY B 411 46.76 -17.46 -3.21
N PRO B 412 46.63 -16.51 -2.28
CA PRO B 412 46.58 -15.10 -2.65
C PRO B 412 47.88 -14.63 -3.31
N ALA B 413 49.01 -15.01 -2.73
CA ALA B 413 50.31 -14.58 -3.22
C ALA B 413 50.41 -14.87 -4.71
N ALA B 414 50.03 -16.09 -5.09
CA ALA B 414 50.07 -16.54 -6.48
C ALA B 414 49.02 -15.85 -7.35
N GLY B 415 47.88 -15.52 -6.75
CA GLY B 415 46.81 -14.80 -7.44
C GLY B 415 47.30 -13.45 -7.92
N ALA B 416 47.97 -12.73 -7.02
CA ALA B 416 48.61 -11.47 -7.37
C ALA B 416 49.59 -11.72 -8.49
N THR B 417 50.51 -12.66 -8.30
CA THR B 417 51.50 -12.99 -9.32
C THR B 417 50.86 -13.20 -10.70
N SER B 418 49.78 -13.97 -10.73
CA SER B 418 49.09 -14.28 -11.98
C SER B 418 48.72 -13.03 -12.76
N ILE B 419 48.23 -12.00 -12.06
CA ILE B 419 47.96 -10.72 -12.68
C ILE B 419 49.24 -10.09 -13.23
N ARG B 420 50.30 -10.07 -12.41
CA ARG B 420 51.59 -9.45 -12.78
C ARG B 420 52.11 -10.00 -14.09
N GLN B 421 52.00 -11.33 -14.21
CA GLN B 421 52.38 -12.07 -15.42
C GLN B 421 51.47 -11.80 -16.61
N ALA B 422 50.16 -11.90 -16.37
CA ALA B 422 49.18 -11.50 -17.38
C ALA B 422 49.60 -10.16 -17.95
N TRP B 423 49.93 -9.22 -17.08
CA TRP B 423 50.42 -7.93 -17.53
C TRP B 423 51.70 -8.08 -18.34
N ASP B 424 52.68 -8.80 -17.78
CA ASP B 424 53.97 -8.98 -18.43
C ASP B 424 53.80 -9.37 -19.89
N ALA B 425 52.83 -10.23 -20.14
CA ALA B 425 52.51 -10.68 -21.49
C ALA B 425 52.10 -9.51 -22.36
N ILE B 426 51.02 -8.85 -21.96
CA ILE B 426 50.48 -7.73 -22.68
C ILE B 426 51.54 -6.67 -23.01
N ALA B 427 52.34 -6.30 -22.00
CA ALA B 427 53.40 -5.28 -22.14
C ALA B 427 54.47 -5.68 -23.15
N ALA B 428 54.68 -6.98 -23.29
CA ALA B 428 55.58 -7.50 -24.31
C ALA B 428 54.85 -7.83 -25.64
N GLY B 429 53.54 -7.56 -25.67
CA GLY B 429 52.72 -7.88 -26.85
C GLY B 429 52.57 -9.36 -27.17
N ILE B 430 52.92 -10.21 -26.21
CA ILE B 430 52.71 -11.67 -26.29
C ILE B 430 51.26 -11.98 -25.90
N PRO B 431 50.50 -12.69 -26.77
CA PRO B 431 49.12 -13.01 -26.35
C PRO B 431 49.14 -13.83 -25.07
N VAL B 432 48.11 -13.69 -24.24
CA VAL B 432 48.15 -14.22 -22.87
C VAL B 432 48.26 -15.74 -22.74
N PRO B 433 47.23 -16.51 -23.19
CA PRO B 433 47.34 -17.97 -23.08
C PRO B 433 48.69 -18.57 -23.52
N ASP B 434 49.43 -17.87 -24.39
CA ASP B 434 50.75 -18.31 -24.85
C ASP B 434 51.79 -18.21 -23.74
N HIS B 435 51.88 -17.02 -23.14
CA HIS B 435 52.75 -16.78 -22.01
C HIS B 435 52.40 -17.74 -20.87
N ALA B 436 51.09 -17.98 -20.71
CA ALA B 436 50.56 -18.86 -19.68
C ALA B 436 51.09 -20.28 -19.76
N ALA B 437 51.45 -20.69 -20.97
CA ALA B 437 52.01 -22.01 -21.18
C ALA B 437 53.33 -22.25 -20.42
N SER B 438 54.00 -21.20 -19.95
CA SER B 438 55.26 -21.37 -19.20
C SER B 438 55.27 -20.79 -17.78
N HIS B 439 54.12 -20.27 -17.34
CA HIS B 439 53.99 -19.71 -15.98
C HIS B 439 52.82 -20.33 -15.22
N PRO B 440 53.11 -21.19 -14.23
CA PRO B 440 52.11 -22.01 -13.54
C PRO B 440 50.93 -21.24 -12.93
N GLU B 441 51.20 -20.06 -12.38
CA GLU B 441 50.19 -19.26 -11.69
C GLU B 441 49.20 -18.69 -12.67
N LEU B 442 49.72 -18.12 -13.76
CA LEU B 442 48.91 -17.56 -14.83
C LEU B 442 48.04 -18.64 -15.50
N ALA B 443 48.62 -19.82 -15.65
CA ALA B 443 47.92 -20.97 -16.24
C ALA B 443 46.77 -21.41 -15.34
N ALA B 444 47.05 -21.53 -14.05
CA ALA B 444 46.06 -21.93 -13.06
C ALA B 444 44.87 -21.00 -13.08
N ALA B 445 45.17 -19.71 -13.21
CA ALA B 445 44.15 -18.66 -13.19
C ALA B 445 43.32 -18.66 -14.46
N LEU B 446 43.96 -18.96 -15.59
CA LEU B 446 43.23 -19.09 -16.84
C LEU B 446 42.26 -20.26 -16.74
N ARG B 447 42.75 -21.40 -16.26
CA ARG B 447 41.88 -22.56 -15.97
C ARG B 447 40.73 -22.20 -15.05
N ALA B 448 41.06 -21.64 -13.88
CA ALA B 448 40.06 -21.37 -12.85
C ALA B 448 39.03 -20.31 -13.22
N PHE B 449 39.42 -19.29 -13.98
CA PHE B 449 38.53 -18.15 -14.29
C PHE B 449 38.21 -17.92 -15.77
N MET C 21 -26.61 0.17 -24.90
CA MET C 21 -27.66 0.93 -24.14
C MET C 21 -27.78 2.42 -24.55
N THR C 22 -26.78 2.90 -25.30
CA THR C 22 -26.81 4.28 -25.79
C THR C 22 -28.11 4.64 -26.61
N PRO C 23 -28.61 3.75 -27.53
CA PRO C 23 -29.76 4.18 -28.37
C PRO C 23 -31.14 4.11 -27.67
N ASP C 24 -32.15 3.61 -28.36
CA ASP C 24 -33.50 3.50 -27.78
C ASP C 24 -33.90 2.09 -27.39
N ASP C 25 -32.85 1.32 -27.12
CA ASP C 25 -32.90 0.15 -26.31
C ASP C 25 -33.48 0.56 -24.97
N ILE C 26 -33.32 1.84 -24.61
CA ILE C 26 -33.76 2.36 -23.30
C ILE C 26 -35.24 2.13 -23.04
N ALA C 27 -36.06 2.29 -24.07
CA ALA C 27 -37.51 2.05 -24.01
C ALA C 27 -37.92 0.69 -23.39
N GLY C 28 -37.26 -0.39 -23.80
CA GLY C 28 -37.61 -1.74 -23.36
C GLY C 28 -37.39 -2.03 -21.90
N PHE C 29 -36.75 -1.12 -21.16
CA PHE C 29 -36.45 -1.33 -19.74
C PHE C 29 -37.32 -0.48 -18.82
N TYR C 30 -38.39 0.08 -19.37
CA TYR C 30 -39.38 0.78 -18.57
C TYR C 30 -40.75 0.15 -18.81
N ALA C 31 -41.64 0.27 -17.82
CA ALA C 31 -42.97 -0.29 -17.89
C ALA C 31 -43.88 0.43 -16.93
N LYS C 32 -45.16 0.43 -17.21
CA LYS C 32 -46.13 0.92 -16.25
C LYS C 32 -46.65 -0.25 -15.42
N ARG C 33 -46.93 0.01 -14.14
CA ARG C 33 -47.53 -0.98 -13.24
C ARG C 33 -48.62 -1.76 -13.94
N ALA C 34 -49.57 -1.03 -14.51
CA ALA C 34 -50.71 -1.57 -15.25
C ALA C 34 -50.38 -2.68 -16.25
N ASP C 35 -49.23 -2.57 -16.91
CA ASP C 35 -48.86 -3.49 -18.01
C ASP C 35 -48.30 -4.84 -17.60
N LEU C 36 -47.83 -4.96 -16.36
CA LEU C 36 -47.17 -6.18 -15.91
C LEU C 36 -48.06 -7.03 -15.03
N ASP C 37 -47.94 -8.34 -15.18
CA ASP C 37 -48.47 -9.26 -14.19
C ASP C 37 -47.49 -9.15 -13.03
N LEU C 38 -47.82 -8.28 -12.09
CA LEU C 38 -46.92 -7.98 -10.99
C LEU C 38 -46.52 -9.22 -10.18
N ASP C 39 -47.20 -10.34 -10.42
CA ASP C 39 -46.94 -11.58 -9.70
C ASP C 39 -45.63 -12.25 -10.10
N ASN C 40 -45.05 -11.82 -11.21
CA ASN C 40 -43.82 -12.41 -11.70
C ASN C 40 -42.63 -11.59 -11.36
N TYR C 41 -42.83 -10.56 -10.55
CA TYR C 41 -41.81 -9.57 -10.30
C TYR C 41 -41.61 -9.31 -8.83
N ILE C 42 -40.37 -9.07 -8.48
CA ILE C 42 -40.00 -8.56 -7.17
C ILE C 42 -39.73 -7.07 -7.34
N GLU C 43 -40.31 -6.23 -6.48
CA GLU C 43 -40.03 -4.81 -6.51
C GLU C 43 -38.81 -4.45 -5.65
N LEU C 44 -38.00 -3.50 -6.14
CA LEU C 44 -36.77 -3.07 -5.47
C LEU C 44 -36.67 -1.55 -5.44
N ASP C 45 -36.24 -1.00 -4.32
CA ASP C 45 -36.07 0.44 -4.25
C ASP C 45 -34.62 0.82 -4.07
N PHE C 46 -34.07 1.52 -5.04
CA PHE C 46 -32.70 1.93 -4.97
C PHE C 46 -32.63 3.41 -4.91
N ASP C 47 -31.71 3.91 -4.08
CA ASP C 47 -31.29 5.32 -4.15
C ASP C 47 -29.89 5.31 -4.68
N PHE C 48 -29.62 6.20 -5.62
CA PHE C 48 -28.31 6.24 -6.22
C PHE C 48 -27.91 7.59 -6.76
N GLU C 49 -26.63 7.72 -7.06
CA GLU C 49 -26.11 8.92 -7.68
C GLU C 49 -25.40 8.53 -8.98
N CYS C 50 -25.65 9.29 -10.03
CA CYS C 50 -25.09 8.95 -11.33
C CYS C 50 -24.58 10.20 -12.03
N ALA C 51 -23.71 10.00 -13.02
CA ALA C 51 -23.26 11.08 -13.90
C ALA C 51 -23.97 10.98 -15.25
N GLY C 52 -24.30 12.13 -15.83
CA GLY C 52 -25.03 12.19 -17.11
C GLY C 52 -26.50 11.84 -16.94
N ASP C 53 -27.17 11.50 -18.05
CA ASP C 53 -28.61 11.24 -18.04
C ASP C 53 -29.01 10.22 -16.99
N PRO C 54 -29.89 10.61 -16.03
CA PRO C 54 -30.49 9.67 -15.09
C PRO C 54 -31.44 8.64 -15.71
N HIS C 55 -31.92 8.91 -16.93
CA HIS C 55 -32.78 7.94 -17.61
C HIS C 55 -32.01 6.81 -18.23
N GLU C 56 -30.91 7.12 -18.92
CA GLU C 56 -29.97 6.10 -19.39
C GLU C 56 -29.48 5.25 -18.23
N ALA C 57 -29.13 5.92 -17.13
CA ALA C 57 -28.51 5.28 -15.98
C ALA C 57 -29.38 4.16 -15.43
N ALA C 58 -30.67 4.47 -15.24
CA ALA C 58 -31.63 3.51 -14.69
C ALA C 58 -31.80 2.30 -15.62
N ALA C 59 -31.90 2.56 -16.92
CA ALA C 59 -31.95 1.50 -17.93
C ALA C 59 -30.72 0.59 -17.84
N HIS C 60 -29.54 1.20 -17.81
CA HIS C 60 -28.28 0.47 -17.64
C HIS C 60 -28.28 -0.41 -16.40
N LEU C 61 -28.94 0.08 -15.37
CA LEU C 61 -28.93 -0.56 -14.10
C LEU C 61 -29.86 -1.77 -14.11
N CYS C 62 -30.91 -1.69 -14.93
CA CYS C 62 -31.82 -2.81 -15.15
C CYS C 62 -31.13 -3.83 -16.01
N SER C 63 -30.47 -3.33 -17.04
CA SER C 63 -29.73 -4.13 -18.00
C SER C 63 -28.72 -5.02 -17.30
N GLU C 64 -27.74 -4.40 -16.65
CA GLU C 64 -26.65 -5.11 -15.98
C GLU C 64 -27.16 -6.14 -15.00
N GLN C 65 -28.26 -5.82 -14.35
CA GLN C 65 -28.85 -6.64 -13.33
C GLN C 65 -29.59 -7.87 -13.89
N SER C 66 -29.91 -7.86 -15.17
CA SER C 66 -30.63 -8.95 -15.79
C SER C 66 -30.07 -9.27 -17.18
N THR C 67 -30.78 -8.84 -18.23
CA THR C 67 -30.41 -9.17 -19.60
C THR C 67 -29.03 -8.64 -19.99
N ALA C 68 -28.89 -7.33 -20.21
CA ALA C 68 -27.60 -6.79 -20.67
C ALA C 68 -27.36 -7.11 -22.14
N GLN C 69 -28.00 -8.17 -22.62
CA GLN C 69 -27.89 -8.56 -24.00
C GLN C 69 -29.15 -9.33 -24.35
N TRP C 70 -29.95 -8.76 -25.24
CA TRP C 70 -31.29 -9.30 -25.50
C TRP C 70 -31.49 -9.89 -26.90
N ARG C 71 -30.60 -9.60 -27.85
CA ARG C 71 -30.62 -10.34 -29.12
C ARG C 71 -29.51 -11.35 -29.12
N ARG C 72 -29.42 -12.12 -30.20
CA ARG C 72 -28.16 -12.74 -30.61
C ARG C 72 -27.63 -11.92 -31.78
N VAL C 73 -26.40 -12.22 -32.22
CA VAL C 73 -25.78 -11.56 -33.39
C VAL C 73 -26.77 -10.75 -34.27
N GLY C 74 -27.53 -11.41 -35.13
CA GLY C 74 -28.48 -10.75 -36.04
C GLY C 74 -29.85 -11.40 -36.05
N PHE C 75 -30.46 -11.49 -34.88
CA PHE C 75 -31.82 -11.99 -34.75
C PHE C 75 -32.65 -10.85 -34.20
N ASP C 76 -33.87 -10.69 -34.71
CA ASP C 76 -34.86 -9.89 -33.99
C ASP C 76 -35.49 -10.83 -32.99
N GLU C 77 -35.10 -10.66 -31.74
CA GLU C 77 -35.38 -11.62 -30.71
C GLU C 77 -36.00 -10.88 -29.56
N ASP C 78 -35.24 -9.94 -29.00
CA ASP C 78 -35.64 -9.20 -27.78
C ASP C 78 -36.33 -10.08 -26.72
N PHE C 79 -35.55 -10.69 -25.84
CA PHE C 79 -36.16 -11.39 -24.71
C PHE C 79 -36.12 -10.54 -23.44
N ARG C 80 -36.31 -9.25 -23.66
CA ARG C 80 -36.45 -8.25 -22.61
C ARG C 80 -37.81 -8.38 -21.91
N PRO C 81 -38.93 -8.56 -22.68
CA PRO C 81 -40.24 -8.59 -22.04
C PRO C 81 -40.41 -9.71 -21.02
N ARG C 82 -39.71 -10.82 -21.21
CA ARG C 82 -39.82 -11.95 -20.27
C ARG C 82 -38.71 -12.05 -19.21
N PHE C 83 -37.53 -11.47 -19.50
CA PHE C 83 -36.35 -11.68 -18.66
C PHE C 83 -35.68 -10.44 -18.08
N ALA C 84 -36.06 -9.25 -18.51
CA ALA C 84 -35.37 -8.04 -18.05
C ALA C 84 -36.07 -7.33 -16.94
N ALA C 85 -35.29 -6.91 -15.96
CA ALA C 85 -35.77 -6.03 -14.90
C ALA C 85 -36.18 -4.70 -15.55
N LYS C 86 -37.23 -4.09 -15.03
CA LYS C 86 -37.83 -2.93 -15.69
C LYS C 86 -38.14 -1.80 -14.71
N VAL C 87 -37.88 -0.58 -15.13
CA VAL C 87 -38.11 0.57 -14.28
C VAL C 87 -39.60 0.82 -14.20
N LEU C 88 -40.15 0.75 -13.00
CA LEU C 88 -41.52 1.13 -12.75
C LEU C 88 -41.68 2.63 -12.53
N GLU C 89 -40.74 3.23 -11.80
CA GLU C 89 -40.90 4.61 -11.38
C GLU C 89 -39.56 5.22 -11.06
N LEU C 90 -39.31 6.44 -11.52
CA LEU C 90 -38.01 7.10 -11.35
C LEU C 90 -38.11 8.57 -10.99
N SER C 91 -37.19 9.02 -10.15
CA SER C 91 -37.21 10.36 -9.60
C SER C 91 -35.78 10.85 -9.44
N ALA C 92 -35.45 12.03 -9.98
CA ALA C 92 -34.06 12.49 -10.06
C ALA C 92 -33.91 14.01 -10.01
N GLU C 93 -33.18 14.51 -9.03
CA GLU C 93 -32.95 15.94 -8.86
C GLU C 93 -31.46 16.25 -8.97
N PRO C 94 -31.09 17.40 -9.56
CA PRO C 94 -29.67 17.68 -9.75
C PRO C 94 -28.93 17.97 -8.45
N ARG C 95 -27.63 17.71 -8.42
CA ARG C 95 -26.76 18.13 -7.33
C ARG C 95 -25.40 18.61 -7.87
N PRO C 96 -25.23 19.94 -7.98
CA PRO C 96 -24.05 20.57 -8.60
C PRO C 96 -22.76 20.33 -7.82
N SER C 97 -22.90 19.98 -6.54
CA SER C 97 -21.77 19.66 -5.68
C SER C 97 -20.95 18.43 -6.16
N GLY C 98 -21.58 17.51 -6.89
CA GLY C 98 -20.93 16.24 -7.26
C GLY C 98 -21.43 15.16 -6.34
N PHE C 99 -20.69 14.05 -6.24
CA PHE C 99 -21.10 12.93 -5.39
C PHE C 99 -20.95 13.25 -3.91
N SER C 100 -21.75 12.59 -3.06
CA SER C 100 -21.73 12.79 -1.61
C SER C 100 -20.35 12.60 -0.97
N VAL C 101 -19.81 11.38 -1.06
CA VAL C 101 -18.44 11.09 -0.65
C VAL C 101 -17.53 11.20 -1.88
N PRO C 102 -16.24 11.54 -1.68
CA PRO C 102 -15.37 11.44 -2.86
C PRO C 102 -15.21 9.98 -3.32
N VAL C 103 -15.33 9.76 -4.63
CA VAL C 103 -15.06 8.46 -5.25
C VAL C 103 -14.26 8.70 -6.52
N GLU C 104 -14.50 7.91 -7.56
CA GLU C 104 -13.82 8.03 -8.86
C GLU C 104 -14.72 7.41 -9.92
N CYS C 105 -14.89 8.11 -11.05
CA CYS C 105 -15.91 7.67 -11.99
C CYS C 105 -15.59 7.61 -13.48
N ALA C 106 -16.32 6.69 -14.15
CA ALA C 106 -16.33 6.46 -15.60
C ALA C 106 -17.13 7.49 -16.43
N ALA C 107 -17.53 8.60 -15.79
CA ALA C 107 -18.30 9.67 -16.47
C ALA C 107 -18.06 11.11 -15.96
N ARG C 108 -18.45 12.09 -16.79
CA ARG C 108 -18.40 13.53 -16.45
C ARG C 108 -19.78 14.18 -16.50
N GLY C 109 -19.79 15.51 -16.64
CA GLY C 109 -21.01 16.31 -16.75
C GLY C 109 -21.77 16.42 -15.43
N PRO C 110 -23.10 16.60 -15.49
CA PRO C 110 -23.89 16.77 -14.26
C PRO C 110 -23.95 15.50 -13.41
N VAL C 111 -24.20 15.66 -12.10
CA VAL C 111 -24.45 14.52 -11.20
C VAL C 111 -25.85 14.67 -10.61
N HIS C 112 -26.65 13.59 -10.69
CA HIS C 112 -28.02 13.59 -10.19
C HIS C 112 -28.18 12.61 -9.03
N ALA C 113 -29.13 12.90 -8.14
CA ALA C 113 -29.52 12.00 -7.05
C ALA C 113 -30.87 11.39 -7.39
N CYS C 114 -30.95 10.07 -7.33
CA CYS C 114 -32.14 9.38 -7.84
C CYS C 114 -32.80 8.38 -6.90
N ARG C 115 -34.07 8.14 -7.17
CA ARG C 115 -34.85 7.12 -6.48
C ARG C 115 -35.60 6.32 -7.51
N VAL C 116 -35.41 5.00 -7.51
CA VAL C 116 -35.99 4.12 -8.52
C VAL C 116 -36.68 2.96 -7.88
N THR C 117 -37.79 2.53 -8.48
CA THR C 117 -38.40 1.24 -8.17
C THR C 117 -38.25 0.38 -9.41
N ILE C 118 -37.57 -0.75 -9.25
CA ILE C 118 -37.33 -1.66 -10.36
C ILE C 118 -38.08 -2.93 -10.11
N ALA C 119 -38.74 -3.45 -11.14
CA ALA C 119 -39.41 -4.72 -11.04
C ALA C 119 -38.57 -5.79 -11.70
N HIS C 120 -38.12 -6.76 -10.91
CA HIS C 120 -37.20 -7.78 -11.38
C HIS C 120 -37.91 -9.13 -11.52
N PRO C 121 -37.95 -9.72 -12.74
CA PRO C 121 -38.64 -10.99 -12.93
C PRO C 121 -37.95 -12.14 -12.17
N HIS C 122 -38.63 -12.66 -11.14
CA HIS C 122 -38.03 -13.68 -10.27
C HIS C 122 -37.89 -15.06 -10.94
N GLY C 123 -38.56 -15.25 -12.09
CA GLY C 123 -38.39 -16.44 -12.90
C GLY C 123 -36.94 -16.61 -13.29
N ASN C 124 -36.19 -15.51 -13.23
CA ASN C 124 -34.74 -15.53 -13.49
C ASN C 124 -33.89 -16.35 -12.53
N PHE C 125 -34.25 -16.44 -11.26
CA PHE C 125 -33.46 -17.19 -10.28
C PHE C 125 -34.24 -18.23 -9.47
N GLY C 126 -35.57 -18.16 -9.48
CA GLY C 126 -36.40 -19.10 -8.71
C GLY C 126 -36.27 -18.79 -7.24
N ALA C 127 -36.82 -19.65 -6.39
CA ALA C 127 -36.94 -19.37 -4.95
C ALA C 127 -35.75 -19.84 -4.09
N LYS C 128 -34.57 -19.28 -4.35
CA LYS C 128 -33.33 -19.64 -3.67
C LYS C 128 -32.60 -18.40 -3.21
N ILE C 129 -32.26 -18.34 -1.92
CA ILE C 129 -31.63 -17.15 -1.37
C ILE C 129 -30.31 -16.69 -2.07
N PRO C 130 -29.32 -17.61 -2.24
CA PRO C 130 -28.07 -17.19 -2.90
C PRO C 130 -28.29 -16.56 -4.28
N ASN C 131 -29.13 -17.18 -5.12
CA ASN C 131 -29.39 -16.64 -6.44
C ASN C 131 -30.09 -15.29 -6.42
N LEU C 132 -30.98 -15.12 -5.44
CA LEU C 132 -31.70 -13.88 -5.26
C LEU C 132 -30.72 -12.74 -5.02
N LEU C 133 -29.91 -12.85 -3.97
CA LEU C 133 -28.85 -11.87 -3.68
C LEU C 133 -27.98 -11.55 -4.89
N SER C 134 -27.40 -12.58 -5.49
CA SER C 134 -26.46 -12.35 -6.60
C SER C 134 -27.09 -11.79 -7.86
N ALA C 135 -28.38 -11.45 -7.78
CA ALA C 135 -29.05 -10.76 -8.88
C ALA C 135 -29.34 -9.35 -8.44
N VAL C 136 -30.10 -9.25 -7.35
CA VAL C 136 -30.52 -7.96 -6.79
C VAL C 136 -29.40 -7.18 -6.07
N CYS C 137 -28.20 -7.76 -5.98
CA CYS C 137 -27.01 -6.97 -5.61
C CYS C 137 -25.67 -7.65 -5.88
N GLY C 138 -25.51 -8.06 -7.14
CA GLY C 138 -24.23 -8.56 -7.64
C GLY C 138 -23.65 -7.51 -8.54
N GLU C 139 -22.82 -7.93 -9.48
CA GLU C 139 -22.24 -7.04 -10.49
C GLU C 139 -23.24 -5.98 -10.97
N GLY C 140 -24.41 -6.42 -11.43
CA GLY C 140 -25.42 -5.53 -12.00
C GLY C 140 -25.56 -4.20 -11.27
N VAL C 141 -25.77 -4.29 -9.96
CA VAL C 141 -26.06 -3.15 -9.12
C VAL C 141 -24.85 -2.27 -8.82
N PHE C 142 -23.76 -2.86 -8.38
CA PHE C 142 -22.62 -2.07 -7.90
C PHE C 142 -21.62 -1.59 -8.94
N PHE C 143 -21.62 -2.17 -10.13
CA PHE C 143 -20.63 -1.84 -11.15
C PHE C 143 -21.33 -1.41 -12.41
N SER C 144 -22.56 -0.94 -12.23
CA SER C 144 -23.37 -0.40 -13.30
C SER C 144 -22.63 0.82 -13.80
N PRO C 145 -22.68 1.10 -15.11
CA PRO C 145 -21.73 2.12 -15.60
C PRO C 145 -22.14 3.52 -15.19
N GLY C 146 -21.22 4.27 -14.59
CA GLY C 146 -21.49 5.65 -14.13
C GLY C 146 -22.40 5.84 -12.91
N ILE C 147 -22.63 4.77 -12.15
CA ILE C 147 -23.41 4.84 -10.91
C ILE C 147 -22.56 4.33 -9.75
N PRO C 148 -21.71 5.20 -9.17
CA PRO C 148 -20.73 4.87 -8.13
C PRO C 148 -21.33 4.58 -6.76
N LEU C 149 -22.34 5.35 -6.37
CA LEU C 149 -22.98 5.19 -5.08
C LEU C 149 -24.42 4.76 -5.26
N ILE C 150 -24.78 3.67 -4.59
CA ILE C 150 -26.11 3.09 -4.73
C ILE C 150 -26.51 2.37 -3.45
N ARG C 151 -27.78 2.45 -3.10
CA ARG C 151 -28.26 1.76 -1.92
C ARG C 151 -29.62 1.08 -2.14
N LEU C 152 -29.69 -0.22 -1.84
CA LEU C 152 -30.93 -0.94 -1.92
C LEU C 152 -31.73 -0.63 -0.65
N GLN C 153 -32.91 -0.04 -0.82
CA GLN C 153 -33.70 0.41 0.30
C GLN C 153 -34.78 -0.57 0.75
N ASP C 154 -35.31 -1.39 -0.16
CA ASP C 154 -36.37 -2.33 0.17
C ASP C 154 -36.59 -3.37 -0.94
N ILE C 155 -37.06 -4.56 -0.56
CA ILE C 155 -37.58 -5.55 -1.50
C ILE C 155 -39.04 -5.81 -1.16
N ARG C 156 -39.86 -6.14 -2.16
CA ARG C 156 -41.23 -6.59 -1.92
C ARG C 156 -41.41 -7.84 -2.75
N PHE C 157 -42.00 -8.86 -2.16
CA PHE C 157 -42.23 -10.15 -2.85
C PHE C 157 -43.73 -10.38 -3.09
N PRO C 158 -44.09 -10.99 -4.23
CA PRO C 158 -45.48 -11.43 -4.39
C PRO C 158 -45.79 -12.74 -3.67
N GLU C 159 -47.05 -12.91 -3.27
CA GLU C 159 -47.55 -14.14 -2.64
C GLU C 159 -46.99 -15.40 -3.30
N PRO C 160 -47.26 -15.59 -4.62
CA PRO C 160 -46.74 -16.78 -5.30
C PRO C 160 -45.28 -17.08 -4.90
N TYR C 161 -44.41 -16.07 -4.94
CA TYR C 161 -43.01 -16.23 -4.61
C TYR C 161 -42.78 -16.52 -3.14
N LEU C 162 -43.39 -15.72 -2.26
CA LEU C 162 -43.26 -15.94 -0.83
C LEU C 162 -43.68 -17.35 -0.41
N ALA C 163 -44.74 -17.84 -1.07
CA ALA C 163 -45.34 -19.13 -0.78
C ALA C 163 -44.33 -20.26 -0.93
N ALA C 164 -43.19 -19.95 -1.55
CA ALA C 164 -42.16 -20.97 -1.78
C ALA C 164 -41.23 -21.23 -0.59
N PHE C 165 -41.11 -20.25 0.31
CA PHE C 165 -40.32 -20.37 1.54
C PHE C 165 -41.25 -20.69 2.68
N ASP C 166 -40.70 -21.03 3.86
CA ASP C 166 -41.53 -21.37 5.03
C ASP C 166 -41.54 -20.25 6.07
N GLY C 167 -40.52 -19.41 6.01
CA GLY C 167 -40.38 -18.37 7.00
C GLY C 167 -40.25 -19.02 8.37
N PRO C 168 -40.60 -18.28 9.42
CA PRO C 168 -40.38 -18.82 10.75
C PRO C 168 -41.32 -19.98 11.02
N ARG C 169 -40.84 -20.95 11.80
CA ARG C 169 -41.65 -22.07 12.24
C ARG C 169 -42.62 -21.64 13.34
N PHE C 170 -42.09 -20.87 14.28
CA PHE C 170 -42.81 -20.46 15.45
C PHE C 170 -43.32 -19.04 15.36
N GLY C 171 -42.41 -18.07 15.20
CA GLY C 171 -42.80 -16.66 15.18
C GLY C 171 -43.05 -16.17 16.59
N ILE C 172 -43.55 -14.94 16.72
CA ILE C 172 -43.80 -14.37 18.05
C ILE C 172 -44.83 -15.30 18.66
N ALA C 173 -45.90 -15.51 17.91
CA ALA C 173 -46.92 -16.47 18.24
C ALA C 173 -46.36 -17.70 19.01
N GLY C 174 -45.45 -18.43 18.41
CA GLY C 174 -44.95 -19.68 18.97
C GLY C 174 -44.04 -19.47 20.17
N VAL C 175 -43.18 -18.48 20.07
CA VAL C 175 -42.26 -18.13 21.14
C VAL C 175 -43.06 -17.77 22.40
N ARG C 176 -44.07 -16.93 22.22
CA ARG C 176 -44.93 -16.53 23.32
C ARG C 176 -45.56 -17.74 24.02
N GLU C 177 -45.96 -18.73 23.24
CA GLU C 177 -46.59 -19.88 23.83
C GLU C 177 -45.63 -20.80 24.57
N ARG C 178 -44.40 -20.90 24.09
CA ARG C 178 -43.36 -21.65 24.76
C ARG C 178 -42.96 -21.04 26.11
N LEU C 179 -43.11 -19.74 26.25
CA LEU C 179 -42.75 -19.08 27.48
C LEU C 179 -43.94 -18.79 28.39
N GLN C 180 -45.15 -19.03 27.88
CA GLN C 180 -46.35 -18.57 28.55
C GLN C 180 -46.30 -17.07 28.78
N ALA C 181 -45.54 -16.37 27.93
CA ALA C 181 -45.32 -14.94 28.04
C ALA C 181 -46.26 -14.22 27.12
N PHE C 182 -47.28 -13.60 27.71
CA PHE C 182 -48.27 -12.88 26.91
C PHE C 182 -48.40 -11.44 27.38
N ASP C 183 -48.73 -10.56 26.45
CA ASP C 183 -48.96 -9.14 26.75
C ASP C 183 -47.80 -8.46 27.49
N ARG C 184 -46.59 -8.94 27.24
CA ARG C 184 -45.40 -8.32 27.78
C ARG C 184 -44.24 -8.67 26.87
N PRO C 185 -43.21 -7.81 26.81
CA PRO C 185 -42.07 -8.13 26.00
C PRO C 185 -41.34 -9.34 26.54
N ILE C 186 -40.56 -10.01 25.70
CA ILE C 186 -39.78 -11.18 26.10
C ILE C 186 -38.43 -10.76 26.67
N PHE C 187 -38.13 -11.19 27.89
CA PHE C 187 -36.92 -10.75 28.53
C PHE C 187 -35.72 -11.66 28.34
N PHE C 188 -34.75 -11.18 27.56
CA PHE C 188 -33.51 -11.89 27.28
C PHE C 188 -32.39 -11.36 28.16
N GLY C 189 -31.33 -12.14 28.35
CA GLY C 189 -30.15 -11.64 29.05
C GLY C 189 -28.91 -12.35 28.55
N VAL C 190 -27.85 -11.60 28.27
CA VAL C 190 -26.61 -12.20 27.78
C VAL C 190 -25.68 -12.41 28.96
N ILE C 191 -25.42 -13.67 29.30
CA ILE C 191 -24.59 -13.97 30.46
C ILE C 191 -23.21 -13.33 30.35
N LYS C 192 -22.80 -12.63 31.42
CA LYS C 192 -21.53 -11.92 31.49
C LYS C 192 -20.88 -12.13 32.85
N PRO C 193 -19.54 -12.32 32.88
CA PRO C 193 -18.69 -12.47 31.69
C PRO C 193 -18.95 -13.79 30.93
N ASN C 194 -18.42 -13.88 29.71
CA ASN C 194 -18.58 -15.08 28.90
C ASN C 194 -17.23 -15.63 28.48
N ILE C 195 -16.59 -14.95 27.53
CA ILE C 195 -15.27 -15.29 27.05
C ILE C 195 -14.32 -15.34 28.23
N GLY C 196 -13.76 -16.51 28.48
CA GLY C 196 -12.82 -16.69 29.58
C GLY C 196 -13.30 -17.58 30.70
N LEU C 197 -14.61 -17.73 30.83
CA LEU C 197 -15.18 -18.54 31.90
C LEU C 197 -15.25 -20.01 31.49
N PRO C 198 -14.73 -20.92 32.35
CA PRO C 198 -14.96 -22.36 32.20
C PRO C 198 -16.47 -22.67 32.34
N PRO C 199 -16.91 -23.92 32.10
CA PRO C 199 -18.37 -24.06 31.98
C PRO C 199 -19.17 -23.97 33.29
N GLN C 200 -18.54 -24.24 34.44
CA GLN C 200 -19.32 -24.37 35.67
C GLN C 200 -19.89 -23.06 36.23
N PRO C 201 -19.05 -22.03 36.49
CA PRO C 201 -19.61 -20.80 37.09
C PRO C 201 -20.55 -20.08 36.12
N PHE C 202 -20.64 -20.62 34.92
CA PHE C 202 -21.53 -20.14 33.89
C PHE C 202 -22.98 -20.43 34.25
N ALA C 203 -23.23 -21.69 34.60
CA ALA C 203 -24.58 -22.14 34.97
C ALA C 203 -25.13 -21.36 36.14
N GLU C 204 -24.24 -21.05 37.07
CA GLU C 204 -24.56 -20.26 38.25
C GLU C 204 -25.30 -18.98 37.93
N LEU C 205 -24.67 -18.17 37.09
CA LEU C 205 -25.16 -16.85 36.69
C LEU C 205 -26.49 -16.99 35.96
N GLY C 206 -26.55 -17.96 35.07
CA GLY C 206 -27.77 -18.19 34.31
C GLY C 206 -28.90 -18.53 35.25
N TYR C 207 -28.62 -19.45 36.16
CA TYR C 207 -29.60 -19.93 37.10
C TYR C 207 -30.27 -18.78 37.83
N GLN C 208 -29.45 -17.87 38.30
CA GLN C 208 -29.91 -16.77 39.10
C GLN C 208 -30.78 -15.82 38.32
N SER C 209 -30.27 -15.37 37.18
CA SER C 209 -30.97 -14.41 36.34
C SER C 209 -32.35 -14.92 35.94
N TRP C 210 -32.49 -16.23 35.73
CA TRP C 210 -33.79 -16.85 35.47
C TRP C 210 -34.74 -16.71 36.65
N THR C 211 -34.19 -16.95 37.85
CA THR C 211 -34.94 -16.87 39.10
C THR C 211 -35.37 -15.44 39.36
N GLY C 212 -34.50 -14.48 39.05
CA GLY C 212 -34.84 -13.07 39.14
C GLY C 212 -35.99 -12.62 38.23
N GLY C 213 -36.23 -13.37 37.16
CA GLY C 213 -37.37 -13.12 36.31
C GLY C 213 -37.06 -13.09 34.83
N LEU C 214 -35.85 -13.50 34.43
CA LEU C 214 -35.53 -13.60 33.01
C LEU C 214 -36.28 -14.73 32.40
N ASP C 215 -36.67 -14.54 31.14
CA ASP C 215 -37.28 -15.60 30.33
C ASP C 215 -36.20 -16.47 29.65
N ILE C 216 -35.24 -15.78 29.03
CA ILE C 216 -34.19 -16.41 28.24
C ILE C 216 -32.83 -15.91 28.64
N ALA C 217 -31.96 -16.86 28.99
CA ALA C 217 -30.55 -16.58 29.20
C ALA C 217 -29.79 -17.07 27.96
N LYS C 218 -28.97 -16.20 27.38
CA LYS C 218 -28.30 -16.49 26.13
C LYS C 218 -26.77 -16.48 26.24
N ASP C 219 -26.13 -17.20 25.33
CA ASP C 219 -24.71 -17.16 25.12
C ASP C 219 -24.35 -15.91 24.33
N ASP C 220 -23.16 -15.36 24.56
CA ASP C 220 -22.68 -14.25 23.73
C ASP C 220 -22.53 -14.69 22.28
N GLU C 221 -22.64 -13.74 21.34
CA GLU C 221 -22.41 -14.01 19.88
C GLU C 221 -21.11 -14.78 19.64
N MET C 222 -20.07 -14.40 20.38
CA MET C 222 -18.75 -14.92 20.18
C MET C 222 -18.43 -16.13 21.04
N LEU C 223 -19.44 -16.83 21.51
CA LEU C 223 -19.19 -18.03 22.31
C LEU C 223 -19.87 -19.29 21.75
N ALA C 224 -19.08 -20.14 21.07
CA ALA C 224 -19.60 -21.40 20.52
C ALA C 224 -18.84 -22.59 21.09
N ASP C 225 -18.48 -23.53 20.24
CA ASP C 225 -17.84 -24.76 20.68
C ASP C 225 -16.32 -24.58 20.70
N VAL C 226 -15.74 -24.44 21.89
CA VAL C 226 -14.29 -24.21 22.01
C VAL C 226 -13.62 -25.05 23.11
N ASP C 227 -12.31 -25.28 22.98
CA ASP C 227 -11.51 -26.02 23.97
C ASP C 227 -11.83 -25.72 25.44
N TRP C 228 -11.79 -24.44 25.78
CA TRP C 228 -11.94 -23.96 27.15
C TRP C 228 -13.40 -23.92 27.67
N CYS C 229 -14.38 -23.92 26.77
CA CYS C 229 -15.78 -23.98 27.20
C CYS C 229 -16.66 -24.70 26.20
N PRO C 230 -16.48 -26.04 26.04
CA PRO C 230 -17.18 -26.77 24.99
C PRO C 230 -18.71 -26.71 25.13
N LEU C 231 -19.41 -26.74 24.00
CA LEU C 231 -20.87 -26.59 23.98
C LEU C 231 -21.50 -27.81 24.61
N ALA C 232 -20.95 -28.98 24.32
CA ALA C 232 -21.36 -30.20 24.99
C ALA C 232 -21.64 -29.95 26.47
N GLU C 233 -20.70 -29.31 27.17
CA GLU C 233 -20.75 -29.17 28.63
C GLU C 233 -21.50 -27.95 29.16
N ARG C 234 -21.32 -26.78 28.52
CA ARG C 234 -22.10 -25.58 28.83
C ARG C 234 -23.57 -25.91 28.85
N ALA C 235 -24.04 -26.46 27.74
CA ALA C 235 -25.44 -26.77 27.55
C ALA C 235 -25.97 -27.76 28.58
N ALA C 236 -25.16 -28.76 28.92
CA ALA C 236 -25.50 -29.75 29.95
C ALA C 236 -25.81 -29.06 31.26
N LEU C 237 -24.92 -28.18 31.70
CA LEU C 237 -25.04 -27.46 32.99
C LEU C 237 -26.13 -26.41 32.95
N LEU C 238 -26.18 -25.65 31.86
CA LEU C 238 -27.18 -24.61 31.69
C LEU C 238 -28.57 -25.19 31.43
N GLY C 239 -28.62 -26.36 30.80
CA GLY C 239 -29.89 -27.10 30.67
C GLY C 239 -30.45 -27.53 32.02
N ASP C 240 -29.57 -27.98 32.90
CA ASP C 240 -29.92 -28.31 34.29
C ASP C 240 -30.42 -27.10 35.03
N ALA C 241 -29.57 -26.09 35.09
CA ALA C 241 -29.88 -24.83 35.71
C ALA C 241 -31.23 -24.32 35.22
N CYS C 242 -31.56 -24.59 33.97
CA CYS C 242 -32.82 -24.13 33.40
C CYS C 242 -34.03 -24.91 33.87
N ARG C 243 -33.97 -26.25 33.78
CA ARG C 243 -35.02 -27.11 34.30
C ARG C 243 -35.21 -26.85 35.78
N ARG C 244 -34.11 -26.59 36.49
CA ARG C 244 -34.15 -26.31 37.92
C ARG C 244 -34.91 -25.04 38.25
N ALA C 245 -34.58 -23.94 37.59
CA ALA C 245 -35.24 -22.66 37.82
C ALA C 245 -36.67 -22.66 37.33
N SER C 246 -36.94 -23.41 36.27
CA SER C 246 -38.28 -23.49 35.67
C SER C 246 -39.25 -24.16 36.60
N ALA C 247 -38.77 -25.21 37.29
CA ALA C 247 -39.57 -25.92 38.26
C ALA C 247 -39.79 -25.04 39.47
N GLU C 248 -38.71 -24.43 39.95
CA GLU C 248 -38.73 -23.59 41.17
C GLU C 248 -39.57 -22.31 41.08
N THR C 249 -39.72 -21.77 39.88
CA THR C 249 -40.57 -20.60 39.67
C THR C 249 -41.93 -20.99 39.06
N GLY C 250 -42.05 -22.23 38.58
CA GLY C 250 -43.30 -22.69 37.96
C GLY C 250 -43.62 -22.14 36.58
N VAL C 251 -42.78 -21.25 36.07
CA VAL C 251 -42.92 -20.64 34.76
C VAL C 251 -41.84 -21.24 33.86
N PRO C 252 -42.17 -21.53 32.59
CA PRO C 252 -41.16 -22.04 31.66
C PRO C 252 -40.01 -21.08 31.43
N LYS C 253 -38.78 -21.57 31.60
CA LYS C 253 -37.58 -20.79 31.31
C LYS C 253 -36.87 -21.35 30.05
N ILE C 254 -35.95 -20.60 29.44
CA ILE C 254 -35.28 -21.14 28.26
C ILE C 254 -33.80 -20.81 28.25
N TYR C 255 -33.01 -21.79 27.79
CA TYR C 255 -31.58 -21.60 27.53
C TYR C 255 -31.31 -21.46 26.02
N LEU C 256 -30.76 -20.30 25.63
CA LEU C 256 -30.47 -19.99 24.24
C LEU C 256 -29.00 -20.24 23.94
N ALA C 257 -28.74 -21.38 23.28
CA ALA C 257 -27.38 -21.82 22.98
C ALA C 257 -26.91 -21.39 21.59
N ASN C 258 -25.69 -20.85 21.54
CA ASN C 258 -25.07 -20.39 20.31
C ASN C 258 -24.36 -21.56 19.64
N ILE C 259 -24.80 -21.88 18.43
CA ILE C 259 -24.25 -23.02 17.70
C ILE C 259 -23.59 -22.60 16.39
N THR C 260 -23.13 -21.35 16.33
CA THR C 260 -22.37 -20.83 15.21
C THR C 260 -21.11 -21.67 14.97
N ASP C 261 -21.00 -22.21 13.75
CA ASP C 261 -19.91 -23.11 13.37
C ASP C 261 -19.92 -23.37 11.87
N GLU C 262 -18.95 -24.13 11.39
CA GLU C 262 -18.90 -24.50 9.97
C GLU C 262 -20.21 -25.21 9.59
N VAL C 263 -20.74 -24.85 8.44
CA VAL C 263 -22.05 -25.30 7.94
C VAL C 263 -22.35 -26.78 8.17
N ASP C 264 -21.41 -27.65 7.84
CA ASP C 264 -21.63 -29.10 8.01
C ASP C 264 -21.87 -29.52 9.46
N ARG C 265 -21.18 -28.88 10.40
CA ARG C 265 -21.37 -29.20 11.81
C ARG C 265 -22.66 -28.63 12.46
N LEU C 266 -23.42 -27.82 11.74
CA LEU C 266 -24.60 -27.16 12.28
C LEU C 266 -25.68 -28.12 12.74
N THR C 267 -25.93 -29.15 11.94
CA THR C 267 -26.93 -30.14 12.29
C THR C 267 -26.50 -30.95 13.51
N GLU C 268 -25.22 -31.33 13.54
CA GLU C 268 -24.63 -32.00 14.70
C GLU C 268 -24.80 -31.20 16.01
N LEU C 269 -24.56 -29.89 15.97
CA LEU C 269 -24.67 -29.03 17.17
C LEU C 269 -26.11 -28.82 17.60
N HIS C 270 -27.05 -28.72 16.65
CA HIS C 270 -28.46 -28.62 16.97
C HIS C 270 -28.83 -29.74 17.91
N ASP C 271 -28.47 -30.95 17.53
CA ASP C 271 -28.79 -32.14 18.30
C ASP C 271 -28.12 -32.14 19.69
N VAL C 272 -26.82 -31.84 19.74
CA VAL C 272 -26.08 -31.78 21.00
C VAL C 272 -26.72 -30.82 21.98
N ALA C 273 -27.10 -29.65 21.49
CA ALA C 273 -27.66 -28.60 22.33
C ALA C 273 -29.05 -28.98 22.80
N VAL C 274 -29.91 -29.37 21.86
CA VAL C 274 -31.30 -29.76 22.15
C VAL C 274 -31.36 -30.94 23.12
N ALA C 275 -30.61 -31.99 22.81
CA ALA C 275 -30.47 -33.13 23.71
C ALA C 275 -30.08 -32.72 25.12
N ASN C 276 -29.41 -31.57 25.26
CA ASN C 276 -28.89 -31.12 26.56
C ASN C 276 -29.77 -30.13 27.32
N GLY C 277 -30.89 -29.76 26.70
CA GLY C 277 -31.87 -28.89 27.32
C GLY C 277 -31.88 -27.48 26.79
N ALA C 278 -31.27 -27.28 25.62
CA ALA C 278 -31.32 -25.97 25.01
C ALA C 278 -32.73 -25.74 24.45
N GLY C 279 -33.35 -24.63 24.85
CA GLY C 279 -34.73 -24.34 24.48
C GLY C 279 -34.87 -23.74 23.10
N ALA C 280 -33.81 -23.09 22.66
CA ALA C 280 -33.77 -22.36 21.40
C ALA C 280 -32.32 -22.24 20.96
N LEU C 281 -32.12 -21.99 19.67
CA LEU C 281 -30.78 -21.84 19.12
C LEU C 281 -30.49 -20.45 18.56
N LEU C 282 -29.27 -19.99 18.77
CA LEU C 282 -28.79 -18.74 18.21
C LEU C 282 -27.74 -18.99 17.15
N ILE C 283 -27.93 -18.36 16.00
CA ILE C 283 -26.98 -18.43 14.89
C ILE C 283 -26.57 -17.04 14.43
N ASN C 284 -25.29 -16.84 14.14
CA ASN C 284 -24.85 -15.60 13.51
C ASN C 284 -25.16 -15.59 12.00
N ALA C 285 -26.27 -14.92 11.66
CA ALA C 285 -26.94 -15.03 10.36
C ALA C 285 -26.04 -14.82 9.17
N MET C 286 -25.26 -13.73 9.17
CA MET C 286 -24.39 -13.41 8.04
C MET C 286 -23.17 -14.32 7.89
N PRO C 287 -22.30 -14.43 8.94
CA PRO C 287 -21.12 -15.31 8.84
C PRO C 287 -21.40 -16.78 8.43
N VAL C 288 -22.49 -17.40 8.90
CA VAL C 288 -22.79 -18.76 8.45
C VAL C 288 -23.39 -18.81 7.05
N GLY C 289 -24.15 -17.77 6.68
CA GLY C 289 -24.81 -17.70 5.36
C GLY C 289 -26.28 -17.99 5.57
N LEU C 290 -27.13 -17.19 4.93
CA LEU C 290 -28.59 -17.33 5.07
C LEU C 290 -29.09 -18.65 4.49
N SER C 291 -28.43 -19.12 3.44
CA SER C 291 -28.79 -20.36 2.85
C SER C 291 -28.64 -21.47 3.88
N ALA C 292 -27.53 -21.43 4.63
CA ALA C 292 -27.25 -22.40 5.71
C ALA C 292 -28.38 -22.47 6.77
N VAL C 293 -28.85 -21.32 7.22
CA VAL C 293 -30.02 -21.19 8.11
C VAL C 293 -31.26 -21.92 7.58
N ARG C 294 -31.57 -21.67 6.30
CA ARG C 294 -32.75 -22.21 5.67
C ARG C 294 -32.75 -23.72 5.66
N MET C 295 -31.54 -24.28 5.65
CA MET C 295 -31.33 -25.74 5.66
C MET C 295 -31.48 -26.30 7.08
N LEU C 296 -31.02 -25.54 8.06
CA LEU C 296 -31.21 -25.90 9.45
C LEU C 296 -32.69 -25.84 9.87
N ARG C 297 -33.41 -24.85 9.36
CA ARG C 297 -34.84 -24.72 9.59
C ARG C 297 -35.60 -26.01 9.23
N LYS C 298 -35.17 -26.69 8.18
CA LYS C 298 -35.82 -27.92 7.76
C LYS C 298 -35.63 -29.01 8.80
N HIS C 299 -34.62 -28.84 9.66
CA HIS C 299 -34.21 -29.91 10.54
C HIS C 299 -34.44 -29.58 12.01
N ALA C 300 -34.51 -28.28 12.30
CA ALA C 300 -34.56 -27.78 13.69
C ALA C 300 -35.89 -28.05 14.37
N THR C 301 -35.83 -28.31 15.68
CA THR C 301 -37.03 -28.61 16.47
C THR C 301 -37.40 -27.51 17.47
N VAL C 302 -36.48 -26.57 17.71
CA VAL C 302 -36.72 -25.43 18.63
C VAL C 302 -36.60 -24.11 17.87
N PRO C 303 -37.05 -22.98 18.46
CA PRO C 303 -36.95 -21.69 17.77
C PRO C 303 -35.53 -21.27 17.37
N LEU C 304 -35.43 -20.56 16.25
CA LEU C 304 -34.13 -20.09 15.74
C LEU C 304 -34.01 -18.59 15.93
N ILE C 305 -32.82 -18.13 16.30
CA ILE C 305 -32.61 -16.74 16.64
C ILE C 305 -31.38 -16.24 15.94
N ALA C 306 -31.50 -15.10 15.26
CA ALA C 306 -30.38 -14.48 14.55
C ALA C 306 -29.76 -13.36 15.34
N HIS C 307 -28.43 -13.41 15.46
CA HIS C 307 -27.70 -12.28 15.96
C HIS C 307 -27.25 -11.39 14.79
N PHE C 308 -26.68 -10.22 15.09
CA PHE C 308 -26.41 -9.25 14.02
C PHE C 308 -24.95 -8.95 13.61
N PRO C 309 -23.97 -9.78 14.04
CA PRO C 309 -22.61 -9.50 13.61
C PRO C 309 -22.55 -9.41 12.10
N PHE C 310 -21.80 -8.44 11.60
CA PHE C 310 -21.48 -8.25 10.17
C PHE C 310 -22.43 -7.36 9.39
N ILE C 311 -23.74 -7.51 9.59
CA ILE C 311 -24.73 -6.65 8.92
C ILE C 311 -24.33 -5.16 8.84
N ALA C 312 -23.82 -4.62 9.94
CA ALA C 312 -23.35 -3.22 9.99
C ALA C 312 -22.35 -2.76 8.90
N ALA C 313 -21.39 -3.60 8.55
CA ALA C 313 -20.39 -3.25 7.53
C ALA C 313 -20.99 -2.78 6.21
N PHE C 314 -22.16 -3.29 5.83
CA PHE C 314 -22.80 -2.87 4.57
C PHE C 314 -24.14 -2.14 4.74
N SER C 315 -24.55 -1.89 5.97
CA SER C 315 -25.82 -1.23 6.18
C SER C 315 -25.75 0.17 6.80
N ARG C 316 -24.63 0.53 7.43
CA ARG C 316 -24.56 1.80 8.17
C ARG C 316 -24.64 3.10 7.36
N LEU C 317 -23.73 3.32 6.42
CA LEU C 317 -23.77 4.49 5.54
C LEU C 317 -25.13 4.67 4.82
N ALA C 318 -25.68 5.87 4.88
CA ALA C 318 -27.00 6.21 4.31
C ALA C 318 -27.03 6.29 2.78
N ASN C 319 -25.88 6.57 2.19
CA ASN C 319 -25.74 6.81 0.77
C ASN C 319 -25.22 5.62 -0.02
N TYR C 320 -24.94 4.52 0.67
CA TYR C 320 -24.31 3.33 0.03
C TYR C 320 -24.62 1.99 0.69
N GLY C 321 -24.82 0.95 -0.11
CA GLY C 321 -24.94 -0.40 0.38
C GLY C 321 -26.37 -0.90 0.44
N ILE C 322 -26.70 -1.62 1.49
CA ILE C 322 -28.03 -2.21 1.62
C ILE C 322 -28.63 -1.85 2.97
N HIS C 323 -29.87 -1.34 2.96
CA HIS C 323 -30.58 -0.98 4.18
C HIS C 323 -30.77 -2.25 4.99
N SER C 324 -30.53 -2.17 6.31
CA SER C 324 -30.64 -3.37 7.16
C SER C 324 -32.04 -3.99 7.21
N ARG C 325 -33.06 -3.17 6.95
CA ARG C 325 -34.44 -3.65 6.76
C ARG C 325 -34.52 -4.77 5.72
N VAL C 326 -33.80 -4.65 4.61
CA VAL C 326 -33.77 -5.66 3.58
C VAL C 326 -33.28 -6.96 4.18
N MET C 327 -32.27 -6.87 5.03
CA MET C 327 -31.70 -8.05 5.69
C MET C 327 -32.72 -8.74 6.58
N THR C 328 -33.40 -7.92 7.36
CA THR C 328 -34.44 -8.39 8.23
C THR C 328 -35.52 -9.17 7.47
N ARG C 329 -36.01 -8.63 6.36
CA ARG C 329 -36.97 -9.32 5.51
C ARG C 329 -36.43 -10.71 5.19
N LEU C 330 -35.21 -10.75 4.68
CA LEU C 330 -34.58 -12.03 4.28
C LEU C 330 -34.38 -13.01 5.45
N GLN C 331 -33.97 -12.51 6.62
CA GLN C 331 -33.76 -13.34 7.79
C GLN C 331 -35.07 -14.01 8.21
N ARG C 332 -36.13 -13.20 8.25
CA ARG C 332 -37.47 -13.70 8.56
C ARG C 332 -37.83 -14.76 7.51
N LEU C 333 -37.70 -14.39 6.24
CA LEU C 333 -38.00 -15.26 5.10
C LEU C 333 -37.28 -16.59 5.22
N ALA C 334 -36.01 -16.54 5.65
CA ALA C 334 -35.13 -17.71 5.71
C ALA C 334 -35.62 -18.73 6.75
N GLY C 335 -36.05 -18.24 7.90
CA GLY C 335 -36.60 -19.11 8.93
C GLY C 335 -36.45 -18.69 10.38
N PHE C 336 -35.80 -17.57 10.62
CA PHE C 336 -35.62 -17.11 11.98
C PHE C 336 -36.92 -16.69 12.64
N ASP C 337 -37.07 -17.08 13.90
CA ASP C 337 -38.25 -16.75 14.70
C ASP C 337 -38.04 -15.47 15.50
N VAL C 338 -36.78 -15.07 15.64
CA VAL C 338 -36.39 -13.92 16.42
C VAL C 338 -35.21 -13.27 15.71
N VAL C 339 -35.26 -11.96 15.55
CA VAL C 339 -34.14 -11.24 14.94
C VAL C 339 -33.62 -10.22 15.94
N ILE C 340 -32.39 -10.42 16.41
CA ILE C 340 -31.74 -9.42 17.23
C ILE C 340 -31.13 -8.39 16.26
N MET C 341 -31.60 -7.17 16.35
CA MET C 341 -31.05 -6.07 15.57
C MET C 341 -30.35 -5.09 16.52
N PRO C 342 -29.60 -4.11 15.96
CA PRO C 342 -29.11 -2.97 16.76
C PRO C 342 -30.28 -2.07 17.18
N GLY C 343 -30.31 -1.65 18.44
CA GLY C 343 -31.46 -0.90 18.98
C GLY C 343 -31.29 0.61 19.11
N PHE C 344 -31.90 1.17 20.15
CA PHE C 344 -31.80 2.61 20.43
C PHE C 344 -30.73 2.84 21.46
N GLY C 345 -30.60 4.08 21.90
CA GLY C 345 -29.44 4.49 22.67
C GLY C 345 -28.44 5.01 21.66
N PRO C 346 -27.63 6.00 22.05
CA PRO C 346 -26.78 6.67 21.06
C PRO C 346 -25.51 5.83 20.85
N ARG C 347 -25.23 4.99 21.85
CA ARG C 347 -24.15 4.01 21.88
C ARG C 347 -24.26 2.99 20.72
N MET C 348 -25.39 3.01 20.02
CA MET C 348 -25.70 2.09 18.94
C MET C 348 -25.58 2.66 17.53
N MET C 349 -25.36 3.98 17.42
CA MET C 349 -24.98 4.62 16.16
C MET C 349 -25.84 4.30 14.93
N THR C 350 -27.14 4.03 15.14
CA THR C 350 -28.11 3.77 14.05
C THR C 350 -29.29 4.74 14.12
N PRO C 351 -29.63 5.41 13.00
CA PRO C 351 -30.75 6.34 12.97
C PRO C 351 -32.01 5.73 13.56
N GLU C 352 -32.69 6.50 14.39
CA GLU C 352 -33.94 6.09 15.05
C GLU C 352 -34.88 5.35 14.10
N HIS C 353 -35.29 6.01 13.01
CA HIS C 353 -36.32 5.50 12.13
C HIS C 353 -35.85 4.25 11.38
N GLU C 354 -34.54 4.14 11.19
CA GLU C 354 -33.98 2.95 10.57
C GLU C 354 -34.34 1.74 11.43
N VAL C 355 -34.10 1.85 12.74
CA VAL C 355 -34.34 0.75 13.68
C VAL C 355 -35.79 0.39 13.65
N LEU C 356 -36.67 1.38 13.60
CA LEU C 356 -38.12 1.17 13.46
C LEU C 356 -38.54 0.50 12.16
N ASP C 357 -37.84 0.78 11.05
CA ASP C 357 -38.12 0.15 9.77
C ASP C 357 -37.92 -1.36 9.87
N CYS C 358 -37.04 -1.76 10.77
CA CYS C 358 -36.71 -3.16 10.98
C CYS C 358 -37.71 -3.83 11.87
N ILE C 359 -38.05 -3.13 12.95
CA ILE C 359 -39.11 -3.57 13.85
C ILE C 359 -40.37 -3.83 13.02
N ARG C 360 -40.75 -2.83 12.19
CA ARG C 360 -41.81 -2.97 11.15
C ARG C 360 -41.61 -4.21 10.27
N ALA C 361 -40.39 -4.39 9.77
CA ALA C 361 -40.12 -5.47 8.85
C ALA C 361 -40.47 -6.81 9.47
N CYS C 362 -40.24 -6.94 10.77
CA CYS C 362 -40.41 -8.19 11.49
C CYS C 362 -41.86 -8.49 11.72
N LEU C 363 -42.64 -7.45 12.01
CA LEU C 363 -44.00 -7.64 12.43
C LEU C 363 -44.98 -7.52 11.26
N GLU C 364 -44.65 -6.70 10.25
CA GLU C 364 -45.50 -6.51 9.07
C GLU C 364 -46.12 -7.80 8.56
N PRO C 365 -47.38 -7.73 8.11
CA PRO C 365 -47.98 -8.88 7.43
C PRO C 365 -47.18 -9.14 6.16
N MET C 366 -46.86 -10.40 5.89
CA MET C 366 -46.01 -10.74 4.74
C MET C 366 -46.45 -12.04 4.08
N GLY C 367 -47.67 -12.04 3.52
CA GLY C 367 -48.25 -13.25 2.96
C GLY C 367 -48.28 -14.36 4.00
N PRO C 368 -47.93 -15.59 3.59
CA PRO C 368 -47.96 -16.75 4.46
C PRO C 368 -46.79 -16.83 5.45
N ILE C 369 -45.88 -15.87 5.39
CA ILE C 369 -44.74 -15.85 6.29
C ILE C 369 -45.15 -15.24 7.64
N LYS C 370 -44.90 -16.01 8.71
CA LYS C 370 -45.19 -15.56 10.07
C LYS C 370 -44.41 -14.33 10.48
N PRO C 371 -45.02 -13.44 11.30
CA PRO C 371 -44.22 -12.35 11.91
C PRO C 371 -43.25 -12.91 12.94
N CYS C 372 -41.99 -12.52 12.85
CA CYS C 372 -41.01 -12.90 13.84
C CYS C 372 -40.77 -11.76 14.85
N LEU C 373 -40.19 -12.11 16.00
CA LEU C 373 -39.99 -11.18 17.11
C LEU C 373 -38.73 -10.30 17.00
N PRO C 374 -38.91 -8.96 16.98
CA PRO C 374 -37.76 -8.06 16.86
C PRO C 374 -37.12 -7.88 18.22
N VAL C 375 -35.80 -7.82 18.25
CA VAL C 375 -35.09 -7.63 19.52
C VAL C 375 -34.02 -6.53 19.42
N PRO C 376 -34.41 -5.26 19.68
CA PRO C 376 -33.49 -4.12 19.67
C PRO C 376 -32.37 -4.22 20.70
N GLY C 377 -31.11 -4.26 20.23
CA GLY C 377 -29.91 -4.23 21.08
C GLY C 377 -29.74 -2.90 21.81
N GLY C 378 -28.50 -2.47 22.02
CA GLY C 378 -28.26 -1.28 22.87
C GLY C 378 -27.97 -1.70 24.31
N SER C 379 -27.21 -0.87 25.05
CA SER C 379 -26.92 -1.20 26.47
C SER C 379 -28.12 -0.87 27.36
N ASP C 380 -29.01 -1.87 27.47
CA ASP C 380 -30.30 -1.72 28.08
C ASP C 380 -30.33 -2.17 29.52
N SER C 381 -31.09 -1.43 30.32
CA SER C 381 -31.25 -1.71 31.72
C SER C 381 -32.69 -1.42 32.10
N ALA C 382 -32.98 -1.55 33.38
CA ALA C 382 -34.29 -1.25 33.86
C ALA C 382 -34.63 0.20 33.52
N ALA C 383 -33.60 1.04 33.29
CA ALA C 383 -33.81 2.46 33.00
C ALA C 383 -34.28 2.77 31.57
N THR C 384 -33.88 1.93 30.63
CA THR C 384 -34.21 2.20 29.24
C THR C 384 -35.45 1.44 28.72
N LEU C 385 -35.99 0.53 29.53
CA LEU C 385 -37.15 -0.25 29.11
C LEU C 385 -38.32 0.63 28.75
N GLU C 386 -38.64 1.56 29.64
CA GLU C 386 -39.74 2.51 29.41
C GLU C 386 -39.62 3.10 28.02
N ASN C 387 -38.42 3.57 27.71
CA ASN C 387 -38.17 4.19 26.45
C ASN C 387 -38.41 3.28 25.25
N VAL C 388 -37.82 2.10 25.26
CA VAL C 388 -37.95 1.17 24.17
C VAL C 388 -39.44 0.88 23.91
N TYR C 389 -40.20 0.70 24.98
CA TYR C 389 -41.60 0.34 24.85
C TYR C 389 -42.35 1.47 24.15
N ARG C 390 -42.03 2.70 24.55
CA ARG C 390 -42.64 3.90 23.98
C ARG C 390 -42.33 3.95 22.50
N LYS C 391 -41.08 3.65 22.16
CA LYS C 391 -40.61 3.75 20.78
C LYS C 391 -41.03 2.61 19.90
N VAL C 392 -41.19 1.42 20.46
CA VAL C 392 -41.68 0.28 19.67
C VAL C 392 -43.18 0.42 19.37
N GLY C 393 -43.88 1.04 20.30
CA GLY C 393 -45.32 1.28 20.17
C GLY C 393 -46.23 0.19 20.73
N SER C 394 -45.64 -0.96 21.07
CA SER C 394 -46.41 -2.10 21.60
C SER C 394 -45.52 -3.09 22.35
N ALA C 395 -46.12 -4.13 22.95
CA ALA C 395 -45.38 -5.06 23.78
C ALA C 395 -44.70 -6.17 23.00
N ASP C 396 -44.76 -6.10 21.67
CA ASP C 396 -44.26 -7.18 20.83
C ASP C 396 -42.80 -7.03 20.48
N PHE C 397 -41.93 -7.26 21.45
CA PHE C 397 -40.50 -7.10 21.24
C PHE C 397 -39.72 -7.85 22.30
N GLY C 398 -38.45 -8.10 22.02
CA GLY C 398 -37.55 -8.71 23.00
C GLY C 398 -36.72 -7.60 23.61
N PHE C 399 -36.06 -7.90 24.72
CA PHE C 399 -35.28 -6.90 25.40
C PHE C 399 -34.05 -7.61 25.86
N VAL C 400 -32.86 -7.09 25.52
CA VAL C 400 -31.63 -7.83 25.80
C VAL C 400 -30.60 -7.07 26.60
N PRO C 401 -30.74 -7.02 27.93
CA PRO C 401 -29.66 -6.43 28.71
C PRO C 401 -28.45 -7.37 28.82
N GLY C 402 -27.26 -6.77 29.01
CA GLY C 402 -26.01 -7.50 29.34
C GLY C 402 -25.63 -7.17 30.78
N ARG C 403 -24.80 -6.14 30.98
CA ARG C 403 -24.78 -5.41 32.26
C ARG C 403 -26.17 -4.84 32.43
N GLY C 404 -26.60 -4.60 33.65
CA GLY C 404 -27.95 -4.11 33.79
C GLY C 404 -28.84 -5.27 34.17
N VAL C 405 -28.39 -6.46 33.81
CA VAL C 405 -28.79 -7.65 34.54
C VAL C 405 -27.60 -8.16 35.33
N PHE C 406 -26.55 -8.56 34.63
CA PHE C 406 -25.42 -9.18 35.28
C PHE C 406 -24.50 -8.13 35.86
N GLY C 407 -24.68 -6.88 35.45
CA GLY C 407 -23.92 -5.78 36.02
C GLY C 407 -24.53 -5.14 37.26
N HIS C 408 -25.78 -5.46 37.55
CA HIS C 408 -26.54 -4.84 38.64
C HIS C 408 -25.84 -4.96 40.03
N PRO C 409 -25.79 -3.85 40.79
CA PRO C 409 -25.11 -3.80 42.08
C PRO C 409 -25.51 -4.90 43.07
N MET C 410 -26.79 -5.25 43.09
CA MET C 410 -27.34 -6.24 44.01
C MET C 410 -27.14 -7.66 43.47
N GLY C 411 -26.57 -7.78 42.28
CA GLY C 411 -26.36 -9.09 41.64
C GLY C 411 -27.37 -9.45 40.55
N PRO C 412 -27.13 -10.58 39.84
CA PRO C 412 -27.88 -10.83 38.62
C PRO C 412 -29.36 -11.06 38.91
N ALA C 413 -29.65 -11.83 39.95
CA ALA C 413 -31.02 -12.14 40.33
C ALA C 413 -31.83 -10.86 40.46
N ALA C 414 -31.29 -9.91 41.22
CA ALA C 414 -31.96 -8.63 41.42
C ALA C 414 -32.02 -7.81 40.14
N GLY C 415 -30.97 -7.92 39.31
CA GLY C 415 -30.96 -7.23 38.03
C GLY C 415 -32.15 -7.64 37.20
N ALA C 416 -32.40 -8.95 37.12
CA ALA C 416 -33.54 -9.46 36.39
C ALA C 416 -34.79 -8.89 37.02
N THR C 417 -34.89 -9.02 38.34
CA THR C 417 -36.03 -8.46 39.05
C THR C 417 -36.28 -6.98 38.68
N SER C 418 -35.22 -6.20 38.60
CA SER C 418 -35.36 -4.76 38.37
C SER C 418 -36.11 -4.45 37.05
N ILE C 419 -35.82 -5.25 36.03
CA ILE C 419 -36.50 -5.15 34.75
C ILE C 419 -37.97 -5.53 34.89
N ARG C 420 -38.23 -6.66 35.55
CA ARG C 420 -39.58 -7.16 35.77
C ARG C 420 -40.47 -6.09 36.38
N GLN C 421 -39.92 -5.37 37.37
CA GLN C 421 -40.55 -4.25 38.07
C GLN C 421 -40.73 -3.06 37.17
N ALA C 422 -39.65 -2.64 36.52
CA ALA C 422 -39.73 -1.59 35.50
C ALA C 422 -40.90 -1.85 34.60
N TRP C 423 -41.02 -3.08 34.11
CA TRP C 423 -42.19 -3.44 33.33
C TRP C 423 -43.52 -3.30 34.10
N ASP C 424 -43.56 -3.85 35.31
CA ASP C 424 -44.76 -3.83 36.12
C ASP C 424 -45.32 -2.45 36.17
N ALA C 425 -44.43 -1.47 36.23
CA ALA C 425 -44.80 -0.06 36.27
C ALA C 425 -45.50 0.36 35.00
N ILE C 426 -44.80 0.19 33.89
CA ILE C 426 -45.31 0.52 32.57
C ILE C 426 -46.69 -0.08 32.30
N ALA C 427 -46.82 -1.38 32.59
CA ALA C 427 -48.05 -2.14 32.37
C ALA C 427 -49.22 -1.66 33.23
N ALA C 428 -48.91 -1.05 34.37
CA ALA C 428 -49.91 -0.36 35.19
C ALA C 428 -50.01 1.14 34.88
N GLY C 429 -49.22 1.61 33.91
CA GLY C 429 -49.24 3.02 33.53
C GLY C 429 -48.67 3.98 34.58
N ILE C 430 -47.99 3.43 35.58
CA ILE C 430 -47.33 4.22 36.62
C ILE C 430 -45.96 4.62 36.04
N PRO C 431 -45.61 5.93 36.07
CA PRO C 431 -44.27 6.31 35.59
C PRO C 431 -43.20 5.63 36.43
N VAL C 432 -42.06 5.33 35.81
CA VAL C 432 -41.08 4.41 36.43
C VAL C 432 -40.50 4.94 37.75
N PRO C 433 -39.72 6.05 37.72
CA PRO C 433 -39.11 6.53 38.98
C PRO C 433 -40.05 6.59 40.20
N ASP C 434 -41.36 6.65 39.97
CA ASP C 434 -42.36 6.62 41.04
C ASP C 434 -42.44 5.24 41.66
N HIS C 435 -42.65 4.23 40.82
CA HIS C 435 -42.69 2.85 41.26
C HIS C 435 -41.41 2.51 41.99
N ALA C 436 -40.31 3.05 41.48
CA ALA C 436 -38.96 2.81 42.00
C ALA C 436 -38.81 3.26 43.42
N ALA C 437 -39.62 4.23 43.82
CA ALA C 437 -39.57 4.71 45.16
C ALA C 437 -39.95 3.65 46.17
N SER C 438 -40.63 2.57 45.77
CA SER C 438 -40.96 1.50 46.72
C SER C 438 -40.36 0.12 46.43
N HIS C 439 -39.54 0.01 45.39
CA HIS C 439 -38.87 -1.24 45.03
C HIS C 439 -37.33 -1.09 44.99
N PRO C 440 -36.62 -1.66 45.98
CA PRO C 440 -35.19 -1.43 46.16
C PRO C 440 -34.34 -1.73 44.91
N GLU C 441 -34.66 -2.83 44.22
CA GLU C 441 -33.91 -3.31 43.04
C GLU C 441 -34.06 -2.38 41.85
N LEU C 442 -35.28 -1.93 41.59
CA LEU C 442 -35.54 -0.97 40.52
C LEU C 442 -34.89 0.36 40.81
N ALA C 443 -34.92 0.76 42.08
CA ALA C 443 -34.28 2.00 42.52
C ALA C 443 -32.78 1.96 42.32
N ALA C 444 -32.15 0.89 42.80
CA ALA C 444 -30.71 0.68 42.64
C ALA C 444 -30.28 0.79 41.18
N ALA C 445 -31.08 0.24 40.28
CA ALA C 445 -30.80 0.17 38.85
C ALA C 445 -30.98 1.52 38.18
N LEU C 446 -31.97 2.28 38.61
CA LEU C 446 -32.09 3.66 38.13
C LEU C 446 -30.86 4.46 38.56
N ARG C 447 -30.46 4.38 39.83
CA ARG C 447 -29.22 5.00 40.31
C ARG C 447 -28.05 4.58 39.45
N ALA C 448 -27.82 3.29 39.34
CA ALA C 448 -26.63 2.75 38.70
C ALA C 448 -26.56 3.03 37.21
N PHE C 449 -27.70 3.07 36.52
CA PHE C 449 -27.73 3.18 35.05
C PHE C 449 -28.47 4.42 34.50
N MET D 21 -14.41 0.56 31.42
CA MET D 21 -13.19 0.92 30.59
C MET D 21 -12.65 2.34 30.90
N THR D 22 -13.45 3.13 31.62
CA THR D 22 -13.03 4.49 32.02
C THR D 22 -11.69 4.54 32.83
N PRO D 23 -11.45 3.61 33.82
CA PRO D 23 -10.21 3.73 34.67
C PRO D 23 -8.91 3.22 34.03
N ASP D 24 -8.07 2.49 34.77
CA ASP D 24 -6.81 1.93 34.20
C ASP D 24 -6.83 0.43 33.89
N ASP D 25 -8.06 -0.03 33.67
CA ASP D 25 -8.36 -1.22 32.94
C ASP D 25 -7.69 -1.08 31.59
N ILE D 26 -7.44 0.16 31.16
CA ILE D 26 -6.91 0.44 29.80
C ILE D 26 -5.58 -0.23 29.58
N ALA D 27 -4.76 -0.24 30.63
CA ALA D 27 -3.45 -0.88 30.63
C ALA D 27 -3.42 -2.35 30.11
N GLY D 28 -4.33 -3.20 30.60
CA GLY D 28 -4.35 -4.60 30.23
C GLY D 28 -4.69 -4.94 28.79
N PHE D 29 -5.05 -3.94 27.99
CA PHE D 29 -5.42 -4.13 26.59
C PHE D 29 -4.33 -3.65 25.65
N TYR D 30 -3.16 -3.35 26.19
CA TYR D 30 -2.00 -3.02 25.37
C TYR D 30 -0.85 -3.99 25.66
N ALA D 31 0.00 -4.20 24.66
CA ALA D 31 1.10 -5.14 24.76
C ALA D 31 2.18 -4.81 23.76
N LYS D 32 3.42 -5.15 24.09
CA LYS D 32 4.51 -5.06 23.11
C LYS D 32 4.67 -6.38 22.37
N ARG D 33 4.99 -6.29 21.08
CA ARG D 33 5.25 -7.45 20.27
C ARG D 33 6.06 -8.45 21.05
N ALA D 34 7.16 -7.96 21.61
CA ALA D 34 8.11 -8.78 22.37
C ALA D 34 7.48 -9.67 23.43
N ASP D 35 6.40 -9.20 24.05
CA ASP D 35 5.80 -9.89 25.21
C ASP D 35 4.88 -11.06 24.92
N LEU D 36 4.40 -11.15 23.69
CA LEU D 36 3.42 -12.16 23.31
C LEU D 36 4.01 -13.28 22.47
N ASP D 37 3.53 -14.50 22.74
CA ASP D 37 3.80 -15.61 21.86
C ASP D 37 2.90 -15.32 20.67
N LEU D 38 3.46 -14.71 19.64
CA LEU D 38 2.68 -14.22 18.52
C LEU D 38 1.91 -15.32 17.78
N ASP D 39 2.24 -16.55 18.10
CA ASP D 39 1.59 -17.69 17.46
C ASP D 39 0.15 -17.90 17.88
N ASN D 40 -0.25 -17.26 18.97
CA ASN D 40 -1.59 -17.45 19.51
C ASN D 40 -2.49 -16.35 19.05
N TYR D 41 -1.96 -15.49 18.19
CA TYR D 41 -2.64 -14.25 17.84
C TYR D 41 -2.77 -14.06 16.34
N ILE D 42 -3.91 -13.49 15.95
CA ILE D 42 -4.14 -13.03 14.60
C ILE D 42 -3.95 -11.52 14.69
N GLU D 43 -3.23 -10.94 13.73
CA GLU D 43 -3.08 -9.51 13.68
C GLU D 43 -4.15 -8.88 12.78
N LEU D 44 -4.62 -7.68 13.15
CA LEU D 44 -5.68 -6.99 12.42
C LEU D 44 -5.36 -5.53 12.32
N ASP D 45 -5.61 -4.95 11.15
CA ASP D 45 -5.34 -3.50 10.99
C ASP D 45 -6.62 -2.74 10.76
N PHE D 46 -6.97 -1.87 11.69
CA PHE D 46 -8.17 -1.08 11.58
C PHE D 46 -7.83 0.37 11.40
N ASP D 47 -8.58 1.04 10.54
CA ASP D 47 -8.52 2.48 10.44
C ASP D 47 -9.86 2.91 10.93
N PHE D 48 -9.89 3.87 11.83
CA PHE D 48 -11.15 4.36 12.39
C PHE D 48 -11.11 5.82 12.82
N GLU D 49 -12.29 6.35 13.10
CA GLU D 49 -12.44 7.70 13.61
C GLU D 49 -13.23 7.64 14.90
N CYS D 50 -12.77 8.36 15.91
CA CYS D 50 -13.40 8.29 17.20
C CYS D 50 -13.52 9.66 17.81
N ALA D 51 -14.35 9.77 18.84
CA ALA D 51 -14.53 11.00 19.60
C ALA D 51 -13.89 10.83 20.97
N GLY D 52 -13.23 11.88 21.47
CA GLY D 52 -12.53 11.81 22.76
C GLY D 52 -11.24 11.02 22.64
N ASP D 53 -10.74 10.53 23.78
CA ASP D 53 -9.40 9.95 23.83
C ASP D 53 -9.27 8.77 22.84
N PRO D 54 -8.33 8.86 21.88
CA PRO D 54 -8.04 7.71 21.03
C PRO D 54 -7.44 6.52 21.77
N HIS D 55 -6.84 6.75 22.93
CA HIS D 55 -6.27 5.64 23.72
C HIS D 55 -7.32 4.78 24.40
N GLU D 56 -8.28 5.44 25.05
CA GLU D 56 -9.50 4.80 25.55
C GLU D 56 -10.25 4.06 24.45
N ALA D 57 -10.37 4.71 23.30
CA ALA D 57 -11.15 4.20 22.18
C ALA D 57 -10.62 2.84 21.74
N ALA D 58 -9.32 2.75 21.55
CA ALA D 58 -8.70 1.53 21.10
C ALA D 58 -8.89 0.40 22.11
N ALA D 59 -8.74 0.71 23.41
CA ALA D 59 -8.94 -0.28 24.48
C ALA D 59 -10.36 -0.82 24.47
N HIS D 60 -11.33 0.08 24.31
CA HIS D 60 -12.76 -0.26 24.22
C HIS D 60 -13.02 -1.18 23.05
N LEU D 61 -12.28 -0.97 21.97
CA LEU D 61 -12.46 -1.70 20.76
C LEU D 61 -11.94 -3.11 20.93
N CYS D 62 -10.88 -3.27 21.73
CA CYS D 62 -10.32 -4.58 22.05
C CYS D 62 -11.24 -5.31 22.98
N SER D 63 -11.70 -4.57 23.99
CA SER D 63 -12.66 -5.03 24.97
C SER D 63 -13.89 -5.65 24.29
N GLU D 64 -14.67 -4.80 23.60
CA GLU D 64 -15.91 -5.20 22.93
C GLU D 64 -15.74 -6.42 22.06
N GLN D 65 -14.58 -6.48 21.43
CA GLN D 65 -14.22 -7.51 20.48
C GLN D 65 -13.88 -8.86 21.13
N SER D 66 -13.60 -8.84 22.43
CA SER D 66 -13.19 -10.05 23.12
C SER D 66 -13.77 -10.08 24.52
N THR D 67 -12.97 -9.78 25.53
CA THR D 67 -13.43 -9.87 26.92
C THR D 67 -14.59 -8.94 27.27
N ALA D 68 -14.36 -7.62 27.38
CA ALA D 68 -15.45 -6.71 27.74
C ALA D 68 -15.79 -6.82 29.21
N GLN D 69 -15.45 -7.96 29.79
CA GLN D 69 -15.66 -8.21 31.21
C GLN D 69 -14.66 -9.29 31.64
N TRP D 70 -13.69 -8.91 32.45
CA TRP D 70 -12.62 -9.83 32.78
C TRP D 70 -12.63 -10.38 34.21
N ARG D 71 -13.37 -9.77 35.14
CA ARG D 71 -13.56 -10.38 36.47
C ARG D 71 -14.93 -11.01 36.56
N ARG D 72 -15.20 -11.62 37.70
CA ARG D 72 -16.57 -11.83 38.17
C ARG D 72 -16.81 -10.83 39.28
N VAL D 73 -18.08 -10.75 39.72
CA VAL D 73 -18.54 -9.81 40.76
C VAL D 73 -17.37 -9.24 41.60
N GLY D 74 -16.84 -10.05 42.53
CA GLY D 74 -15.75 -9.62 43.42
C GLY D 74 -14.62 -10.63 43.50
N PHE D 75 -14.05 -10.95 42.34
CA PHE D 75 -12.87 -11.80 42.24
C PHE D 75 -11.76 -10.96 41.60
N ASP D 76 -10.53 -11.12 42.11
CA ASP D 76 -9.34 -10.69 41.36
C ASP D 76 -9.00 -11.87 40.45
N GLU D 77 -9.35 -11.70 39.19
CA GLU D 77 -9.35 -12.80 38.25
C GLU D 77 -8.54 -12.37 37.06
N ASP D 78 -9.00 -11.30 36.42
CA ASP D 78 -8.42 -10.81 35.16
C ASP D 78 -8.06 -11.94 34.18
N PHE D 79 -9.00 -12.37 33.35
CA PHE D 79 -8.61 -13.27 32.26
C PHE D 79 -8.36 -12.58 30.93
N ARG D 80 -7.80 -11.38 31.03
CA ARG D 80 -7.38 -10.52 29.93
C ARG D 80 -6.10 -11.04 29.25
N PRO D 81 -5.09 -11.50 30.03
CA PRO D 81 -3.84 -11.95 29.41
C PRO D 81 -4.03 -13.12 28.46
N ARG D 82 -5.00 -13.99 28.73
CA ARG D 82 -5.23 -15.18 27.90
C ARG D 82 -6.32 -15.01 26.84
N PHE D 83 -7.29 -14.14 27.08
CA PHE D 83 -8.47 -14.06 26.22
C PHE D 83 -8.78 -12.71 25.58
N ALA D 84 -8.04 -11.67 25.90
CA ALA D 84 -8.37 -10.36 25.38
C ALA D 84 -7.49 -9.95 24.23
N ALA D 85 -8.13 -9.37 23.22
CA ALA D 85 -7.45 -8.74 22.10
C ALA D 85 -6.68 -7.55 22.64
N LYS D 86 -5.49 -7.32 22.11
CA LYS D 86 -4.59 -6.34 22.70
C LYS D 86 -3.98 -5.45 21.65
N VAL D 87 -3.88 -4.17 21.99
CA VAL D 87 -3.30 -3.19 21.07
C VAL D 87 -1.78 -3.33 20.99
N LEU D 88 -1.30 -3.67 19.80
CA LEU D 88 0.11 -3.77 19.53
C LEU D 88 0.71 -2.41 19.20
N GLU D 89 -0.04 -1.62 18.43
CA GLU D 89 0.50 -0.40 17.85
C GLU D 89 -0.64 0.56 17.46
N LEU D 90 -0.51 1.83 17.83
CA LEU D 90 -1.56 2.84 17.62
C LEU D 90 -1.04 4.23 17.21
N SER D 91 -1.78 4.88 16.35
CA SER D 91 -1.36 6.09 15.65
C SER D 91 -2.63 6.91 15.46
N ALA D 92 -2.62 8.16 15.91
CA ALA D 92 -3.83 9.00 15.89
C ALA D 92 -3.54 10.48 15.72
N GLU D 93 -4.13 11.09 14.70
CA GLU D 93 -3.90 12.50 14.39
C GLU D 93 -5.24 13.24 14.44
N PRO D 94 -5.25 14.49 14.91
CA PRO D 94 -6.53 15.16 15.08
C PRO D 94 -7.16 15.54 13.77
N ARG D 95 -8.49 15.66 13.76
CA ARG D 95 -9.22 16.23 12.62
C ARG D 95 -10.38 17.13 13.06
N PRO D 96 -10.15 18.45 13.06
CA PRO D 96 -11.08 19.42 13.61
C PRO D 96 -12.38 19.52 12.83
N SER D 97 -12.38 19.04 11.59
CA SER D 97 -13.57 19.05 10.76
C SER D 97 -14.68 18.15 11.27
N GLY D 98 -14.35 17.17 12.10
CA GLY D 98 -15.33 16.17 12.54
C GLY D 98 -15.18 14.90 11.74
N PHE D 99 -16.22 14.07 11.68
CA PHE D 99 -16.16 12.81 10.94
C PHE D 99 -16.21 13.02 9.42
N SER D 100 -15.63 12.08 8.66
CA SER D 100 -15.55 12.17 7.19
C SER D 100 -16.90 12.36 6.52
N VAL D 101 -17.78 11.38 6.71
CA VAL D 101 -19.17 11.44 6.28
C VAL D 101 -20.04 11.87 7.48
N PRO D 102 -21.16 12.58 7.24
CA PRO D 102 -22.02 12.81 8.39
C PRO D 102 -22.58 11.51 8.93
N VAL D 103 -22.54 11.37 10.25
CA VAL D 103 -23.16 10.23 10.96
C VAL D 103 -23.88 10.79 12.20
N GLU D 104 -23.87 10.04 13.30
CA GLU D 104 -24.45 10.47 14.58
C GLU D 104 -23.77 9.72 15.71
N CYS D 105 -23.38 10.43 16.77
CA CYS D 105 -22.55 9.76 17.78
C CYS D 105 -22.85 9.94 19.28
N ALA D 106 -22.41 8.90 20.02
CA ALA D 106 -22.45 8.79 21.47
C ALA D 106 -21.38 9.61 22.23
N ALA D 107 -20.70 10.55 21.54
CA ALA D 107 -19.65 11.37 22.18
C ALA D 107 -19.47 12.77 21.57
N ARG D 108 -18.80 13.64 22.33
CA ARG D 108 -18.42 15.00 21.89
C ARG D 108 -16.90 15.24 21.89
N GLY D 109 -16.52 16.53 21.95
CA GLY D 109 -15.10 16.93 21.99
C GLY D 109 -14.35 16.70 20.68
N PRO D 110 -13.02 16.51 20.75
CA PRO D 110 -12.25 16.33 19.54
C PRO D 110 -12.58 15.03 18.79
N VAL D 111 -12.32 14.98 17.48
CA VAL D 111 -12.40 13.76 16.69
C VAL D 111 -11.01 13.45 16.14
N HIS D 112 -10.55 12.21 16.31
CA HIS D 112 -9.25 11.78 15.81
C HIS D 112 -9.38 10.75 14.70
N ALA D 113 -8.38 10.68 13.82
CA ALA D 113 -8.32 9.65 12.81
C ALA D 113 -7.24 8.67 13.25
N CYS D 114 -7.54 7.36 13.30
CA CYS D 114 -6.62 6.39 13.88
C CYS D 114 -6.28 5.19 13.05
N ARG D 115 -5.13 4.60 13.38
CA ARG D 115 -4.64 3.39 12.76
C ARG D 115 -4.15 2.50 13.89
N VAL D 116 -4.73 1.29 13.99
CA VAL D 116 -4.40 0.34 15.04
C VAL D 116 -4.04 -1.03 14.49
N THR D 117 -3.06 -1.68 15.12
CA THR D 117 -2.82 -3.10 14.92
C THR D 117 -3.19 -3.79 16.22
N ILE D 118 -4.16 -4.70 16.16
CA ILE D 118 -4.65 -5.40 17.32
C ILE D 118 -4.33 -6.86 17.15
N ALA D 119 -3.82 -7.46 18.22
CA ALA D 119 -3.54 -8.88 18.25
C ALA D 119 -4.67 -9.61 18.95
N HIS D 120 -5.42 -10.45 18.24
CA HIS D 120 -6.60 -11.10 18.78
C HIS D 120 -6.28 -12.56 19.02
N PRO D 121 -6.44 -13.07 20.26
CA PRO D 121 -6.13 -14.47 20.53
C PRO D 121 -7.13 -15.40 19.83
N HIS D 122 -6.64 -16.25 18.94
CA HIS D 122 -7.51 -17.10 18.10
C HIS D 122 -8.02 -18.34 18.84
N GLY D 123 -7.43 -18.65 19.98
CA GLY D 123 -7.95 -19.66 20.88
C GLY D 123 -9.39 -19.37 21.23
N ASN D 124 -9.79 -18.11 21.10
CA ASN D 124 -11.15 -17.67 21.34
C ASN D 124 -12.21 -18.28 20.43
N PHE D 125 -11.88 -18.55 19.19
CA PHE D 125 -12.88 -19.12 18.28
C PHE D 125 -12.48 -20.44 17.62
N GLY D 126 -11.18 -20.73 17.61
CA GLY D 126 -10.64 -21.89 16.88
C GLY D 126 -10.67 -21.64 15.38
N ALA D 127 -10.37 -22.69 14.61
CA ALA D 127 -10.21 -22.57 13.16
C ALA D 127 -11.53 -22.78 12.36
N LYS D 128 -12.52 -21.92 12.60
CA LYS D 128 -13.80 -21.96 11.87
C LYS D 128 -14.10 -20.60 11.29
N ILE D 129 -14.42 -20.54 10.00
CA ILE D 129 -14.69 -19.26 9.36
C ILE D 129 -15.81 -18.42 10.02
N PRO D 130 -17.05 -18.98 10.22
CA PRO D 130 -18.12 -18.17 10.83
C PRO D 130 -17.73 -17.51 12.17
N ASN D 131 -17.10 -18.26 13.08
CA ASN D 131 -16.64 -17.71 14.35
C ASN D 131 -15.55 -16.66 14.26
N LEU D 132 -14.68 -16.84 13.28
CA LEU D 132 -13.65 -15.85 13.01
C LEU D 132 -14.28 -14.50 12.68
N LEU D 133 -15.07 -14.46 11.61
CA LEU D 133 -15.81 -13.25 11.22
C LEU D 133 -16.54 -12.61 12.38
N SER D 134 -17.39 -13.38 13.06
CA SER D 134 -18.23 -12.80 14.11
C SER D 134 -17.46 -12.34 15.33
N ALA D 135 -16.13 -12.38 15.25
CA ALA D 135 -15.25 -11.84 16.28
C ALA D 135 -14.56 -10.62 15.75
N VAL D 136 -13.82 -10.81 14.67
CA VAL D 136 -13.05 -9.74 14.05
C VAL D 136 -13.90 -8.76 13.25
N CYS D 137 -15.21 -8.98 13.17
CA CYS D 137 -16.14 -7.91 12.74
C CYS D 137 -17.63 -8.15 13.05
N GLY D 138 -17.89 -8.44 14.32
CA GLY D 138 -19.25 -8.47 14.84
C GLY D 138 -19.51 -7.21 15.64
N GLU D 139 -20.41 -7.30 16.62
CA GLU D 139 -20.70 -6.20 17.55
C GLU D 139 -19.45 -5.46 17.96
N GLY D 140 -18.46 -6.19 18.46
CA GLY D 140 -17.24 -5.58 18.98
C GLY D 140 -16.71 -4.40 18.17
N VAL D 141 -16.54 -4.65 16.88
CA VAL D 141 -15.93 -3.71 15.95
C VAL D 141 -16.84 -2.54 15.57
N PHE D 142 -18.09 -2.81 15.18
CA PHE D 142 -18.94 -1.79 14.59
C PHE D 142 -19.78 -0.96 15.58
N PHE D 143 -19.91 -1.47 16.80
CA PHE D 143 -20.74 -0.81 17.79
C PHE D 143 -19.94 -0.53 19.03
N SER D 144 -18.62 -0.45 18.82
CA SER D 144 -17.71 0.00 19.86
C SER D 144 -18.07 1.44 20.22
N PRO D 145 -18.00 1.79 21.52
CA PRO D 145 -18.59 3.09 21.93
C PRO D 145 -17.77 4.28 21.43
N GLY D 146 -18.45 5.22 20.77
CA GLY D 146 -17.80 6.42 20.21
C GLY D 146 -16.92 6.24 18.97
N ILE D 147 -17.00 5.07 18.32
CA ILE D 147 -16.25 4.79 17.08
C ILE D 147 -17.19 4.46 15.92
N PRO D 148 -17.81 5.51 15.29
CA PRO D 148 -18.83 5.39 14.25
C PRO D 148 -18.32 4.82 12.94
N LEU D 149 -17.14 5.27 12.51
CA LEU D 149 -16.55 4.83 11.22
C LEU D 149 -15.32 3.98 11.47
N ILE D 150 -15.31 2.78 10.88
CA ILE D 150 -14.18 1.88 11.08
C ILE D 150 -14.02 0.95 9.87
N ARG D 151 -12.77 0.63 9.53
CA ARG D 151 -12.50 -0.24 8.40
C ARG D 151 -11.36 -1.25 8.69
N LEU D 152 -11.67 -2.53 8.51
CA LEU D 152 -10.69 -3.55 8.68
C LEU D 152 -9.87 -3.57 7.38
N GLN D 153 -8.57 -3.34 7.50
CA GLN D 153 -7.66 -3.21 6.37
C GLN D 153 -6.91 -4.50 6.02
N ASP D 154 -6.56 -5.30 7.04
CA ASP D 154 -5.82 -6.54 6.82
C ASP D 154 -5.91 -7.54 8.00
N ILE D 155 -5.87 -8.84 7.70
CA ILE D 155 -5.63 -9.85 8.72
C ILE D 155 -4.29 -10.52 8.40
N ARG D 156 -3.59 -11.01 9.42
CA ARG D 156 -2.42 -11.87 9.24
C ARG D 156 -2.55 -13.08 10.15
N PHE D 157 -2.29 -14.28 9.63
CA PHE D 157 -2.45 -15.48 10.44
C PHE D 157 -1.08 -16.12 10.78
N PRO D 158 -0.91 -16.72 11.95
CA PRO D 158 0.29 -17.49 12.16
C PRO D 158 0.20 -18.88 11.53
N GLU D 159 1.36 -19.50 11.22
CA GLU D 159 1.43 -20.89 10.70
C GLU D 159 0.52 -21.87 11.45
N PRO D 160 0.72 -22.02 12.79
CA PRO D 160 -0.13 -22.94 13.55
C PRO D 160 -1.61 -22.82 13.15
N TYR D 161 -2.09 -21.59 13.04
CA TYR D 161 -3.47 -21.36 12.71
C TYR D 161 -3.76 -21.74 11.26
N LEU D 162 -2.90 -21.29 10.34
CA LEU D 162 -3.11 -21.53 8.92
C LEU D 162 -3.08 -23.01 8.59
N ALA D 163 -2.26 -23.73 9.35
CA ALA D 163 -2.10 -25.15 9.18
C ALA D 163 -3.41 -25.92 9.38
N ALA D 164 -4.41 -25.28 10.00
CA ALA D 164 -5.69 -25.93 10.27
C ALA D 164 -6.62 -26.01 9.05
N PHE D 165 -6.50 -25.06 8.13
CA PHE D 165 -7.27 -25.04 6.86
C PHE D 165 -6.50 -25.75 5.76
N ASP D 166 -7.13 -26.02 4.62
CA ASP D 166 -6.42 -26.66 3.51
C ASP D 166 -6.11 -25.66 2.39
N GLY D 167 -6.95 -24.62 2.32
CA GLY D 167 -6.82 -23.62 1.26
C GLY D 167 -7.13 -24.27 -0.06
N PRO D 168 -6.58 -23.73 -1.14
CA PRO D 168 -6.94 -24.31 -2.43
C PRO D 168 -6.35 -25.74 -2.56
N ARG D 169 -7.09 -26.61 -3.24
CA ARG D 169 -6.61 -27.94 -3.59
C ARG D 169 -5.57 -27.86 -4.71
N PHE D 170 -5.87 -27.03 -5.71
CA PHE D 170 -5.05 -26.94 -6.90
C PHE D 170 -4.13 -25.71 -6.94
N GLY D 171 -4.71 -24.51 -6.84
CA GLY D 171 -3.95 -23.27 -6.96
C GLY D 171 -3.61 -23.01 -8.42
N ILE D 172 -2.83 -21.95 -8.65
CA ILE D 172 -2.39 -21.60 -10.00
C ILE D 172 -1.66 -22.81 -10.55
N ALA D 173 -0.69 -23.26 -9.78
CA ALA D 173 0.02 -24.50 -10.04
C ALA D 173 -0.89 -25.55 -10.75
N GLY D 174 -1.95 -25.98 -10.05
CA GLY D 174 -2.80 -27.08 -10.48
C GLY D 174 -3.60 -26.70 -11.70
N VAL D 175 -4.20 -25.52 -11.66
CA VAL D 175 -4.93 -24.98 -12.82
C VAL D 175 -4.08 -24.94 -14.07
N ARG D 176 -2.86 -24.44 -13.95
CA ARG D 176 -1.95 -24.41 -15.07
C ARG D 176 -1.73 -25.80 -15.67
N GLU D 177 -1.64 -26.82 -14.82
CA GLU D 177 -1.34 -28.15 -15.32
C GLU D 177 -2.54 -28.80 -16.01
N ARG D 178 -3.74 -28.51 -15.52
CA ARG D 178 -4.98 -28.96 -16.15
C ARG D 178 -5.19 -28.36 -17.53
N LEU D 179 -4.64 -27.18 -17.79
CA LEU D 179 -4.83 -26.57 -19.08
C LEU D 179 -3.61 -26.68 -19.98
N GLN D 180 -2.49 -27.18 -19.44
CA GLN D 180 -1.21 -27.14 -20.13
C GLN D 180 -0.86 -25.70 -20.52
N ALA D 181 -1.32 -24.76 -19.71
CA ALA D 181 -1.10 -23.36 -19.97
C ALA D 181 0.03 -22.89 -19.10
N PHE D 182 1.19 -22.66 -19.72
CA PHE D 182 2.36 -22.21 -18.96
C PHE D 182 2.94 -20.93 -19.52
N ASP D 183 3.44 -20.09 -18.62
CA ASP D 183 4.08 -18.84 -19.01
C ASP D 183 3.17 -17.91 -19.83
N ARG D 184 1.89 -17.93 -19.50
CA ARG D 184 0.95 -17.04 -20.13
C ARG D 184 -0.26 -17.00 -19.23
N PRO D 185 -1.02 -15.91 -19.29
CA PRO D 185 -2.21 -15.82 -18.46
C PRO D 185 -3.27 -16.83 -18.90
N ILE D 186 -4.20 -17.14 -18.00
CA ILE D 186 -5.30 -18.04 -18.31
C ILE D 186 -6.46 -17.28 -18.92
N PHE D 187 -6.88 -17.68 -20.14
CA PHE D 187 -7.94 -16.97 -20.87
C PHE D 187 -9.38 -17.47 -20.66
N PHE D 188 -10.13 -16.68 -19.89
CA PHE D 188 -11.54 -16.96 -19.58
C PHE D 188 -12.43 -16.19 -20.53
N GLY D 189 -13.68 -16.61 -20.66
CA GLY D 189 -14.65 -15.86 -21.46
C GLY D 189 -16.04 -16.13 -20.96
N VAL D 190 -16.85 -15.08 -20.81
CA VAL D 190 -18.19 -15.26 -20.26
C VAL D 190 -19.16 -15.30 -21.41
N ILE D 191 -19.79 -16.44 -21.63
CA ILE D 191 -20.65 -16.62 -22.78
C ILE D 191 -21.79 -15.63 -22.77
N LYS D 192 -21.96 -14.91 -23.88
CA LYS D 192 -22.96 -13.84 -24.03
C LYS D 192 -23.68 -13.92 -25.36
N PRO D 193 -25.01 -13.73 -25.36
CA PRO D 193 -25.87 -13.53 -24.18
C PRO D 193 -25.99 -14.80 -23.32
N ASN D 194 -26.51 -14.66 -22.11
CA ASN D 194 -26.72 -15.82 -21.23
C ASN D 194 -28.15 -15.92 -20.81
N ILE D 195 -28.56 -15.01 -19.92
CA ILE D 195 -29.93 -14.93 -19.44
C ILE D 195 -30.84 -14.76 -20.65
N GLY D 196 -31.68 -15.76 -20.88
CA GLY D 196 -32.64 -15.73 -21.97
C GLY D 196 -32.45 -16.80 -23.01
N LEU D 197 -31.23 -17.31 -23.10
CA LEU D 197 -30.95 -18.38 -24.05
C LEU D 197 -31.31 -19.77 -23.53
N PRO D 198 -32.05 -20.55 -24.34
CA PRO D 198 -32.25 -22.00 -24.11
C PRO D 198 -30.90 -22.75 -24.20
N PRO D 199 -30.85 -24.04 -23.80
CA PRO D 199 -29.50 -24.57 -23.60
C PRO D 199 -28.73 -24.84 -24.90
N GLN D 200 -29.43 -24.97 -26.02
CA GLN D 200 -28.76 -25.40 -27.26
C GLN D 200 -27.82 -24.38 -27.95
N PRO D 201 -28.32 -23.17 -28.31
CA PRO D 201 -27.42 -22.19 -28.98
C PRO D 201 -26.31 -21.67 -28.07
N PHE D 202 -26.36 -22.13 -26.82
CA PHE D 202 -25.37 -21.83 -25.80
C PHE D 202 -24.08 -22.57 -26.06
N ALA D 203 -24.17 -23.88 -26.27
CA ALA D 203 -23.01 -24.74 -26.56
C ALA D 203 -22.27 -24.26 -27.79
N GLU D 204 -23.04 -23.77 -28.78
CA GLU D 204 -22.52 -23.22 -30.02
C GLU D 204 -21.47 -22.15 -29.82
N LEU D 205 -21.85 -21.11 -29.10
CA LEU D 205 -20.96 -20.01 -28.78
C LEU D 205 -19.74 -20.46 -27.97
N GLY D 206 -19.94 -21.35 -27.01
CA GLY D 206 -18.84 -21.88 -26.20
C GLY D 206 -17.88 -22.61 -27.10
N TYR D 207 -18.43 -23.50 -27.92
CA TYR D 207 -17.63 -24.30 -28.80
C TYR D 207 -16.66 -23.44 -29.59
N GLN D 208 -17.18 -22.37 -30.16
CA GLN D 208 -16.41 -21.53 -31.04
C GLN D 208 -15.29 -20.80 -30.35
N SER D 209 -15.62 -20.20 -29.22
CA SER D 209 -14.67 -19.42 -28.48
C SER D 209 -13.51 -20.29 -28.03
N TRP D 210 -13.79 -21.55 -27.70
CA TRP D 210 -12.72 -22.49 -27.35
C TRP D 210 -11.77 -22.72 -28.51
N THR D 211 -12.36 -22.94 -29.70
CA THR D 211 -11.63 -23.12 -30.94
C THR D 211 -10.80 -21.90 -31.27
N GLY D 212 -11.36 -20.70 -31.05
CA GLY D 212 -10.64 -19.43 -31.25
C GLY D 212 -9.39 -19.30 -30.42
N GLY D 213 -9.36 -20.00 -29.28
CA GLY D 213 -8.19 -20.06 -28.42
C GLY D 213 -8.47 -19.80 -26.94
N LEU D 214 -9.74 -19.82 -26.54
CA LEU D 214 -10.09 -19.70 -25.13
C LEU D 214 -9.73 -20.98 -24.36
N ASP D 215 -9.25 -20.81 -23.12
CA ASP D 215 -8.97 -21.93 -22.23
C ASP D 215 -10.26 -22.34 -21.53
N ILE D 216 -10.98 -21.36 -20.97
CA ILE D 216 -12.18 -21.60 -20.18
C ILE D 216 -13.37 -20.73 -20.65
N ALA D 217 -14.48 -21.40 -20.94
CA ALA D 217 -15.72 -20.73 -21.22
C ALA D 217 -16.62 -20.91 -20.00
N LYS D 218 -17.10 -19.78 -19.46
CA LYS D 218 -17.86 -19.76 -18.18
C LYS D 218 -19.30 -19.27 -18.31
N ASP D 219 -20.12 -19.76 -17.39
CA ASP D 219 -21.48 -19.28 -17.19
C ASP D 219 -21.42 -17.93 -16.51
N ASP D 220 -22.39 -17.07 -16.81
CA ASP D 220 -22.55 -15.82 -16.06
C ASP D 220 -22.86 -16.07 -14.56
N GLU D 221 -22.48 -15.13 -13.69
CA GLU D 221 -22.73 -15.23 -12.23
C GLU D 221 -24.19 -15.56 -11.94
N MET D 222 -25.08 -14.94 -12.71
CA MET D 222 -26.51 -15.05 -12.49
C MET D 222 -27.21 -16.18 -13.29
N LEU D 223 -26.45 -17.19 -13.69
CA LEU D 223 -27.03 -18.30 -14.42
C LEU D 223 -26.73 -19.64 -13.74
N ALA D 224 -27.71 -20.15 -13.00
CA ALA D 224 -27.58 -21.47 -12.35
C ALA D 224 -28.63 -22.44 -12.88
N ASP D 225 -29.25 -23.18 -11.95
CA ASP D 225 -30.21 -24.23 -12.30
C ASP D 225 -31.63 -23.65 -12.36
N VAL D 226 -32.13 -23.40 -13.56
CA VAL D 226 -33.44 -22.79 -13.74
C VAL D 226 -34.31 -23.48 -14.81
N ASP D 227 -35.63 -23.33 -14.68
CA ASP D 227 -36.63 -23.90 -15.62
C ASP D 227 -36.24 -23.82 -17.09
N TRP D 228 -35.89 -22.61 -17.53
CA TRP D 228 -35.61 -22.29 -18.93
C TRP D 228 -34.21 -22.71 -19.43
N CYS D 229 -33.28 -22.95 -18.50
CA CYS D 229 -31.95 -23.41 -18.88
C CYS D 229 -31.32 -24.27 -17.78
N PRO D 230 -31.92 -25.45 -17.51
CA PRO D 230 -31.44 -26.28 -16.41
C PRO D 230 -29.96 -26.66 -16.56
N LEU D 231 -29.29 -26.84 -15.44
CA LEU D 231 -27.87 -27.14 -15.41
C LEU D 231 -27.62 -28.51 -15.93
N ALA D 232 -28.52 -29.45 -15.59
CA ALA D 232 -28.48 -30.80 -16.13
C ALA D 232 -28.14 -30.78 -17.62
N GLU D 233 -28.84 -29.94 -18.38
CA GLU D 233 -28.76 -29.89 -19.85
C GLU D 233 -27.69 -28.96 -20.44
N ARG D 234 -27.55 -27.75 -19.89
CA ARG D 234 -26.45 -26.88 -20.24
C ARG D 234 -25.14 -27.65 -20.26
N ALA D 235 -24.83 -28.25 -19.12
CA ALA D 235 -23.56 -28.92 -18.87
C ALA D 235 -23.36 -30.12 -19.79
N ALA D 236 -24.43 -30.84 -20.05
CA ALA D 236 -24.38 -31.93 -21.00
C ALA D 236 -23.88 -31.41 -22.34
N LEU D 237 -24.52 -30.36 -22.86
CA LEU D 237 -24.19 -29.83 -24.19
C LEU D 237 -22.82 -29.16 -24.22
N LEU D 238 -22.55 -28.33 -23.22
CA LEU D 238 -21.27 -27.66 -23.14
C LEU D 238 -20.13 -28.63 -22.82
N GLY D 239 -20.41 -29.69 -22.07
CA GLY D 239 -19.44 -30.73 -21.82
C GLY D 239 -19.03 -31.36 -23.13
N ASP D 240 -20.00 -31.59 -24.01
CA ASP D 240 -19.74 -32.14 -25.35
C ASP D 240 -18.90 -31.22 -26.18
N ALA D 241 -19.42 -30.01 -26.35
CA ALA D 241 -18.75 -28.98 -27.09
C ALA D 241 -17.31 -28.85 -26.63
N CYS D 242 -17.09 -29.07 -25.33
CA CYS D 242 -15.77 -28.96 -24.74
C CYS D 242 -14.84 -30.11 -25.13
N ARG D 243 -15.30 -31.35 -24.97
CA ARG D 243 -14.53 -32.52 -25.39
C ARG D 243 -14.23 -32.46 -26.89
N ARG D 244 -15.20 -31.94 -27.64
CA ARG D 244 -15.10 -31.78 -29.09
C ARG D 244 -14.01 -30.80 -29.49
N ALA D 245 -14.01 -29.60 -28.90
CA ALA D 245 -13.00 -28.58 -29.20
C ALA D 245 -11.63 -28.95 -28.69
N SER D 246 -11.60 -29.68 -27.58
CA SER D 246 -10.37 -30.12 -26.94
C SER D 246 -9.63 -31.14 -27.80
N ALA D 247 -10.40 -32.03 -28.41
CA ALA D 247 -9.85 -33.01 -29.35
C ALA D 247 -9.39 -32.34 -30.64
N GLU D 248 -10.24 -31.46 -31.18
CA GLU D 248 -9.96 -30.75 -32.45
C GLU D 248 -8.81 -29.76 -32.44
N THR D 249 -8.49 -29.20 -31.28
CA THR D 249 -7.34 -28.30 -31.15
C THR D 249 -6.15 -28.99 -30.48
N GLY D 250 -6.38 -30.15 -29.86
CA GLY D 250 -5.32 -30.94 -29.24
C GLY D 250 -4.83 -30.40 -27.91
N VAL D 251 -5.42 -29.29 -27.46
CA VAL D 251 -5.08 -28.66 -26.19
C VAL D 251 -6.28 -28.85 -25.28
N PRO D 252 -6.04 -29.19 -24.00
CA PRO D 252 -7.15 -29.29 -23.05
C PRO D 252 -7.97 -27.99 -22.92
N LYS D 253 -9.30 -28.11 -23.06
CA LYS D 253 -10.25 -27.00 -22.84
C LYS D 253 -11.13 -27.26 -21.62
N ILE D 254 -11.73 -26.22 -21.05
CA ILE D 254 -12.49 -26.39 -19.79
C ILE D 254 -13.80 -25.62 -19.80
N TYR D 255 -14.86 -26.32 -19.36
CA TYR D 255 -16.15 -25.70 -19.13
C TYR D 255 -16.39 -25.40 -17.65
N LEU D 256 -16.53 -24.11 -17.33
CA LEU D 256 -16.71 -23.64 -15.96
C LEU D 256 -18.19 -23.41 -15.64
N ALA D 257 -18.81 -24.38 -14.96
CA ALA D 257 -20.25 -24.37 -14.67
C ALA D 257 -20.59 -23.70 -13.34
N ASN D 258 -21.58 -22.79 -13.36
CA ASN D 258 -22.04 -22.10 -12.16
C ASN D 258 -23.05 -22.96 -11.42
N ILE D 259 -22.70 -23.31 -10.18
CA ILE D 259 -23.53 -24.18 -9.32
C ILE D 259 -23.99 -23.48 -8.04
N THR D 260 -24.12 -22.17 -8.10
CA THR D 260 -24.68 -21.39 -7.02
C THR D 260 -26.14 -21.79 -6.75
N ASP D 261 -26.41 -22.17 -5.51
CA ASP D 261 -27.73 -22.66 -5.10
C ASP D 261 -27.79 -22.83 -3.59
N GLU D 262 -28.94 -23.23 -3.07
CA GLU D 262 -29.06 -23.49 -1.64
C GLU D 262 -28.00 -24.51 -1.20
N VAL D 263 -27.41 -24.27 -0.04
CA VAL D 263 -26.26 -25.00 0.50
C VAL D 263 -26.37 -26.52 0.43
N ASP D 264 -27.53 -27.05 0.80
CA ASP D 264 -27.72 -28.50 0.77
C ASP D 264 -27.64 -29.09 -0.66
N ARG D 265 -28.12 -28.36 -1.66
CA ARG D 265 -28.06 -28.83 -3.04
C ARG D 265 -26.67 -28.71 -3.70
N LEU D 266 -25.71 -28.05 -3.04
CA LEU D 266 -24.37 -27.83 -3.59
C LEU D 266 -23.64 -29.09 -3.96
N THR D 267 -23.69 -30.09 -3.08
CA THR D 267 -23.04 -31.37 -3.34
C THR D 267 -23.71 -32.09 -4.52
N GLU D 268 -25.04 -32.03 -4.57
CA GLU D 268 -25.79 -32.60 -5.68
C GLU D 268 -25.36 -31.99 -7.02
N LEU D 269 -25.23 -30.67 -7.08
CA LEU D 269 -24.87 -29.97 -8.32
C LEU D 269 -23.42 -30.21 -8.76
N HIS D 270 -22.51 -30.31 -7.80
CA HIS D 270 -21.14 -30.70 -8.08
C HIS D 270 -21.12 -31.92 -8.97
N ASP D 271 -21.81 -32.97 -8.51
CA ASP D 271 -21.81 -34.25 -9.18
C ASP D 271 -22.47 -34.18 -10.54
N VAL D 272 -23.62 -33.52 -10.63
CA VAL D 272 -24.31 -33.36 -11.92
C VAL D 272 -23.41 -32.69 -12.97
N ALA D 273 -22.77 -31.58 -12.58
CA ALA D 273 -21.91 -30.83 -13.48
C ALA D 273 -20.68 -31.63 -13.89
N VAL D 274 -19.95 -32.15 -12.91
CA VAL D 274 -18.76 -32.99 -13.14
C VAL D 274 -19.09 -34.22 -14.00
N ALA D 275 -20.13 -34.96 -13.63
CA ALA D 275 -20.60 -36.08 -14.44
C ALA D 275 -20.86 -35.68 -15.88
N ASN D 276 -21.14 -34.41 -16.13
CA ASN D 276 -21.48 -33.98 -17.48
C ASN D 276 -20.36 -33.35 -18.28
N GLY D 277 -19.18 -33.29 -17.68
CA GLY D 277 -18.01 -32.76 -18.36
C GLY D 277 -17.56 -31.38 -17.90
N ALA D 278 -18.13 -30.91 -16.79
CA ALA D 278 -17.68 -29.64 -16.22
C ALA D 278 -16.25 -29.76 -15.69
N GLY D 279 -15.38 -28.88 -16.18
CA GLY D 279 -13.97 -28.95 -15.84
C GLY D 279 -13.65 -28.26 -14.54
N ALA D 280 -14.45 -27.26 -14.20
CA ALA D 280 -14.27 -26.48 -12.98
C ALA D 280 -15.61 -25.95 -12.54
N LEU D 281 -15.73 -25.58 -11.27
CA LEU D 281 -16.99 -25.08 -10.74
C LEU D 281 -16.86 -23.66 -10.24
N LEU D 282 -17.90 -22.87 -10.52
CA LEU D 282 -17.98 -21.48 -10.09
C LEU D 282 -19.06 -21.31 -9.04
N ILE D 283 -18.70 -20.67 -7.93
CA ILE D 283 -19.61 -20.35 -6.86
C ILE D 283 -19.55 -18.86 -6.50
N ASN D 284 -20.70 -18.26 -6.28
CA ASN D 284 -20.76 -16.89 -5.74
C ASN D 284 -20.48 -16.86 -4.23
N ALA D 285 -19.24 -16.50 -3.91
CA ALA D 285 -18.62 -16.73 -2.58
C ALA D 285 -19.40 -16.21 -1.37
N MET D 286 -19.83 -14.94 -1.46
CA MET D 286 -20.62 -14.31 -0.40
C MET D 286 -22.04 -14.84 -0.24
N PRO D 287 -22.89 -14.77 -1.30
CA PRO D 287 -24.27 -15.27 -1.17
C PRO D 287 -24.41 -16.68 -0.58
N VAL D 288 -23.56 -17.63 -0.99
CA VAL D 288 -23.69 -18.99 -0.44
C VAL D 288 -23.12 -19.08 0.97
N GLY D 289 -22.08 -18.27 1.25
CA GLY D 289 -21.38 -18.31 2.53
C GLY D 289 -20.06 -19.05 2.38
N LEU D 290 -19.00 -18.47 2.94
CA LEU D 290 -17.66 -19.06 2.87
C LEU D 290 -17.56 -20.37 3.60
N SER D 291 -18.31 -20.53 4.67
CA SER D 291 -18.38 -21.82 5.34
C SER D 291 -18.86 -22.91 4.38
N ALA D 292 -19.91 -22.60 3.62
CA ALA D 292 -20.45 -23.49 2.60
C ALA D 292 -19.38 -24.00 1.63
N VAL D 293 -18.59 -23.07 1.07
CA VAL D 293 -17.46 -23.36 0.17
C VAL D 293 -16.48 -24.37 0.76
N ARG D 294 -16.08 -24.11 2.01
CA ARG D 294 -15.13 -24.93 2.73
C ARG D 294 -15.58 -26.40 2.85
N MET D 295 -16.90 -26.60 2.94
CA MET D 295 -17.51 -27.92 3.00
C MET D 295 -17.52 -28.61 1.62
N LEU D 296 -17.73 -27.81 0.57
CA LEU D 296 -17.70 -28.32 -0.79
C LEU D 296 -16.29 -28.72 -1.17
N ARG D 297 -15.31 -27.97 -0.68
CA ARG D 297 -13.90 -28.24 -0.93
C ARG D 297 -13.50 -29.64 -0.46
N LYS D 298 -14.09 -30.09 0.66
CA LYS D 298 -13.85 -31.44 1.16
C LYS D 298 -14.35 -32.52 0.20
N HIS D 299 -15.27 -32.16 -0.68
CA HIS D 299 -15.98 -33.12 -1.52
C HIS D 299 -15.70 -32.96 -3.02
N ALA D 300 -15.24 -31.78 -3.40
CA ALA D 300 -15.07 -31.40 -4.80
C ALA D 300 -13.87 -32.08 -5.44
N THR D 301 -13.99 -32.41 -6.75
CA THR D 301 -12.93 -33.11 -7.48
C THR D 301 -12.27 -32.22 -8.53
N VAL D 302 -12.91 -31.12 -8.88
CA VAL D 302 -12.36 -30.16 -9.87
C VAL D 302 -12.09 -28.81 -9.21
N PRO D 303 -11.33 -27.91 -9.86
CA PRO D 303 -11.03 -26.60 -9.25
C PRO D 303 -12.28 -25.80 -8.89
N LEU D 304 -12.18 -24.98 -7.84
CA LEU D 304 -13.26 -24.09 -7.42
C LEU D 304 -12.94 -22.64 -7.74
N ILE D 305 -13.92 -21.89 -8.22
CA ILE D 305 -13.72 -20.52 -8.66
C ILE D 305 -14.73 -19.58 -8.03
N ALA D 306 -14.26 -18.50 -7.42
CA ALA D 306 -15.15 -17.57 -6.75
C ALA D 306 -15.45 -16.38 -7.64
N HIS D 307 -16.72 -16.04 -7.77
CA HIS D 307 -17.09 -14.76 -8.37
C HIS D 307 -17.28 -13.72 -7.27
N PHE D 308 -17.53 -12.47 -7.66
CA PHE D 308 -17.51 -11.38 -6.68
C PHE D 308 -18.82 -10.64 -6.34
N PRO D 309 -19.99 -11.18 -6.72
CA PRO D 309 -21.21 -10.48 -6.31
C PRO D 309 -21.23 -10.30 -4.81
N PHE D 310 -21.60 -9.09 -4.39
CA PHE D 310 -21.87 -8.72 -2.99
C PHE D 310 -20.70 -8.10 -2.23
N ILE D 311 -19.50 -8.63 -2.39
CA ILE D 311 -18.32 -8.03 -1.76
C ILE D 311 -18.28 -6.50 -1.81
N ALA D 312 -18.64 -5.93 -2.97
CA ALA D 312 -18.66 -4.46 -3.18
C ALA D 312 -19.46 -3.65 -2.13
N ALA D 313 -20.61 -4.18 -1.72
CA ALA D 313 -21.47 -3.51 -0.75
C ALA D 313 -20.75 -3.06 0.51
N PHE D 314 -19.77 -3.84 0.97
CA PHE D 314 -19.03 -3.50 2.20
C PHE D 314 -17.55 -3.12 1.99
N SER D 315 -17.10 -3.15 0.74
CA SER D 315 -15.68 -2.93 0.50
C SER D 315 -15.36 -1.63 -0.22
N ARG D 316 -16.35 -1.00 -0.84
CA ARG D 316 -16.04 0.15 -1.70
C ARG D 316 -15.57 1.37 -0.97
N LEU D 317 -16.35 1.87 0.00
CA LEU D 317 -16.01 3.09 0.75
C LEU D 317 -14.66 2.99 1.49
N ALA D 318 -13.77 3.99 1.30
CA ALA D 318 -12.38 3.97 1.84
C ALA D 318 -12.31 4.16 3.35
N ASN D 319 -13.36 4.77 3.90
CA ASN D 319 -13.43 5.13 5.30
C ASN D 319 -14.32 4.21 6.17
N TYR D 320 -14.95 3.23 5.54
CA TYR D 320 -15.81 2.33 6.29
C TYR D 320 -15.91 0.91 5.74
N GLY D 321 -16.00 -0.07 6.63
CA GLY D 321 -16.25 -1.47 6.23
C GLY D 321 -15.05 -2.37 6.28
N ILE D 322 -14.90 -3.24 5.27
CA ILE D 322 -13.81 -4.22 5.21
C ILE D 322 -13.14 -4.13 3.86
N HIS D 323 -11.83 -3.93 3.84
CA HIS D 323 -11.06 -3.93 2.60
C HIS D 323 -11.25 -5.29 1.87
N SER D 324 -11.43 -5.25 0.56
CA SER D 324 -11.69 -6.48 -0.21
C SER D 324 -10.53 -7.46 -0.14
N ARG D 325 -9.32 -6.94 0.07
CA ARG D 325 -8.15 -7.76 0.29
C ARG D 325 -8.40 -8.79 1.42
N VAL D 326 -9.01 -8.34 2.51
CA VAL D 326 -9.36 -9.23 3.61
C VAL D 326 -10.23 -10.40 3.12
N MET D 327 -11.17 -10.09 2.23
CA MET D 327 -12.04 -11.09 1.63
C MET D 327 -11.25 -12.11 0.82
N THR D 328 -10.33 -11.60 0.01
CA THR D 328 -9.51 -12.41 -0.84
C THR D 328 -8.67 -13.38 -0.02
N ARG D 329 -8.08 -12.90 1.07
CA ARG D 329 -7.40 -13.76 2.03
C ARG D 329 -8.29 -14.92 2.42
N LEU D 330 -9.46 -14.59 2.96
CA LEU D 330 -10.42 -15.60 3.39
C LEU D 330 -10.88 -16.55 2.29
N GLN D 331 -11.15 -16.05 1.08
CA GLN D 331 -11.59 -16.90 -0.02
C GLN D 331 -10.55 -17.95 -0.37
N ARG D 332 -9.30 -17.49 -0.39
CA ARG D 332 -8.16 -18.34 -0.65
C ARG D 332 -8.14 -19.40 0.45
N LEU D 333 -8.24 -18.95 1.69
CA LEU D 333 -8.14 -19.76 2.87
C LEU D 333 -9.22 -20.80 2.87
N ALA D 334 -10.40 -20.43 2.39
CA ALA D 334 -11.57 -21.30 2.41
C ALA D 334 -11.44 -22.47 1.44
N GLY D 335 -10.83 -22.20 0.29
CA GLY D 335 -10.47 -23.26 -0.66
C GLY D 335 -10.56 -22.94 -2.14
N PHE D 336 -10.84 -21.70 -2.50
CA PHE D 336 -10.89 -21.33 -3.92
C PHE D 336 -9.54 -21.35 -4.60
N ASP D 337 -9.54 -21.90 -5.81
CA ASP D 337 -8.32 -22.01 -6.58
C ASP D 337 -8.14 -20.78 -7.47
N VAL D 338 -9.23 -20.07 -7.68
CA VAL D 338 -9.28 -18.91 -8.56
C VAL D 338 -10.25 -17.92 -7.93
N VAL D 339 -9.83 -16.67 -7.85
CA VAL D 339 -10.69 -15.63 -7.31
C VAL D 339 -10.91 -14.56 -8.39
N ILE D 340 -12.14 -14.40 -8.83
CA ILE D 340 -12.46 -13.34 -9.77
C ILE D 340 -12.75 -12.10 -8.95
N MET D 341 -11.95 -11.06 -9.13
CA MET D 341 -12.15 -9.80 -8.45
C MET D 341 -12.51 -8.73 -9.46
N PRO D 342 -12.91 -7.53 -8.98
CA PRO D 342 -13.08 -6.38 -9.86
C PRO D 342 -11.70 -5.90 -10.31
N GLY D 343 -11.60 -5.57 -11.60
CA GLY D 343 -10.31 -5.30 -12.23
C GLY D 343 -10.01 -3.84 -12.47
N PHE D 344 -9.24 -3.54 -13.52
CA PHE D 344 -8.91 -2.15 -13.87
C PHE D 344 -9.91 -1.65 -14.91
N GLY D 345 -9.64 -0.48 -15.47
CA GLY D 345 -10.63 0.17 -16.30
C GLY D 345 -11.41 1.03 -15.33
N PRO D 346 -11.89 2.18 -15.81
CA PRO D 346 -12.52 3.15 -14.90
C PRO D 346 -13.97 2.72 -14.65
N ARG D 347 -14.52 2.01 -15.64
CA ARG D 347 -15.81 1.36 -15.58
C ARG D 347 -16.00 0.44 -14.34
N MET D 348 -14.90 0.18 -13.64
CA MET D 348 -14.88 -0.72 -12.48
C MET D 348 -14.82 -0.03 -11.12
N MET D 349 -14.71 1.30 -11.10
CA MET D 349 -14.85 2.12 -9.90
C MET D 349 -14.12 1.63 -8.64
N THR D 350 -12.92 1.05 -8.78
CA THR D 350 -12.10 0.57 -7.66
C THR D 350 -10.67 1.13 -7.79
N PRO D 351 -10.14 1.76 -6.72
CA PRO D 351 -8.79 2.32 -6.75
C PRO D 351 -7.76 1.33 -7.29
N GLU D 352 -6.90 1.81 -8.16
CA GLU D 352 -5.83 1.00 -8.73
C GLU D 352 -5.15 0.07 -7.72
N HIS D 353 -4.56 0.68 -6.69
CA HIS D 353 -3.72 -0.04 -5.74
C HIS D 353 -4.52 -1.03 -4.92
N GLU D 354 -5.82 -0.74 -4.73
CA GLU D 354 -6.71 -1.65 -4.04
C GLU D 354 -6.78 -2.97 -4.81
N VAL D 355 -6.93 -2.88 -6.13
CA VAL D 355 -6.99 -4.08 -6.98
C VAL D 355 -5.71 -4.88 -6.83
N LEU D 356 -4.58 -4.19 -6.89
CA LEU D 356 -3.27 -4.78 -6.71
C LEU D 356 -3.06 -5.46 -5.35
N ASP D 357 -3.66 -4.91 -4.29
CA ASP D 357 -3.59 -5.49 -2.95
C ASP D 357 -4.20 -6.88 -2.94
N CYS D 358 -5.18 -7.06 -3.81
CA CYS D 358 -5.88 -8.33 -3.94
C CYS D 358 -5.13 -9.33 -4.78
N ILE D 359 -4.57 -8.83 -5.88
CA ILE D 359 -3.70 -9.61 -6.72
C ILE D 359 -2.55 -10.13 -5.86
N ARG D 360 -1.89 -9.23 -5.09
CA ARG D 360 -0.93 -9.61 -4.01
C ARG D 360 -1.47 -10.68 -3.04
N ALA D 361 -2.65 -10.44 -2.51
CA ALA D 361 -3.27 -11.32 -1.53
C ALA D 361 -3.36 -12.75 -2.05
N CYS D 362 -3.65 -12.89 -3.35
CA CYS D 362 -3.81 -14.18 -3.96
C CYS D 362 -2.49 -14.92 -4.09
N LEU D 363 -1.45 -14.20 -4.47
CA LEU D 363 -0.18 -14.79 -4.86
C LEU D 363 0.80 -14.87 -3.72
N GLU D 364 0.70 -13.94 -2.76
CA GLU D 364 1.57 -13.92 -1.58
C GLU D 364 1.79 -15.25 -0.91
N PRO D 365 3.02 -15.50 -0.43
CA PRO D 365 3.25 -16.70 0.33
C PRO D 365 2.38 -16.61 1.55
N MET D 366 1.75 -17.72 1.93
CA MET D 366 0.85 -17.70 3.07
C MET D 366 0.93 -19.03 3.82
N GLY D 367 2.10 -19.32 4.38
CA GLY D 367 2.30 -20.62 5.01
C GLY D 367 1.96 -21.77 4.08
N PRO D 368 1.29 -22.81 4.58
CA PRO D 368 1.04 -24.00 3.80
C PRO D 368 -0.06 -23.81 2.75
N ILE D 369 -0.67 -22.62 2.74
CA ILE D 369 -1.78 -22.33 1.85
C ILE D 369 -1.25 -21.99 0.47
N LYS D 370 -1.75 -22.70 -0.54
CA LYS D 370 -1.33 -22.49 -1.92
C LYS D 370 -1.75 -21.12 -2.41
N PRO D 371 -0.91 -20.51 -3.28
CA PRO D 371 -1.32 -19.30 -3.99
C PRO D 371 -2.40 -19.59 -5.02
N CYS D 372 -3.50 -18.85 -4.95
CA CYS D 372 -4.56 -19.00 -5.95
C CYS D 372 -4.49 -17.91 -7.03
N LEU D 373 -5.15 -18.18 -8.16
CA LEU D 373 -5.05 -17.36 -9.36
C LEU D 373 -6.01 -16.18 -9.34
N PRO D 374 -5.46 -14.96 -9.38
CA PRO D 374 -6.27 -13.75 -9.40
C PRO D 374 -6.82 -13.46 -10.80
N VAL D 375 -8.06 -13.00 -10.89
CA VAL D 375 -8.67 -12.78 -12.19
C VAL D 375 -9.41 -11.45 -12.19
N PRO D 376 -8.69 -10.36 -12.51
CA PRO D 376 -9.24 -8.99 -12.61
C PRO D 376 -10.34 -8.83 -13.67
N GLY D 377 -11.56 -8.50 -13.23
CA GLY D 377 -12.69 -8.22 -14.13
C GLY D 377 -12.46 -6.96 -14.93
N GLY D 378 -13.51 -6.16 -15.15
CA GLY D 378 -13.43 -5.00 -16.08
C GLY D 378 -13.86 -5.43 -17.48
N SER D 379 -14.34 -4.49 -18.29
CA SER D 379 -14.68 -4.82 -19.69
C SER D 379 -13.42 -4.91 -20.58
N ASP D 380 -12.86 -6.11 -20.61
CA ASP D 380 -11.58 -6.38 -21.23
C ASP D 380 -11.70 -6.95 -22.62
N SER D 381 -10.74 -6.58 -23.46
CA SER D 381 -10.69 -7.02 -24.83
C SER D 381 -9.25 -7.19 -25.19
N ALA D 382 -8.99 -7.46 -26.45
CA ALA D 382 -7.64 -7.61 -26.96
C ALA D 382 -6.86 -6.32 -26.70
N ALA D 383 -7.57 -5.20 -26.69
CA ALA D 383 -6.99 -3.88 -26.41
C ALA D 383 -6.47 -3.67 -24.97
N THR D 384 -7.15 -4.22 -23.96
CA THR D 384 -6.76 -3.93 -22.60
C THR D 384 -5.75 -4.91 -22.02
N LEU D 385 -5.47 -5.98 -22.76
CA LEU D 385 -4.62 -7.06 -22.28
C LEU D 385 -3.21 -6.58 -21.96
N GLU D 386 -2.61 -5.86 -22.90
CA GLU D 386 -1.31 -5.25 -22.70
C GLU D 386 -1.24 -4.52 -21.37
N ASN D 387 -2.24 -3.68 -21.12
CA ASN D 387 -2.32 -2.95 -19.87
C ASN D 387 -2.34 -3.81 -18.61
N VAL D 388 -3.23 -4.80 -18.58
CA VAL D 388 -3.41 -5.64 -17.39
C VAL D 388 -2.12 -6.35 -17.04
N TYR D 389 -1.41 -6.80 -18.06
CA TYR D 389 -0.16 -7.50 -17.87
C TYR D 389 0.91 -6.59 -17.30
N ARG D 390 1.00 -5.37 -17.83
CA ARG D 390 1.90 -4.36 -17.30
C ARG D 390 1.57 -4.11 -15.85
N LYS D 391 0.28 -3.95 -15.56
CA LYS D 391 -0.16 -3.64 -14.20
C LYS D 391 -0.03 -4.80 -13.19
N VAL D 392 -0.24 -6.02 -13.64
CA VAL D 392 -0.12 -7.16 -12.75
C VAL D 392 1.35 -7.43 -12.50
N GLY D 393 2.18 -7.14 -13.46
CA GLY D 393 3.62 -7.32 -13.27
C GLY D 393 4.19 -8.64 -13.75
N SER D 394 3.30 -9.61 -13.99
CA SER D 394 3.71 -10.93 -14.44
C SER D 394 2.56 -11.66 -15.10
N ALA D 395 2.82 -12.89 -15.54
CA ALA D 395 1.85 -13.65 -16.34
C ALA D 395 0.90 -14.47 -15.48
N ASP D 396 0.98 -14.31 -14.17
CA ASP D 396 0.15 -15.12 -13.28
C ASP D 396 -1.19 -14.49 -12.99
N PHE D 397 -2.08 -14.50 -13.96
CA PHE D 397 -3.43 -13.96 -13.78
C PHE D 397 -4.44 -14.55 -14.74
N GLY D 398 -5.72 -14.41 -14.45
CA GLY D 398 -6.74 -14.76 -15.42
C GLY D 398 -7.15 -13.53 -16.18
N PHE D 399 -7.89 -13.71 -17.26
CA PHE D 399 -8.33 -12.58 -18.06
C PHE D 399 -9.71 -12.93 -18.52
N VAL D 400 -10.70 -12.07 -18.20
CA VAL D 400 -12.12 -12.41 -18.42
C VAL D 400 -12.91 -11.44 -19.32
N PRO D 401 -12.72 -11.54 -20.63
CA PRO D 401 -13.58 -10.76 -21.49
C PRO D 401 -15.00 -11.32 -21.56
N GLY D 402 -15.94 -10.43 -21.87
CA GLY D 402 -17.34 -10.79 -22.16
C GLY D 402 -17.63 -10.47 -23.62
N ARG D 403 -18.11 -9.26 -23.88
CA ARG D 403 -17.96 -8.68 -25.19
C ARG D 403 -16.46 -8.54 -25.31
N GLY D 404 -15.95 -8.54 -26.52
CA GLY D 404 -14.51 -8.51 -26.65
C GLY D 404 -14.04 -9.88 -27.04
N VAL D 405 -14.82 -10.88 -26.64
CA VAL D 405 -14.75 -12.18 -27.26
C VAL D 405 -16.06 -12.38 -28.00
N PHE D 406 -17.18 -12.44 -27.28
CA PHE D 406 -18.47 -12.71 -27.91
C PHE D 406 -19.06 -11.46 -28.58
N GLY D 407 -18.48 -10.31 -28.26
CA GLY D 407 -18.86 -9.06 -28.89
C GLY D 407 -18.10 -8.72 -30.15
N HIS D 408 -17.03 -9.46 -30.43
CA HIS D 408 -16.13 -9.17 -31.57
C HIS D 408 -16.84 -9.19 -32.93
N PRO D 409 -16.54 -8.21 -33.82
CA PRO D 409 -17.17 -8.04 -35.14
C PRO D 409 -17.12 -9.28 -36.02
N MET D 410 -15.98 -9.96 -35.99
CA MET D 410 -15.77 -11.15 -36.79
C MET D 410 -16.38 -12.42 -36.18
N GLY D 411 -16.96 -12.31 -34.99
CA GLY D 411 -17.58 -13.46 -34.33
C GLY D 411 -16.71 -14.01 -33.21
N PRO D 412 -17.25 -14.94 -32.40
CA PRO D 412 -16.61 -15.29 -31.13
C PRO D 412 -15.27 -15.95 -31.39
N ALA D 413 -15.23 -16.84 -32.36
CA ALA D 413 -14.02 -17.58 -32.65
C ALA D 413 -12.88 -16.59 -32.85
N ALA D 414 -13.12 -15.56 -33.65
CA ALA D 414 -12.09 -14.55 -33.94
C ALA D 414 -11.80 -13.67 -32.73
N GLY D 415 -12.80 -13.49 -31.87
CA GLY D 415 -12.61 -12.71 -30.67
C GLY D 415 -11.58 -13.34 -29.76
N ALA D 416 -11.73 -14.65 -29.58
CA ALA D 416 -10.76 -15.44 -28.82
C ALA D 416 -9.40 -15.30 -29.45
N THR D 417 -9.32 -15.56 -30.75
CA THR D 417 -8.07 -15.38 -31.50
C THR D 417 -7.40 -14.02 -31.27
N SER D 418 -8.20 -12.93 -31.34
CA SER D 418 -7.67 -11.60 -31.18
C SER D 418 -6.88 -11.49 -29.87
N ILE D 419 -7.39 -12.12 -28.81
CA ILE D 419 -6.73 -12.14 -27.50
C ILE D 419 -5.43 -12.91 -27.58
N ARG D 420 -5.50 -14.11 -28.15
CA ARG D 420 -4.32 -14.98 -28.31
C ARG D 420 -3.16 -14.26 -28.98
N GLN D 421 -3.46 -13.55 -30.08
CA GLN D 421 -2.50 -12.71 -30.81
C GLN D 421 -2.02 -11.49 -29.99
N ALA D 422 -2.95 -10.76 -29.38
CA ALA D 422 -2.58 -9.69 -28.47
C ALA D 422 -1.51 -10.22 -27.55
N TRP D 423 -1.75 -11.40 -27.01
CA TRP D 423 -0.76 -12.01 -26.13
C TRP D 423 0.55 -12.31 -26.85
N ASP D 424 0.46 -12.94 -28.01
CA ASP D 424 1.65 -13.31 -28.76
C ASP D 424 2.58 -12.12 -28.91
N ALA D 425 1.99 -10.94 -29.14
CA ALA D 425 2.77 -9.73 -29.29
C ALA D 425 3.55 -9.50 -28.02
N ILE D 426 2.83 -9.36 -26.91
CA ILE D 426 3.39 -9.05 -25.61
C ILE D 426 4.51 -10.01 -25.23
N ALA D 427 4.27 -11.30 -25.46
CA ALA D 427 5.22 -12.34 -25.12
C ALA D 427 6.49 -12.26 -25.97
N ALA D 428 6.37 -11.67 -27.16
CA ALA D 428 7.54 -11.40 -28.01
C ALA D 428 8.06 -9.98 -27.81
N GLY D 429 7.45 -9.22 -26.91
CA GLY D 429 7.84 -7.83 -26.64
C GLY D 429 7.59 -6.86 -27.78
N ILE D 430 6.77 -7.28 -28.75
CA ILE D 430 6.34 -6.42 -29.86
C ILE D 430 5.15 -5.58 -29.40
N PRO D 431 5.23 -4.24 -29.55
CA PRO D 431 4.09 -3.46 -29.08
C PRO D 431 2.83 -3.90 -29.85
N VAL D 432 1.66 -3.81 -29.23
CA VAL D 432 0.46 -4.42 -29.82
C VAL D 432 0.03 -3.83 -31.19
N PRO D 433 -0.38 -2.53 -31.25
CA PRO D 433 -0.83 -1.99 -32.54
C PRO D 433 0.07 -2.32 -33.72
N ASP D 434 1.33 -2.62 -33.45
CA ASP D 434 2.29 -2.99 -34.50
C ASP D 434 1.98 -4.37 -35.05
N HIS D 435 1.89 -5.35 -34.15
CA HIS D 435 1.55 -6.72 -34.50
C HIS D 435 0.20 -6.75 -35.21
N ALA D 436 -0.72 -5.93 -34.72
CA ALA D 436 -2.07 -5.80 -35.25
C ALA D 436 -2.08 -5.45 -36.72
N ALA D 437 -1.05 -4.74 -37.17
CA ALA D 437 -0.95 -4.34 -38.58
C ALA D 437 -0.91 -5.54 -39.54
N SER D 438 -0.62 -6.74 -39.04
CA SER D 438 -0.59 -7.93 -39.90
C SER D 438 -1.53 -9.09 -39.50
N HIS D 439 -2.39 -8.88 -38.50
CA HIS D 439 -3.37 -9.89 -38.07
C HIS D 439 -4.78 -9.31 -38.00
N PRO D 440 -5.65 -9.70 -38.94
CA PRO D 440 -6.95 -9.06 -39.14
C PRO D 440 -7.83 -9.02 -37.88
N GLU D 441 -7.80 -10.09 -37.07
CA GLU D 441 -8.64 -10.24 -35.88
C GLU D 441 -8.25 -9.28 -34.77
N LEU D 442 -6.95 -9.17 -34.56
CA LEU D 442 -6.39 -8.25 -33.60
C LEU D 442 -6.66 -6.80 -34.01
N ALA D 443 -6.53 -6.51 -35.30
CA ALA D 443 -6.79 -5.18 -35.83
C ALA D 443 -8.24 -4.77 -35.62
N ALA D 444 -9.16 -5.68 -35.96
CA ALA D 444 -10.59 -5.44 -35.86
C ALA D 444 -10.97 -5.11 -34.42
N ALA D 445 -10.33 -5.81 -33.49
CA ALA D 445 -10.60 -5.69 -32.08
C ALA D 445 -10.06 -4.39 -31.52
N LEU D 446 -8.91 -3.95 -32.06
CA LEU D 446 -8.38 -2.64 -31.72
C LEU D 446 -9.31 -1.55 -32.19
N ARG D 447 -9.75 -1.63 -33.45
CA ARG D 447 -10.78 -0.73 -33.97
C ARG D 447 -12.04 -0.74 -33.11
N ALA D 448 -12.61 -1.91 -32.90
CA ALA D 448 -13.88 -2.03 -32.21
C ALA D 448 -13.86 -1.59 -30.75
N PHE D 449 -12.74 -1.83 -30.06
CA PHE D 449 -12.63 -1.61 -28.61
C PHE D 449 -11.54 -0.62 -28.19
#